data_5XF1
#
_entry.id   5XF1
#
_cell.length_a   71.460
_cell.length_b   248.790
_cell.length_c   93.330
_cell.angle_alpha   90.00
_cell.angle_beta   90.16
_cell.angle_gamma   90.00
#
_symmetry.space_group_name_H-M   'P 1 21 1'
#
loop_
_entity.id
_entity.type
_entity.pdbx_description
1 polymer 'Glucagon receptor,Endolysin,Glucagon receptor'
2 polymer 'Antibody mAb1 Heavy chain'
3 polymer 'Antibody mAb1 Light chain'
4 branched 2-acetamido-2-deoxy-beta-D-glucopyranose-(1-4)-2-acetamido-2-deoxy-beta-D-glucopyranose
5 branched 2-acetamido-2-deoxy-beta-D-glucopyranose-(1-4)-2-acetamido-2-deoxy-beta-D-glucopyranose-(1-4)-2-acetamido-2-deoxy-beta-D-glucopyranose
6 non-polymer 4-{[(4-cyclohexylphenyl){[3-(methylsulfonyl)phenyl]carbamoyl}amino]methyl}-N-(1H-tetrazol-5-yl)benzamide
7 non-polymer 2-acetamido-2-deoxy-beta-D-glucopyranose
8 water water
#
loop_
_entity_poly.entity_id
_entity_poly.type
_entity_poly.pdbx_seq_one_letter_code
_entity_poly.pdbx_strand_id
1 'polypeptide(L)'
;GAPQVMDFLFEKWKLYGDQCHHNLSLLPPPTELVCNRTFDKYSCWPDTPANTTANISCPWYLPWHHKVQHRFVFKRCGPD
GQWVRGPRGQPWRDASQCQMDGEEIEVQKEVAKMYSSFQVMYTVGYSLSLGALLLALAILGGLSKLHCTRNAIHANLFAS
FVLKASSVLVIDGLLRTRYSQKIGDDLSVSTWLSDGAVAGCRVAAVFMQYGIVANYCWLLVEGLYLHNLLGLANIFEMLR
IDEGLRLKIYKDTEGYYTIGIGHLLTKSPSLNAAKSELDKAIGRNTNGVITKDEAEKLFNQDVDAAVRGILRNAKLKPVY
DSLDAVRRAALINMVFQMGETGVAGFTNSLRMLQQKRWDEAAVNLAKSRWYNQTPNRAKRVITTFRTGTWDAYERSFFSL
YLGIGWGAPMLFVVPWAVVKCLFENVQCWTSNDNMGFWWILRFPVFLAILINFFIFVRIVQLLVAKLRARQMHHTDYKFR
LAKSTLTLIPLLGVHEVVFAFVTDEHAQGTLRSAKLFFDLFLSSFQGLLVAVLYCFLNKEVQSELRRRWHRWRLGKVLWE
ERNTSNEFLEVLFQ
;
A,B
2 'polypeptide(L)'
;QVQLVESGGGVVQPGRSLRLSCAASGFTFSSYGMHWVRQAPGKGLEWVAVMYYDGSNKDYVDSVKGRFTISRDNSKNTLY
LQMNRLRAEDTAVYYCAREKDHYDILTGYNYYYGLDVWGQGTTVTVSSASTKGPSVFPLAPSSKSTSGGTAALGCLVKDY
FPEPVTVSWNSGALTSGVHTFPAVLQSSGLYSLSSVVTVPSSSLGTQTYICNVNHKPSNTKVDKKVEPKSC
;
C,H
3 'polypeptide(L)'
;DIQMTQSPSSLSASVGDRVTITCRASQGIRNDLGWYQQKPGKAPKRLIYAASSLESGVPSRFSGSGSGTEFTLTISSVQP
EDFVTYYCLQHNSNPLTFGGGTKVEIKRTVAAPSVFIFPPSDEQLKSGTASVVCLLNNFYPREAKVQWKVDNALQSGNSQ
ESVTEQDSKDSTYSLSSTLTLSKADYEKHKVYACEVTHQGLSSPVTKSFNRGEC
;
D,L
#
loop_
_chem_comp.id
_chem_comp.type
_chem_comp.name
_chem_comp.formula
97V non-polymer 4-{[(4-cyclohexylphenyl){[3-(methylsulfonyl)phenyl]carbamoyl}amino]methyl}-N-(1H-tetrazol-5-yl)benzamide 'C29 H31 N7 O4 S'
NAG D-saccharide, beta linking 2-acetamido-2-deoxy-beta-D-glucopyranose 'C8 H15 N O6'
#
# COMPACT_ATOMS: atom_id res chain seq x y z
N GLN A 4 22.93 13.66 -46.58
CA GLN A 4 23.47 13.95 -47.96
C GLN A 4 23.04 15.31 -48.47
N VAL A 5 21.72 15.49 -48.54
CA VAL A 5 21.08 16.73 -48.98
C VAL A 5 21.19 17.73 -47.82
N MET A 6 20.96 17.23 -46.60
CA MET A 6 21.10 18.02 -45.36
C MET A 6 22.55 18.43 -45.04
N ASP A 7 23.52 17.68 -45.54
CA ASP A 7 24.93 18.01 -45.34
C ASP A 7 25.32 19.31 -46.04
N PHE A 8 24.78 19.53 -47.24
CA PHE A 8 24.99 20.79 -47.96
C PHE A 8 24.33 21.97 -47.28
N LEU A 9 23.11 21.75 -46.78
CA LEU A 9 22.37 22.79 -46.03
C LEU A 9 23.08 23.17 -44.74
N PHE A 10 23.59 22.16 -44.03
CA PHE A 10 24.37 22.38 -42.80
C PHE A 10 25.64 23.20 -43.06
N GLU A 11 26.23 22.99 -44.25
CA GLU A 11 27.42 23.75 -44.66
C GLU A 11 27.09 25.21 -44.99
N LYS A 12 25.94 25.41 -45.65
CA LYS A 12 25.43 26.76 -45.94
C LYS A 12 25.05 27.51 -44.67
N TRP A 13 24.44 26.79 -43.72
CA TRP A 13 24.02 27.36 -42.43
C TRP A 13 25.23 27.79 -41.58
N LYS A 14 26.27 26.94 -41.57
CA LYS A 14 27.53 27.23 -40.88
C LYS A 14 28.21 28.47 -41.51
N LEU A 15 28.14 28.56 -42.84
CA LEU A 15 28.66 29.73 -43.59
C LEU A 15 27.88 31.00 -43.22
N TYR A 16 26.56 30.89 -43.09
CA TYR A 16 25.71 32.03 -42.69
C TYR A 16 26.01 32.48 -41.25
N GLY A 17 26.22 31.50 -40.36
CA GLY A 17 26.58 31.76 -38.97
C GLY A 17 27.92 32.47 -38.85
N ASP A 18 28.94 31.97 -39.56
CA ASP A 18 30.26 32.61 -39.61
C ASP A 18 30.14 34.03 -40.18
N GLN A 19 29.38 34.18 -41.26
CA GLN A 19 29.16 35.46 -41.95
C GLN A 19 28.42 36.48 -41.07
N CYS A 20 27.50 36.00 -40.25
CA CYS A 20 26.75 36.85 -39.33
C CYS A 20 27.59 37.35 -38.15
N HIS A 21 28.39 36.47 -37.57
CA HIS A 21 29.22 36.82 -36.43
C HIS A 21 30.30 37.89 -36.73
N HIS A 22 30.68 38.00 -38.00
CA HIS A 22 31.59 39.03 -38.47
C HIS A 22 30.88 40.37 -38.74
N ASN A 23 29.68 40.31 -39.31
CA ASN A 23 28.86 41.52 -39.56
C ASN A 23 28.41 42.24 -38.27
N LEU A 24 28.17 41.48 -37.20
CA LEU A 24 27.83 42.04 -35.89
C LEU A 24 29.05 42.50 -35.10
N SER A 25 30.24 41.98 -35.47
CA SER A 25 31.49 42.39 -34.82
C SER A 25 31.90 43.81 -35.17
N LEU A 26 31.82 44.16 -36.46
CA LEU A 26 32.23 45.50 -36.95
C LEU A 26 31.39 46.69 -36.46
N LEU A 27 30.14 46.44 -36.03
CA LEU A 27 29.25 47.51 -35.53
C LEU A 27 29.71 48.03 -34.15
N PRO A 28 29.38 49.30 -33.82
CA PRO A 28 29.86 49.90 -32.56
C PRO A 28 29.11 49.39 -31.32
N PRO A 29 29.76 49.41 -30.12
CA PRO A 29 29.10 48.98 -28.88
C PRO A 29 27.92 49.88 -28.48
N PRO A 30 26.91 49.32 -27.79
CA PRO A 30 25.72 50.12 -27.50
C PRO A 30 25.92 51.06 -26.32
N THR A 31 25.29 52.23 -26.39
CA THR A 31 25.33 53.23 -25.31
C THR A 31 24.04 53.27 -24.47
N GLU A 32 23.04 52.46 -24.86
CA GLU A 32 21.78 52.34 -24.12
C GLU A 32 21.57 50.87 -23.75
N LEU A 33 20.66 50.65 -22.82
CA LEU A 33 20.25 49.28 -22.43
C LEU A 33 19.28 48.73 -23.48
N VAL A 34 19.85 48.10 -24.51
CA VAL A 34 19.10 47.55 -25.65
C VAL A 34 19.32 46.04 -25.78
N CYS A 35 18.45 45.38 -26.53
CA CYS A 35 18.53 43.93 -26.73
C CYS A 35 19.81 43.58 -27.49
N ASN A 36 20.78 43.02 -26.77
CA ASN A 36 22.09 42.62 -27.32
C ASN A 36 21.97 41.89 -28.66
N ARG A 37 22.71 42.35 -29.66
CA ARG A 37 22.76 41.71 -30.97
C ARG A 37 23.19 40.25 -30.86
N THR A 38 22.51 39.37 -31.59
CA THR A 38 22.79 37.92 -31.51
C THR A 38 22.37 37.14 -32.74
N PHE A 39 23.03 35.98 -32.90
CA PHE A 39 22.65 34.99 -33.90
C PHE A 39 21.87 33.90 -33.18
N ASP A 40 20.57 33.88 -33.39
CA ASP A 40 19.63 32.95 -32.69
C ASP A 40 19.46 31.61 -33.43
N LYS A 41 20.55 31.07 -33.97
CA LYS A 41 20.56 29.87 -34.82
C LYS A 41 19.69 29.91 -36.11
N TYR A 42 19.10 31.07 -36.43
CA TYR A 42 18.22 31.21 -37.60
C TYR A 42 18.48 32.47 -38.42
N SER A 43 18.65 33.62 -37.77
CA SER A 43 18.94 34.87 -38.49
C SER A 43 19.87 35.81 -37.74
N CYS A 44 20.39 36.79 -38.49
CA CYS A 44 21.32 37.79 -37.96
C CYS A 44 20.57 39.01 -37.44
N TRP A 45 20.60 39.24 -36.12
CA TRP A 45 19.81 40.29 -35.47
C TRP A 45 20.67 41.40 -34.86
N PRO A 46 20.40 42.69 -35.23
CA PRO A 46 21.16 43.78 -34.65
C PRO A 46 20.53 44.28 -33.34
N ASP A 47 21.21 45.21 -32.67
CA ASP A 47 20.75 45.78 -31.40
C ASP A 47 19.41 46.49 -31.56
N THR A 48 18.43 46.12 -30.74
CA THR A 48 17.07 46.60 -30.85
C THR A 48 16.62 47.21 -29.52
N PRO A 49 15.93 48.38 -29.57
CA PRO A 49 15.49 48.99 -28.31
C PRO A 49 14.35 48.22 -27.66
N ALA A 50 14.29 48.33 -26.32
CA ALA A 50 13.26 47.63 -25.52
C ALA A 50 11.82 48.04 -25.90
N ASN A 51 10.87 47.14 -25.65
CA ASN A 51 9.46 47.31 -25.99
C ASN A 51 9.19 47.55 -27.50
N THR A 52 10.05 47.01 -28.36
CA THR A 52 9.95 47.20 -29.82
C THR A 52 10.29 45.90 -30.56
N THR A 53 9.52 45.60 -31.61
CA THR A 53 9.73 44.39 -32.41
C THR A 53 10.68 44.67 -33.56
N ALA A 54 11.62 43.76 -33.79
CA ALA A 54 12.62 43.90 -34.85
C ALA A 54 12.24 43.05 -36.07
N ASN A 55 12.89 43.32 -37.21
CA ASN A 55 12.71 42.48 -38.40
C ASN A 55 13.93 42.48 -39.32
N ILE A 56 14.12 41.36 -40.02
CA ILE A 56 15.18 41.18 -41.02
C ILE A 56 14.67 40.19 -42.09
N SER A 57 15.18 40.33 -43.31
CA SER A 57 14.79 39.50 -44.46
C SER A 57 15.12 38.02 -44.23
N CYS A 58 14.29 37.13 -44.79
CA CYS A 58 14.44 35.68 -44.59
C CYS A 58 15.81 35.21 -45.02
N PRO A 59 16.46 34.36 -44.19
CA PRO A 59 17.87 34.02 -44.42
C PRO A 59 18.13 33.32 -45.74
N TRP A 60 19.26 33.61 -46.35
CA TRP A 60 19.57 33.05 -47.68
C TRP A 60 19.97 31.56 -47.73
N TYR A 61 20.32 30.97 -46.59
CA TYR A 61 20.70 29.54 -46.55
C TYR A 61 19.55 28.58 -46.83
N LEU A 62 18.32 29.03 -46.60
CA LEU A 62 17.13 28.22 -46.87
C LEU A 62 17.05 27.76 -48.34
N PRO A 63 16.59 26.51 -48.58
CA PRO A 63 16.46 26.05 -49.97
C PRO A 63 15.48 26.87 -50.83
N TRP A 64 14.40 27.34 -50.18
CA TRP A 64 13.32 28.09 -50.84
C TRP A 64 13.56 29.59 -50.73
N HIS A 65 14.78 30.02 -51.06
CA HIS A 65 15.21 31.40 -50.84
C HIS A 65 14.42 32.40 -51.71
N HIS A 66 14.49 32.22 -53.03
CA HIS A 66 13.82 33.12 -53.99
C HIS A 66 12.30 33.17 -53.85
N LYS A 67 11.71 32.13 -53.26
CA LYS A 67 10.25 32.08 -53.05
C LYS A 67 9.77 32.94 -51.86
N VAL A 68 10.65 33.15 -50.85
CA VAL A 68 10.33 34.01 -49.68
C VAL A 68 11.38 35.08 -49.38
N GLN A 69 12.16 35.47 -50.40
CA GLN A 69 13.19 36.53 -50.22
C GLN A 69 12.61 37.92 -49.91
N HIS A 70 11.43 38.22 -50.46
CA HIS A 70 10.69 39.45 -50.14
C HIS A 70 10.14 39.50 -48.71
N ARG A 71 9.87 38.32 -48.15
CA ARG A 71 9.27 38.20 -46.81
C ARG A 71 10.31 38.47 -45.71
N PHE A 72 9.84 38.75 -44.49
CA PHE A 72 10.70 39.07 -43.34
C PHE A 72 10.35 38.26 -42.08
N VAL A 73 11.37 37.82 -41.35
CA VAL A 73 11.23 37.14 -40.05
C VAL A 73 11.24 38.23 -38.96
N PHE A 74 10.57 37.97 -37.84
CA PHE A 74 10.47 38.94 -36.74
C PHE A 74 10.95 38.37 -35.40
N LYS A 75 11.44 39.26 -34.52
CA LYS A 75 11.85 38.89 -33.17
C LYS A 75 11.52 40.03 -32.20
N ARG A 76 10.73 39.72 -31.17
CA ARG A 76 10.26 40.73 -30.21
C ARG A 76 11.30 40.93 -29.09
N CYS A 77 11.58 42.19 -28.76
CA CYS A 77 12.44 42.56 -27.63
C CYS A 77 11.57 42.97 -26.43
N GLY A 78 11.90 42.48 -25.24
CA GLY A 78 11.10 42.70 -24.03
C GLY A 78 11.54 43.89 -23.20
N PRO A 79 10.80 44.20 -22.11
CA PRO A 79 11.15 45.33 -21.26
C PRO A 79 12.41 45.11 -20.42
N ASP A 80 12.71 43.85 -20.10
CA ASP A 80 13.89 43.48 -19.29
C ASP A 80 15.21 43.95 -19.92
N GLY A 81 15.21 44.16 -21.24
CA GLY A 81 16.41 44.41 -22.01
C GLY A 81 16.93 43.13 -22.64
N GLN A 82 16.20 42.03 -22.43
CA GLN A 82 16.56 40.71 -22.92
C GLN A 82 15.53 40.31 -23.96
N TRP A 83 15.96 39.57 -24.99
CA TRP A 83 15.04 39.09 -26.03
C TRP A 83 13.96 38.15 -25.46
N VAL A 84 12.78 38.14 -26.09
CA VAL A 84 11.67 37.27 -25.64
C VAL A 84 12.03 35.83 -25.99
N ARG A 85 12.02 34.97 -24.97
CA ARG A 85 12.50 33.58 -25.10
C ARG A 85 11.31 32.63 -25.20
N GLY A 86 11.61 31.40 -25.62
CA GLY A 86 10.63 30.32 -25.68
C GLY A 86 10.38 29.64 -24.32
N PRO A 87 9.67 28.50 -24.30
CA PRO A 87 9.31 27.83 -23.03
C PRO A 87 10.52 27.31 -22.23
N ARG A 88 11.55 26.82 -22.93
CA ARG A 88 12.77 26.31 -22.30
C ARG A 88 13.92 27.31 -22.29
N GLY A 89 13.60 28.58 -22.53
CA GLY A 89 14.63 29.64 -22.60
C GLY A 89 15.32 29.79 -23.94
N GLN A 90 14.88 29.00 -24.93
CA GLN A 90 15.45 29.05 -26.29
C GLN A 90 15.09 30.38 -26.97
N PRO A 91 15.75 30.70 -28.10
CA PRO A 91 15.37 31.95 -28.75
C PRO A 91 14.04 31.82 -29.44
N TRP A 92 13.20 32.85 -29.33
CA TRP A 92 11.83 32.85 -29.90
C TRP A 92 11.67 33.90 -31.01
N ARG A 93 11.38 33.42 -32.23
CA ARG A 93 11.19 34.30 -33.39
C ARG A 93 9.97 33.87 -34.22
N ASP A 94 9.35 34.86 -34.87
CA ASP A 94 8.16 34.67 -35.70
C ASP A 94 8.64 34.44 -37.14
N ALA A 95 8.81 33.16 -37.50
CA ALA A 95 9.27 32.76 -38.83
C ALA A 95 8.13 32.16 -39.65
N SER A 96 6.92 32.71 -39.48
CA SER A 96 5.74 32.27 -40.21
C SER A 96 5.83 32.63 -41.69
N GLN A 97 6.44 33.77 -41.99
CA GLN A 97 6.59 34.24 -43.36
C GLN A 97 7.62 33.44 -44.15
N CYS A 98 8.73 33.09 -43.51
CA CYS A 98 9.84 32.36 -44.18
C CYS A 98 9.65 30.84 -44.26
N GLN A 99 8.53 30.33 -43.76
CA GLN A 99 8.30 28.91 -43.66
C GLN A 99 8.15 28.28 -45.05
N MET A 100 8.41 26.98 -45.13
CA MET A 100 8.32 26.22 -46.38
C MET A 100 6.91 26.09 -46.93
N ASP A 101 6.80 25.70 -48.20
CA ASP A 101 5.49 25.47 -48.83
C ASP A 101 5.21 23.97 -48.87
N GLY A 102 5.00 23.41 -47.68
CA GLY A 102 4.85 21.98 -47.48
C GLY A 102 4.91 21.65 -46.00
N GLU A 103 4.99 20.36 -45.68
CA GLU A 103 5.03 19.91 -44.28
C GLU A 103 6.03 18.80 -44.09
N GLU A 104 6.75 18.85 -42.97
CA GLU A 104 7.72 17.82 -42.62
C GLU A 104 6.97 16.63 -42.04
N ILE A 105 6.71 15.65 -42.91
CA ILE A 105 5.97 14.44 -42.52
C ILE A 105 6.90 13.50 -41.72
N GLU A 106 6.50 13.18 -40.49
CA GLU A 106 7.27 12.27 -39.62
C GLU A 106 6.97 10.81 -39.95
N VAL A 107 7.96 9.96 -39.77
CA VAL A 107 7.83 8.51 -39.95
C VAL A 107 8.67 7.82 -38.87
N GLN A 108 8.04 6.95 -38.07
CA GLN A 108 8.69 6.29 -36.91
C GLN A 108 9.95 5.46 -37.26
N LYS A 109 10.84 5.31 -36.28
CA LYS A 109 12.16 4.66 -36.43
C LYS A 109 12.14 3.37 -37.29
N GLU A 110 11.24 2.45 -36.94
CA GLU A 110 11.14 1.17 -37.61
C GLU A 110 10.35 1.27 -38.93
N VAL A 111 9.37 2.17 -38.97
CA VAL A 111 8.51 2.34 -40.16
C VAL A 111 9.31 2.98 -41.29
N ALA A 112 10.15 3.96 -40.96
CA ALA A 112 11.07 4.59 -41.93
C ALA A 112 12.16 3.65 -42.41
N LYS A 113 12.64 2.79 -41.51
CA LYS A 113 13.61 1.76 -41.87
C LYS A 113 12.95 0.66 -42.73
N MET A 114 11.66 0.44 -42.55
CA MET A 114 10.89 -0.52 -43.38
C MET A 114 10.68 -0.02 -44.83
N TYR A 115 10.28 1.25 -44.96
CA TYR A 115 10.04 1.86 -46.29
C TYR A 115 11.34 1.92 -47.11
N SER A 116 12.44 2.33 -46.47
CA SER A 116 13.76 2.39 -47.10
C SER A 116 14.32 1.02 -47.48
N SER A 117 14.03 0.00 -46.67
CA SER A 117 14.44 -1.39 -46.96
C SER A 117 13.74 -1.92 -48.22
N PHE A 118 12.41 -1.72 -48.27
CA PHE A 118 11.61 -2.08 -49.45
C PHE A 118 11.85 -1.18 -50.69
N GLN A 119 12.41 0.01 -50.47
CA GLN A 119 12.79 0.93 -51.57
C GLN A 119 13.94 0.39 -52.41
N VAL A 120 14.92 -0.23 -51.75
CA VAL A 120 16.10 -0.78 -52.44
C VAL A 120 15.69 -2.01 -53.27
N MET A 121 14.74 -2.79 -52.76
CA MET A 121 14.17 -3.95 -53.50
C MET A 121 13.53 -3.58 -54.83
N TYR A 122 12.79 -2.47 -54.86
CA TYR A 122 12.24 -2.04 -56.15
C TYR A 122 13.18 -1.17 -57.00
N THR A 123 14.21 -0.56 -56.38
CA THR A 123 15.26 0.16 -57.13
C THR A 123 16.17 -0.84 -57.85
N VAL A 124 16.60 -1.88 -57.15
CA VAL A 124 17.41 -2.95 -57.74
C VAL A 124 16.57 -3.78 -58.73
N GLY A 125 15.29 -4.00 -58.41
CA GLY A 125 14.38 -4.71 -59.29
C GLY A 125 14.22 -4.08 -60.67
N TYR A 126 13.96 -2.77 -60.70
CA TYR A 126 13.86 -2.01 -61.95
C TYR A 126 15.22 -1.83 -62.65
N SER A 127 16.29 -1.71 -61.88
CA SER A 127 17.66 -1.61 -62.44
C SER A 127 18.10 -2.90 -63.15
N LEU A 128 17.74 -4.04 -62.56
CA LEU A 128 18.03 -5.36 -63.14
C LEU A 128 17.21 -5.58 -64.42
N SER A 129 15.96 -5.11 -64.41
CA SER A 129 15.06 -5.18 -65.58
C SER A 129 15.53 -4.27 -66.71
N LEU A 130 15.88 -3.03 -66.36
CA LEU A 130 16.42 -2.06 -67.33
C LEU A 130 17.70 -2.58 -67.99
N GLY A 131 18.60 -3.15 -67.17
CA GLY A 131 19.83 -3.78 -67.65
C GLY A 131 19.58 -4.93 -68.62
N ALA A 132 18.55 -5.74 -68.35
CA ALA A 132 18.13 -6.82 -69.23
C ALA A 132 17.45 -6.32 -70.51
N LEU A 133 16.61 -5.29 -70.34
CA LEU A 133 15.89 -4.64 -71.45
C LEU A 133 16.82 -4.00 -72.49
N LEU A 134 17.80 -3.22 -72.01
CA LEU A 134 18.82 -2.59 -72.87
C LEU A 134 19.79 -3.60 -73.50
N LEU A 135 20.04 -4.75 -72.83
CA LEU A 135 20.86 -5.87 -73.34
C LEU A 135 20.16 -6.57 -74.52
N ALA A 136 18.88 -6.89 -74.35
CA ALA A 136 18.05 -7.48 -75.40
C ALA A 136 17.80 -6.54 -76.58
N LEU A 137 17.67 -5.24 -76.31
CA LEU A 137 17.47 -4.23 -77.35
C LEU A 137 18.74 -4.05 -78.19
N ALA A 138 19.91 -4.16 -77.54
CA ALA A 138 21.19 -4.12 -78.25
C ALA A 138 21.40 -5.34 -79.15
N ILE A 139 21.00 -6.51 -78.68
CA ILE A 139 21.10 -7.76 -79.45
C ILE A 139 20.25 -7.72 -80.73
N LEU A 140 18.98 -7.30 -80.62
CA LEU A 140 18.09 -7.23 -81.80
C LEU A 140 18.41 -6.04 -82.71
N GLY A 141 18.54 -4.85 -82.13
CA GLY A 141 18.70 -3.64 -82.94
C GLY A 141 20.08 -3.37 -83.53
N GLY A 142 21.06 -4.25 -83.32
CA GLY A 142 22.38 -4.11 -83.95
C GLY A 142 23.01 -5.45 -84.29
N LEU A 143 22.25 -6.31 -84.98
CA LEU A 143 22.72 -7.67 -85.35
C LEU A 143 21.92 -8.22 -86.57
N SER A 144 21.89 -9.54 -86.76
CA SER A 144 21.32 -10.16 -87.98
C SER A 144 19.80 -10.04 -88.18
N LYS A 145 19.07 -9.73 -87.10
CA LYS A 145 17.63 -9.46 -87.16
C LYS A 145 17.40 -7.94 -87.21
N LEU A 146 18.00 -7.32 -88.22
CA LEU A 146 18.03 -5.86 -88.34
C LEU A 146 16.71 -5.35 -88.91
N HIS A 147 16.32 -5.88 -90.08
CA HIS A 147 15.09 -5.51 -90.79
C HIS A 147 14.07 -6.66 -90.66
N CYS A 148 13.76 -7.00 -89.41
CA CYS A 148 12.80 -8.08 -89.09
C CYS A 148 11.44 -7.50 -88.72
N THR A 149 10.39 -8.24 -89.09
CA THR A 149 8.99 -7.83 -88.85
C THR A 149 8.49 -8.26 -87.47
N ARG A 150 8.97 -9.42 -87.02
CA ARG A 150 8.57 -9.98 -85.72
C ARG A 150 9.31 -9.29 -84.56
N ASN A 151 10.62 -9.08 -84.74
CA ASN A 151 11.46 -8.41 -83.72
C ASN A 151 11.25 -6.90 -83.60
N ALA A 152 10.62 -6.28 -84.59
CA ALA A 152 10.30 -4.84 -84.55
C ALA A 152 9.26 -4.53 -83.47
N ILE A 153 8.24 -5.39 -83.38
CA ILE A 153 7.19 -5.29 -82.37
C ILE A 153 7.73 -5.52 -80.95
N HIS A 154 8.71 -6.41 -80.81
CA HIS A 154 9.35 -6.67 -79.53
C HIS A 154 10.19 -5.48 -79.06
N ALA A 155 10.95 -4.90 -79.98
CA ALA A 155 11.80 -3.74 -79.69
C ALA A 155 11.01 -2.54 -79.19
N ASN A 156 9.88 -2.27 -79.84
CA ASN A 156 8.97 -1.19 -79.42
C ASN A 156 8.26 -1.48 -78.09
N LEU A 157 7.98 -2.77 -77.85
CA LEU A 157 7.44 -3.23 -76.56
C LEU A 157 8.45 -3.08 -75.42
N PHE A 158 9.72 -3.42 -75.70
CA PHE A 158 10.79 -3.21 -74.71
C PHE A 158 11.03 -1.71 -74.48
N ALA A 159 10.94 -0.91 -75.55
CA ALA A 159 11.14 0.54 -75.49
C ALA A 159 10.21 1.25 -74.49
N SER A 160 8.95 0.81 -74.42
CA SER A 160 7.99 1.35 -73.47
C SER A 160 8.33 0.96 -72.03
N PHE A 161 8.86 -0.25 -71.84
CA PHE A 161 9.35 -0.71 -70.53
C PHE A 161 10.66 -0.02 -70.09
N VAL A 162 11.53 0.30 -71.04
CA VAL A 162 12.75 1.07 -70.76
C VAL A 162 12.42 2.47 -70.22
N LEU A 163 11.41 3.11 -70.84
CA LEU A 163 10.89 4.40 -70.37
C LEU A 163 10.21 4.30 -69.00
N LYS A 164 9.49 3.21 -68.76
CA LYS A 164 8.84 2.96 -67.46
C LYS A 164 9.90 2.75 -66.37
N ALA A 165 10.91 1.95 -66.68
CA ALA A 165 12.03 1.69 -65.75
C ALA A 165 12.91 2.93 -65.54
N SER A 166 13.03 3.76 -66.58
CA SER A 166 13.79 5.02 -66.50
C SER A 166 13.07 6.06 -65.63
N SER A 167 11.76 6.21 -65.83
CA SER A 167 10.95 7.19 -65.09
C SER A 167 10.91 6.94 -63.58
N VAL A 168 10.79 5.67 -63.20
CA VAL A 168 10.78 5.29 -61.77
C VAL A 168 12.13 5.57 -61.10
N LEU A 169 13.22 5.22 -61.76
CA LEU A 169 14.58 5.53 -61.26
C LEU A 169 14.86 7.04 -61.14
N VAL A 170 14.28 7.84 -62.05
CA VAL A 170 14.40 9.30 -61.99
C VAL A 170 13.57 9.86 -60.83
N ILE A 171 12.30 9.45 -60.74
CA ILE A 171 11.39 9.89 -59.66
C ILE A 171 11.93 9.53 -58.26
N ASP A 172 12.41 8.30 -58.09
CA ASP A 172 13.06 7.90 -56.82
C ASP A 172 14.33 8.68 -56.54
N GLY A 173 15.10 8.95 -57.59
CA GLY A 173 16.32 9.78 -57.50
C GLY A 173 16.04 11.23 -57.16
N LEU A 174 14.89 11.74 -57.63
CA LEU A 174 14.43 13.09 -57.30
C LEU A 174 13.68 13.18 -55.97
N LEU A 175 13.08 12.07 -55.52
CA LEU A 175 12.47 11.99 -54.18
C LEU A 175 13.50 11.84 -53.05
N ARG A 176 14.73 11.40 -53.39
CA ARG A 176 15.86 11.38 -52.41
C ARG A 176 16.59 12.73 -52.33
N THR A 177 16.07 13.76 -53.00
CA THR A 177 16.57 15.14 -52.91
C THR A 177 15.79 15.92 -51.83
N ARG A 178 14.89 15.23 -51.11
CA ARG A 178 14.18 15.81 -49.98
C ARG A 178 15.07 15.81 -48.73
N TYR A 179 14.81 16.77 -47.85
CA TYR A 179 15.55 16.93 -46.60
C TYR A 179 14.91 16.08 -45.48
N SER A 180 15.68 15.11 -44.97
CA SER A 180 15.23 14.23 -43.89
C SER A 180 16.12 14.41 -42.65
N GLN A 181 15.50 14.44 -41.48
CA GLN A 181 16.21 14.54 -40.20
C GLN A 181 15.45 13.79 -39.09
N LYS A 182 16.20 13.21 -38.14
CA LYS A 182 15.63 12.44 -37.04
C LYS A 182 15.20 13.32 -35.87
N ILE A 183 13.90 13.36 -35.60
CA ILE A 183 13.34 14.06 -34.43
C ILE A 183 13.01 13.01 -33.34
N GLY A 184 14.02 12.70 -32.53
CA GLY A 184 13.91 11.74 -31.42
C GLY A 184 13.83 10.30 -31.89
N ASP A 185 12.60 9.80 -31.99
CA ASP A 185 12.34 8.48 -32.59
C ASP A 185 11.99 8.56 -34.08
N ASP A 186 11.17 9.56 -34.44
CA ASP A 186 10.69 9.71 -35.82
C ASP A 186 11.71 10.33 -36.76
N LEU A 187 11.60 9.99 -38.05
CA LEU A 187 12.38 10.56 -39.12
C LEU A 187 11.50 11.52 -39.91
N SER A 188 11.76 12.82 -39.80
CA SER A 188 10.94 13.86 -40.42
C SER A 188 11.48 14.21 -41.80
N VAL A 189 10.70 13.90 -42.84
CA VAL A 189 11.08 14.16 -44.24
C VAL A 189 10.23 15.32 -44.77
N SER A 190 10.90 16.35 -45.27
CA SER A 190 10.23 17.55 -45.79
C SER A 190 9.65 17.27 -47.18
N THR A 191 8.39 17.66 -47.39
CA THR A 191 7.73 17.50 -48.69
C THR A 191 8.24 18.46 -49.79
N TRP A 192 9.10 19.41 -49.43
CA TRP A 192 9.61 20.41 -50.38
C TRP A 192 10.64 19.83 -51.36
N LEU A 193 10.59 20.33 -52.59
CA LEU A 193 11.52 20.00 -53.66
C LEU A 193 11.96 21.28 -54.38
N SER A 194 13.18 21.26 -54.91
CA SER A 194 13.75 22.37 -55.67
C SER A 194 13.00 22.62 -57.00
N ASP A 195 13.04 23.87 -57.48
CA ASP A 195 12.31 24.25 -58.72
C ASP A 195 12.68 23.40 -59.95
N GLY A 196 13.95 23.01 -60.04
CA GLY A 196 14.42 22.06 -61.07
C GLY A 196 13.98 20.62 -60.84
N ALA A 197 13.68 20.28 -59.58
CA ALA A 197 13.18 18.95 -59.21
C ALA A 197 11.65 18.82 -59.26
N VAL A 198 10.92 19.92 -59.04
CA VAL A 198 9.45 19.93 -59.13
C VAL A 198 9.03 19.72 -60.58
N ALA A 199 9.64 20.46 -61.49
CA ALA A 199 9.42 20.31 -62.93
C ALA A 199 9.99 19.00 -63.46
N GLY A 200 11.16 18.61 -62.95
CA GLY A 200 11.85 17.38 -63.38
C GLY A 200 11.08 16.09 -63.15
N CYS A 201 10.45 15.98 -61.98
CA CYS A 201 9.65 14.79 -61.64
C CYS A 201 8.25 14.84 -62.29
N ARG A 202 7.73 16.05 -62.55
CA ARG A 202 6.46 16.21 -63.27
C ARG A 202 6.53 15.68 -64.69
N VAL A 203 7.63 15.99 -65.38
CA VAL A 203 7.91 15.46 -66.73
C VAL A 203 8.06 13.94 -66.64
N ALA A 204 8.84 13.48 -65.66
CA ALA A 204 9.04 12.04 -65.41
C ALA A 204 7.74 11.30 -65.11
N ALA A 205 6.81 11.96 -64.40
CA ALA A 205 5.48 11.40 -64.13
C ALA A 205 4.66 11.22 -65.41
N VAL A 206 4.76 12.17 -66.34
CA VAL A 206 4.13 12.06 -67.66
C VAL A 206 4.76 10.92 -68.46
N PHE A 207 6.09 10.88 -68.49
CA PHE A 207 6.84 9.80 -69.16
C PHE A 207 6.60 8.42 -68.54
N MET A 208 6.29 8.37 -67.25
CA MET A 208 5.93 7.12 -66.56
C MET A 208 4.54 6.66 -66.96
N GLN A 209 3.56 7.56 -66.86
CA GLN A 209 2.17 7.27 -67.22
C GLN A 209 2.03 6.93 -68.71
N TYR A 210 2.77 7.64 -69.57
CA TYR A 210 2.87 7.34 -71.01
C TYR A 210 3.44 5.94 -71.26
N GLY A 211 4.45 5.55 -70.48
CA GLY A 211 5.02 4.22 -70.52
C GLY A 211 4.07 3.12 -70.06
N ILE A 212 3.34 3.36 -68.96
CA ILE A 212 2.41 2.37 -68.38
C ILE A 212 1.27 2.04 -69.34
N VAL A 213 0.76 3.05 -70.05
CA VAL A 213 -0.30 2.84 -71.04
C VAL A 213 0.26 2.15 -72.28
N ALA A 214 1.44 2.60 -72.72
CA ALA A 214 2.11 2.02 -73.89
C ALA A 214 2.50 0.55 -73.72
N ASN A 215 2.83 0.13 -72.50
CA ASN A 215 3.14 -1.26 -72.20
C ASN A 215 1.99 -2.19 -72.54
N TYR A 216 0.78 -1.81 -72.13
CA TYR A 216 -0.44 -2.58 -72.42
C TYR A 216 -0.98 -2.37 -73.83
N CYS A 217 -0.63 -1.24 -74.43
CA CYS A 217 -0.92 -1.00 -75.85
C CYS A 217 -0.06 -1.87 -76.77
N TRP A 218 1.24 -1.95 -76.49
CA TRP A 218 2.14 -2.84 -77.25
C TRP A 218 1.97 -4.32 -76.86
N LEU A 219 1.36 -4.58 -75.70
CA LEU A 219 0.90 -5.92 -75.32
C LEU A 219 -0.31 -6.35 -76.17
N LEU A 220 -1.17 -5.38 -76.49
CA LEU A 220 -2.27 -5.59 -77.43
C LEU A 220 -1.78 -5.81 -78.87
N VAL A 221 -0.72 -5.09 -79.25
CA VAL A 221 -0.08 -5.27 -80.56
C VAL A 221 0.52 -6.68 -80.70
N GLU A 222 1.17 -7.16 -79.63
CA GLU A 222 1.68 -8.54 -79.56
C GLU A 222 0.58 -9.60 -79.72
N GLY A 223 -0.57 -9.34 -79.10
CA GLY A 223 -1.74 -10.21 -79.22
C GLY A 223 -2.39 -10.12 -80.60
N LEU A 224 -2.57 -8.90 -81.09
CA LEU A 224 -3.07 -8.65 -82.45
C LEU A 224 -2.15 -9.20 -83.54
N TYR A 225 -0.83 -9.23 -83.28
CA TYR A 225 0.14 -9.77 -84.24
C TYR A 225 -0.12 -11.25 -84.51
N LEU A 226 -0.28 -12.04 -83.45
CA LEU A 226 -0.63 -13.46 -83.61
C LEU A 226 -2.00 -13.65 -84.28
N HIS A 227 -2.99 -12.84 -83.89
CA HIS A 227 -4.35 -12.92 -84.47
C HIS A 227 -4.37 -12.63 -85.98
N ASN A 228 -3.65 -11.59 -86.39
CA ASN A 228 -3.56 -11.21 -87.81
C ASN A 228 -2.58 -12.07 -88.63
N LEU A 229 -1.52 -12.56 -88.00
CA LEU A 229 -0.50 -13.42 -88.61
C LEU A 229 -1.08 -14.80 -88.81
N LEU A 230 -1.57 -15.37 -87.72
CA LEU A 230 -1.77 -16.80 -87.64
C LEU A 230 -3.15 -17.23 -88.24
N GLY A 231 -3.99 -16.30 -88.72
CA GLY A 231 -5.42 -16.60 -88.97
C GLY A 231 -5.76 -17.65 -90.02
N LEU A 232 -5.02 -17.68 -91.14
CA LEU A 232 -5.13 -18.83 -92.07
C LEU A 232 -3.82 -19.23 -92.82
N ALA A 233 -3.19 -18.38 -93.64
CA ALA A 233 -3.70 -17.11 -94.16
C ALA A 233 -4.14 -17.28 -95.62
N ASN A 234 -5.26 -16.62 -95.96
CA ASN A 234 -6.02 -16.90 -97.17
C ASN A 234 -5.85 -15.72 -98.14
N ILE A 235 -6.23 -15.97 -99.38
CA ILE A 235 -6.23 -14.96 -100.44
C ILE A 235 -7.26 -13.86 -100.12
N PHE A 236 -8.34 -14.21 -99.41
CA PHE A 236 -9.38 -13.24 -99.01
C PHE A 236 -8.83 -12.11 -98.12
N GLU A 237 -7.92 -12.46 -97.19
CA GLU A 237 -7.22 -11.46 -96.36
C GLU A 237 -6.17 -10.69 -97.18
N MET A 238 -5.51 -11.38 -98.11
CA MET A 238 -4.49 -10.79 -99.00
C MET A 238 -5.03 -9.61 -99.83
N LEU A 239 -6.13 -9.86 -100.53
CA LEU A 239 -6.75 -8.83 -101.40
C LEU A 239 -7.61 -7.85 -100.61
N ARG A 240 -8.02 -8.24 -99.39
CA ARG A 240 -8.72 -7.34 -98.46
C ARG A 240 -7.83 -6.23 -97.94
N ILE A 241 -6.52 -6.45 -97.96
CA ILE A 241 -5.54 -5.42 -97.63
C ILE A 241 -5.23 -4.57 -98.88
N ASP A 242 -5.11 -5.22 -100.04
CA ASP A 242 -4.73 -4.52 -101.28
C ASP A 242 -5.84 -3.67 -101.87
N GLU A 243 -7.09 -4.12 -101.74
CA GLU A 243 -8.25 -3.40 -102.28
C GLU A 243 -9.20 -2.94 -101.19
N GLY A 244 -9.70 -3.90 -100.39
CA GLY A 244 -10.55 -3.60 -99.24
C GLY A 244 -12.01 -3.98 -99.44
N LEU A 245 -12.73 -4.13 -98.32
CA LEU A 245 -14.16 -4.44 -98.36
C LEU A 245 -14.98 -3.14 -98.44
N ARG A 246 -16.08 -3.20 -99.20
CA ARG A 246 -16.98 -2.06 -99.37
C ARG A 246 -18.41 -2.52 -99.72
N LEU A 247 -19.40 -1.83 -99.17
CA LEU A 247 -20.83 -2.14 -99.39
C LEU A 247 -21.50 -1.22 -100.42
N LYS A 248 -20.93 -0.02 -100.63
CA LYS A 248 -21.47 0.98 -101.56
C LYS A 248 -20.68 0.99 -102.87
N ILE A 249 -21.39 1.15 -103.99
CA ILE A 249 -20.79 1.11 -105.33
C ILE A 249 -20.11 2.43 -105.69
N TYR A 250 -18.84 2.38 -106.13
CA TYR A 250 -18.06 3.59 -106.50
C TYR A 250 -17.37 3.48 -107.86
N LYS A 251 -17.11 4.65 -108.46
CA LYS A 251 -16.50 4.76 -109.80
C LYS A 251 -15.03 4.34 -109.80
N ASP A 252 -14.50 4.07 -111.00
CA ASP A 252 -13.09 3.68 -111.18
C ASP A 252 -12.50 4.28 -112.48
N THR A 253 -11.23 3.96 -112.79
CA THR A 253 -10.51 4.54 -113.94
C THR A 253 -11.11 4.25 -115.33
N GLU A 254 -11.86 3.15 -115.46
CA GLU A 254 -12.57 2.80 -116.72
C GLU A 254 -14.02 3.32 -116.78
N GLY A 255 -14.61 3.67 -115.64
CA GLY A 255 -15.97 4.21 -115.59
C GLY A 255 -17.02 3.11 -115.43
N TYR A 256 -16.91 2.36 -114.33
CA TYR A 256 -17.79 1.22 -114.02
C TYR A 256 -18.24 1.25 -112.55
N TYR A 257 -19.16 0.35 -112.19
CA TYR A 257 -19.68 0.24 -110.82
C TYR A 257 -18.92 -0.82 -110.02
N THR A 258 -17.87 -0.37 -109.31
CA THR A 258 -17.00 -1.24 -108.53
C THR A 258 -17.59 -1.49 -107.13
N ILE A 259 -17.71 -2.76 -106.74
CA ILE A 259 -18.28 -3.14 -105.43
C ILE A 259 -17.46 -4.25 -104.76
N GLY A 260 -17.47 -4.27 -103.44
CA GLY A 260 -16.78 -5.29 -102.65
C GLY A 260 -15.27 -5.22 -102.79
N ILE A 261 -14.66 -6.35 -103.15
CA ILE A 261 -13.23 -6.44 -103.41
C ILE A 261 -13.05 -6.68 -104.92
N GLY A 262 -13.12 -5.59 -105.69
CA GLY A 262 -12.86 -5.62 -107.13
C GLY A 262 -13.84 -6.44 -107.96
N HIS A 263 -15.04 -5.87 -108.18
CA HIS A 263 -16.08 -6.52 -108.97
C HIS A 263 -16.89 -5.51 -109.79
N LEU A 264 -17.06 -5.80 -111.08
CA LEU A 264 -17.82 -4.94 -112.00
C LEU A 264 -19.20 -5.56 -112.23
N LEU A 265 -20.26 -4.82 -111.91
CA LEU A 265 -21.64 -5.33 -111.95
C LEU A 265 -22.33 -5.22 -113.31
N THR A 266 -22.20 -4.07 -113.95
CA THR A 266 -22.88 -3.77 -115.22
C THR A 266 -21.87 -3.24 -116.27
N LYS A 267 -22.04 -3.66 -117.52
CA LYS A 267 -21.09 -3.32 -118.61
C LYS A 267 -21.22 -1.89 -119.16
N SER A 268 -22.43 -1.32 -119.05
CA SER A 268 -22.67 0.10 -119.37
C SER A 268 -22.80 0.91 -118.07
N PRO A 269 -22.41 2.22 -118.08
CA PRO A 269 -22.46 3.03 -116.84
C PRO A 269 -23.90 3.29 -116.35
N SER A 270 -24.30 2.54 -115.32
CA SER A 270 -25.66 2.61 -114.77
C SER A 270 -25.70 2.14 -113.31
N LEU A 271 -26.73 2.59 -112.58
CA LEU A 271 -26.91 2.29 -111.15
C LEU A 271 -27.98 1.22 -110.88
N ASN A 272 -29.14 1.36 -111.51
CA ASN A 272 -30.25 0.42 -111.31
C ASN A 272 -30.02 -0.96 -111.97
N ALA A 273 -29.39 -0.95 -113.14
CA ALA A 273 -29.06 -2.20 -113.87
C ALA A 273 -27.94 -3.04 -113.23
N ALA A 274 -27.23 -2.50 -112.25
CA ALA A 274 -26.20 -3.22 -111.50
C ALA A 274 -26.72 -4.37 -110.61
N LYS A 275 -28.02 -4.38 -110.30
CA LYS A 275 -28.66 -5.49 -109.54
C LYS A 275 -28.90 -6.78 -110.35
N SER A 276 -28.48 -6.84 -111.61
CA SER A 276 -28.65 -8.03 -112.46
C SER A 276 -27.81 -9.21 -111.97
N GLU A 277 -26.50 -9.00 -111.88
CA GLU A 277 -25.56 -10.03 -111.40
C GLU A 277 -25.47 -10.12 -109.87
N LEU A 278 -25.87 -9.05 -109.16
CA LEU A 278 -25.87 -9.03 -107.69
C LEU A 278 -26.93 -9.95 -107.10
N ASP A 279 -28.14 -9.91 -107.65
CA ASP A 279 -29.23 -10.80 -107.23
C ASP A 279 -29.01 -12.27 -107.59
N LYS A 280 -28.30 -12.53 -108.69
CA LYS A 280 -27.94 -13.90 -109.10
C LYS A 280 -26.99 -14.58 -108.11
N ALA A 281 -26.02 -13.82 -107.61
CA ALA A 281 -25.07 -14.32 -106.60
C ALA A 281 -25.68 -14.43 -105.20
N ILE A 282 -26.51 -13.45 -104.83
CA ILE A 282 -27.20 -13.45 -103.53
C ILE A 282 -28.36 -14.46 -103.49
N GLY A 283 -29.08 -14.59 -104.59
CA GLY A 283 -30.23 -15.52 -104.70
C GLY A 283 -31.47 -15.07 -103.94
N ARG A 284 -31.56 -13.76 -103.66
CA ARG A 284 -32.65 -13.21 -102.85
C ARG A 284 -32.69 -11.69 -102.95
N ILE A 290 -25.85 -7.35 -99.41
CA ILE A 290 -24.42 -7.25 -99.21
C ILE A 290 -24.07 -7.18 -97.71
N THR A 291 -23.28 -8.15 -97.25
CA THR A 291 -22.89 -8.27 -95.84
C THR A 291 -21.41 -8.72 -95.81
N LYS A 292 -21.05 -9.68 -94.96
CA LYS A 292 -19.72 -10.32 -95.00
C LYS A 292 -19.77 -11.76 -95.55
N ASP A 293 -20.88 -12.48 -95.33
CA ASP A 293 -21.12 -13.79 -95.96
C ASP A 293 -21.78 -13.67 -97.35
N GLU A 294 -22.53 -12.59 -97.55
CA GLU A 294 -23.17 -12.30 -98.85
C GLU A 294 -22.20 -11.71 -99.87
N ALA A 295 -21.36 -10.78 -99.42
CA ALA A 295 -20.39 -10.09 -100.29
C ALA A 295 -19.19 -10.96 -100.68
N GLU A 296 -18.84 -11.93 -99.82
CA GLU A 296 -17.73 -12.85 -100.11
C GLU A 296 -18.09 -13.85 -101.20
N LYS A 297 -19.39 -14.11 -101.40
CA LYS A 297 -19.90 -14.92 -102.52
C LYS A 297 -19.51 -14.32 -103.88
N LEU A 298 -19.53 -13.00 -103.99
CA LEU A 298 -19.05 -12.30 -105.18
C LEU A 298 -17.54 -12.42 -105.31
N PHE A 299 -16.85 -12.37 -104.17
CA PHE A 299 -15.37 -12.42 -104.15
C PHE A 299 -14.89 -13.81 -104.52
N ASN A 300 -15.45 -14.86 -103.90
CA ASN A 300 -15.08 -16.26 -104.19
C ASN A 300 -15.23 -16.62 -105.67
N GLN A 301 -16.32 -16.16 -106.28
CA GLN A 301 -16.57 -16.40 -107.71
C GLN A 301 -15.55 -15.71 -108.59
N ASP A 302 -15.11 -14.52 -108.18
CA ASP A 302 -14.08 -13.76 -108.88
C ASP A 302 -12.72 -14.49 -108.95
N VAL A 303 -12.34 -15.08 -107.82
CA VAL A 303 -11.07 -15.80 -107.69
C VAL A 303 -11.10 -17.06 -108.57
N ASP A 304 -12.22 -17.77 -108.57
CA ASP A 304 -12.41 -18.94 -109.43
C ASP A 304 -12.33 -18.59 -110.92
N ALA A 305 -12.91 -17.45 -111.28
CA ALA A 305 -12.87 -16.93 -112.66
C ALA A 305 -11.48 -16.47 -113.08
N ALA A 306 -10.69 -15.98 -112.11
CA ALA A 306 -9.30 -15.61 -112.34
C ALA A 306 -8.39 -16.81 -112.59
N VAL A 307 -8.58 -17.87 -111.82
CA VAL A 307 -7.84 -19.14 -112.00
C VAL A 307 -8.24 -19.81 -113.33
N ARG A 308 -9.53 -19.78 -113.66
CA ARG A 308 -10.02 -20.22 -114.99
C ARG A 308 -9.32 -19.51 -116.14
N GLY A 309 -9.12 -18.21 -115.97
CA GLY A 309 -8.47 -17.39 -116.99
C GLY A 309 -6.99 -17.66 -117.15
N ILE A 310 -6.31 -17.88 -116.02
CA ILE A 310 -4.89 -18.21 -116.03
C ILE A 310 -4.64 -19.53 -116.76
N LEU A 311 -5.52 -20.52 -116.52
CA LEU A 311 -5.40 -21.84 -117.19
C LEU A 311 -5.83 -21.87 -118.65
N ARG A 312 -6.60 -20.88 -119.09
CA ARG A 312 -6.97 -20.75 -120.51
C ARG A 312 -6.03 -19.82 -121.31
N ASN A 313 -4.98 -19.32 -120.65
CA ASN A 313 -3.95 -18.52 -121.27
C ASN A 313 -2.67 -19.37 -121.39
N ALA A 314 -2.17 -19.55 -122.61
CA ALA A 314 -1.01 -20.43 -122.88
C ALA A 314 0.29 -19.98 -122.22
N LYS A 315 0.45 -18.66 -122.03
CA LYS A 315 1.67 -18.07 -121.44
C LYS A 315 1.66 -18.17 -119.90
N LEU A 316 0.47 -18.07 -119.32
CA LEU A 316 0.27 -18.05 -117.86
C LEU A 316 0.12 -19.43 -117.18
N LYS A 317 -0.27 -20.45 -117.95
CA LYS A 317 -0.54 -21.80 -117.43
C LYS A 317 0.69 -22.51 -116.83
N PRO A 318 1.80 -22.66 -117.58
CA PRO A 318 2.95 -23.41 -117.03
C PRO A 318 3.63 -22.73 -115.81
N VAL A 319 3.54 -21.40 -115.74
CA VAL A 319 4.13 -20.64 -114.64
C VAL A 319 3.28 -20.85 -113.38
N TYR A 320 1.96 -20.80 -113.55
CA TYR A 320 1.01 -21.06 -112.47
C TYR A 320 1.11 -22.47 -111.92
N ASP A 321 1.34 -23.45 -112.81
CA ASP A 321 1.49 -24.85 -112.40
C ASP A 321 2.75 -25.10 -111.58
N SER A 322 3.86 -24.47 -112.00
CA SER A 322 5.17 -24.65 -111.36
C SER A 322 5.27 -24.05 -109.95
N LEU A 323 4.55 -22.96 -109.70
CA LEU A 323 4.61 -22.23 -108.43
C LEU A 323 3.73 -22.87 -107.35
N ASP A 324 4.18 -22.72 -106.10
CA ASP A 324 3.45 -23.22 -104.92
C ASP A 324 2.20 -22.39 -104.59
N ALA A 325 1.38 -22.90 -103.67
CA ALA A 325 0.11 -22.28 -103.25
C ALA A 325 0.18 -20.81 -102.82
N VAL A 326 1.25 -20.44 -102.12
CA VAL A 326 1.42 -19.04 -101.64
C VAL A 326 1.87 -18.13 -102.79
N ARG A 327 2.79 -18.63 -103.61
CA ARG A 327 3.24 -17.90 -104.80
C ARG A 327 2.15 -17.80 -105.89
N ARG A 328 1.28 -18.80 -105.96
CA ARG A 328 0.11 -18.77 -106.86
C ARG A 328 -0.80 -17.60 -106.51
N ALA A 329 -1.04 -17.40 -105.20
CA ALA A 329 -1.88 -16.32 -104.71
C ALA A 329 -1.33 -14.93 -105.06
N ALA A 330 -0.01 -14.82 -105.22
CA ALA A 330 0.62 -13.58 -105.72
C ALA A 330 0.36 -13.33 -107.20
N LEU A 331 0.26 -14.40 -107.99
CA LEU A 331 -0.05 -14.29 -109.43
C LEU A 331 -1.52 -14.03 -109.67
N ILE A 332 -2.38 -14.61 -108.84
CA ILE A 332 -3.82 -14.37 -108.94
C ILE A 332 -4.09 -12.91 -108.57
N ASN A 333 -3.32 -12.37 -107.61
CA ASN A 333 -3.37 -10.96 -107.21
C ASN A 333 -3.09 -10.02 -108.39
N MET A 334 -2.10 -10.37 -109.21
CA MET A 334 -1.77 -9.59 -110.41
C MET A 334 -2.86 -9.65 -111.46
N VAL A 335 -3.38 -10.85 -111.72
CA VAL A 335 -4.45 -11.06 -112.71
C VAL A 335 -5.77 -10.39 -112.25
N PHE A 336 -5.94 -10.26 -110.95
CA PHE A 336 -7.08 -9.55 -110.36
C PHE A 336 -7.01 -8.06 -110.70
N GLN A 337 -5.82 -7.48 -110.56
CA GLN A 337 -5.59 -6.05 -110.81
C GLN A 337 -5.51 -5.74 -112.32
N MET A 338 -4.65 -6.49 -113.03
CA MET A 338 -4.37 -6.23 -114.46
C MET A 338 -5.25 -7.01 -115.46
N GLY A 339 -5.15 -8.33 -115.42
CA GLY A 339 -5.91 -9.22 -116.30
C GLY A 339 -5.02 -10.22 -117.02
N GLU A 340 -5.64 -11.16 -117.72
CA GLU A 340 -4.91 -12.25 -118.38
C GLU A 340 -3.92 -11.75 -119.42
N THR A 341 -4.37 -10.83 -120.29
CA THR A 341 -3.50 -10.27 -121.33
C THR A 341 -2.41 -9.35 -120.75
N GLY A 342 -2.72 -8.66 -119.65
CA GLY A 342 -1.77 -7.75 -118.99
C GLY A 342 -0.63 -8.45 -118.26
N VAL A 343 -0.95 -9.52 -117.52
CA VAL A 343 0.08 -10.29 -116.80
C VAL A 343 0.89 -11.16 -117.78
N ALA A 344 0.27 -11.55 -118.90
CA ALA A 344 0.95 -12.29 -119.97
C ALA A 344 2.05 -11.50 -120.68
N GLY A 345 2.03 -10.16 -120.54
CA GLY A 345 3.11 -9.29 -121.02
C GLY A 345 4.42 -9.35 -120.23
N PHE A 346 4.42 -10.01 -119.08
CA PHE A 346 5.63 -10.23 -118.29
C PHE A 346 6.35 -11.50 -118.75
N THR A 347 6.67 -11.57 -120.05
CA THR A 347 7.30 -12.77 -120.61
C THR A 347 8.66 -13.06 -119.97
N ASN A 348 9.41 -12.00 -119.68
CA ASN A 348 10.73 -12.15 -119.04
C ASN A 348 10.62 -12.46 -117.53
N SER A 349 9.66 -11.81 -116.86
CA SER A 349 9.46 -11.98 -115.42
C SER A 349 8.86 -13.35 -115.06
N LEU A 350 7.82 -13.74 -115.79
CA LEU A 350 7.18 -15.06 -115.64
C LEU A 350 8.16 -16.21 -115.83
N ARG A 351 9.00 -16.10 -116.85
CA ARG A 351 10.04 -17.09 -117.15
C ARG A 351 10.98 -17.32 -115.96
N MET A 352 11.35 -16.23 -115.29
CA MET A 352 12.20 -16.30 -114.11
C MET A 352 11.53 -16.97 -112.92
N LEU A 353 10.20 -16.86 -112.83
CA LEU A 353 9.42 -17.52 -111.78
C LEU A 353 9.22 -19.01 -112.06
N GLN A 354 9.11 -19.38 -113.33
CA GLN A 354 9.00 -20.79 -113.75
C GLN A 354 10.31 -21.53 -113.48
N GLN A 355 11.43 -20.83 -113.67
CA GLN A 355 12.77 -21.37 -113.36
C GLN A 355 13.11 -21.41 -111.87
N LYS A 356 12.26 -20.85 -111.02
CA LYS A 356 12.44 -20.74 -109.56
C LYS A 356 13.61 -19.81 -109.18
N ARG A 357 13.83 -18.77 -109.99
CA ARG A 357 14.83 -17.71 -109.73
C ARG A 357 14.14 -16.46 -109.17
N TRP A 358 13.91 -16.48 -107.85
CA TRP A 358 13.02 -15.53 -107.19
C TRP A 358 13.63 -14.10 -107.12
N ASP A 359 14.85 -14.00 -106.60
CA ASP A 359 15.55 -12.70 -106.51
C ASP A 359 15.88 -12.10 -107.87
N GLU A 360 16.08 -12.96 -108.88
CA GLU A 360 16.26 -12.49 -110.27
C GLU A 360 14.94 -11.95 -110.83
N ALA A 361 13.83 -12.59 -110.45
CA ALA A 361 12.50 -12.14 -110.81
C ALA A 361 12.08 -10.87 -110.07
N ALA A 362 12.58 -10.69 -108.85
CA ALA A 362 12.31 -9.50 -108.04
C ALA A 362 12.82 -8.19 -108.65
N VAL A 363 13.92 -8.28 -109.40
CA VAL A 363 14.52 -7.10 -110.06
C VAL A 363 13.74 -6.74 -111.35
N ASN A 364 13.42 -7.74 -112.15
CA ASN A 364 12.72 -7.54 -113.42
C ASN A 364 11.25 -7.09 -113.26
N LEU A 365 10.58 -7.57 -112.21
CA LEU A 365 9.21 -7.14 -111.88
C LEU A 365 9.11 -5.67 -111.43
N ALA A 366 10.09 -5.22 -110.66
CA ALA A 366 10.17 -3.82 -110.22
C ALA A 366 10.50 -2.86 -111.37
N LYS A 367 11.29 -3.34 -112.34
CA LYS A 367 11.66 -2.54 -113.52
C LYS A 367 10.51 -2.29 -114.50
N SER A 368 9.45 -3.09 -114.43
CA SER A 368 8.29 -2.94 -115.32
C SER A 368 7.38 -1.78 -114.90
N ARG A 369 6.47 -1.42 -115.82
CA ARG A 369 5.56 -0.28 -115.66
C ARG A 369 4.42 -0.51 -114.65
N TRP A 370 4.23 -1.75 -114.21
CA TRP A 370 3.26 -2.08 -113.17
C TRP A 370 3.66 -1.55 -111.78
N TYR A 371 4.96 -1.64 -111.46
CA TYR A 371 5.53 -1.08 -110.22
C TYR A 371 5.53 0.46 -110.22
N ASN A 372 5.65 1.05 -111.42
CA ASN A 372 5.67 2.52 -111.60
C ASN A 372 4.30 3.15 -111.22
N GLN A 373 3.21 2.54 -111.68
CA GLN A 373 1.84 3.01 -111.39
C GLN A 373 1.46 2.89 -109.89
N THR A 374 1.46 1.66 -109.38
CA THR A 374 1.19 1.38 -107.96
C THR A 374 2.41 0.70 -107.32
N PRO A 375 3.29 1.47 -106.66
CA PRO A 375 4.48 0.89 -106.03
C PRO A 375 4.22 0.19 -104.69
N ASN A 376 3.25 0.68 -103.91
CA ASN A 376 2.89 0.10 -102.61
C ASN A 376 2.34 -1.33 -102.70
N ARG A 377 1.46 -1.56 -103.68
CA ARG A 377 0.85 -2.88 -103.87
C ARG A 377 1.83 -3.88 -104.49
N ALA A 378 2.56 -3.44 -105.52
CA ALA A 378 3.54 -4.29 -106.23
C ALA A 378 4.68 -4.78 -105.34
N LYS A 379 5.11 -3.94 -104.40
CA LYS A 379 6.19 -4.29 -103.46
C LYS A 379 5.83 -5.48 -102.58
N ARG A 380 4.58 -5.54 -102.15
CA ARG A 380 4.06 -6.68 -101.36
C ARG A 380 3.92 -7.96 -102.20
N VAL A 381 3.56 -7.82 -103.47
CA VAL A 381 3.40 -8.95 -104.38
C VAL A 381 4.77 -9.51 -104.76
N ILE A 382 5.73 -8.63 -105.06
CA ILE A 382 7.11 -9.02 -105.36
C ILE A 382 7.77 -9.76 -104.18
N THR A 383 7.51 -9.31 -102.95
CA THR A 383 8.00 -9.98 -101.74
C THR A 383 7.41 -11.38 -101.57
N THR A 384 6.14 -11.54 -101.94
CA THR A 384 5.47 -12.85 -101.88
C THR A 384 6.11 -13.88 -102.83
N PHE A 385 6.55 -13.42 -104.01
CA PHE A 385 7.31 -14.28 -104.93
C PHE A 385 8.74 -14.55 -104.39
N ARG A 386 9.33 -13.55 -103.73
CA ARG A 386 10.70 -13.63 -103.20
C ARG A 386 10.85 -14.67 -102.09
N THR A 387 10.16 -14.43 -100.96
CA THR A 387 10.26 -15.30 -99.78
C THR A 387 9.35 -16.54 -99.84
N GLY A 388 8.25 -16.45 -100.58
CA GLY A 388 7.30 -17.57 -100.72
C GLY A 388 6.32 -17.72 -99.56
N THR A 389 6.17 -16.66 -98.78
CA THR A 389 5.32 -16.63 -97.59
C THR A 389 4.57 -15.29 -97.58
N TRP A 390 3.67 -15.11 -96.61
CA TRP A 390 2.84 -13.90 -96.54
C TRP A 390 3.51 -12.79 -95.72
N ASP A 391 4.85 -12.75 -95.71
CA ASP A 391 5.66 -11.83 -94.87
C ASP A 391 5.36 -10.35 -95.09
N ALA A 392 5.15 -9.97 -96.35
CA ALA A 392 4.80 -8.59 -96.71
C ALA A 392 3.44 -8.13 -96.17
N TYR A 393 2.48 -9.05 -96.13
CA TYR A 393 1.09 -8.74 -95.73
C TYR A 393 0.88 -8.63 -94.21
N GLU A 394 1.70 -9.33 -93.42
CA GLU A 394 1.74 -9.13 -91.94
C GLU A 394 2.35 -7.75 -91.58
N ARG A 395 3.24 -7.23 -92.43
CA ARG A 395 3.87 -5.91 -92.25
C ARG A 395 2.98 -4.73 -92.69
N SER A 396 1.92 -4.98 -93.45
CA SER A 396 0.93 -3.94 -93.84
C SER A 396 0.24 -3.32 -92.62
N PHE A 397 -0.01 -4.15 -91.60
CA PHE A 397 -0.61 -3.69 -90.36
C PHE A 397 0.37 -2.96 -89.43
N PHE A 398 1.68 -3.06 -89.68
CA PHE A 398 2.71 -2.44 -88.82
C PHE A 398 2.60 -0.93 -88.63
N SER A 399 2.17 -0.23 -89.68
CA SER A 399 1.92 1.21 -89.59
C SER A 399 0.75 1.50 -88.64
N LEU A 400 -0.30 0.69 -88.73
CA LEU A 400 -1.46 0.77 -87.83
C LEU A 400 -1.09 0.32 -86.41
N TYR A 401 -0.29 -0.74 -86.31
CA TYR A 401 0.26 -1.19 -85.02
C TYR A 401 1.12 -0.12 -84.35
N LEU A 402 1.74 0.75 -85.14
CA LEU A 402 2.58 1.84 -84.60
C LEU A 402 1.71 2.97 -84.04
N GLY A 403 0.62 3.27 -84.75
CA GLY A 403 -0.38 4.23 -84.28
C GLY A 403 -1.20 3.84 -83.06
N ILE A 404 -1.21 2.54 -82.70
CA ILE A 404 -1.94 1.98 -81.56
C ILE A 404 -1.02 1.84 -80.33
N GLY A 405 0.29 1.73 -80.57
CA GLY A 405 1.27 1.63 -79.49
C GLY A 405 1.81 2.95 -78.97
N TRP A 406 2.05 3.90 -79.87
CA TRP A 406 2.53 5.25 -79.50
C TRP A 406 1.46 6.34 -79.63
N GLY A 407 0.61 6.24 -80.65
CA GLY A 407 -0.48 7.20 -80.87
C GLY A 407 -1.64 7.12 -79.89
N ALA A 408 -2.03 5.89 -79.52
CA ALA A 408 -3.18 5.66 -78.61
C ALA A 408 -2.96 6.14 -77.17
N PRO A 409 -1.77 5.90 -76.58
CA PRO A 409 -1.51 6.49 -75.26
C PRO A 409 -1.48 8.03 -75.26
N MET A 410 -0.89 8.63 -76.29
CA MET A 410 -0.89 10.10 -76.45
C MET A 410 -2.29 10.74 -76.56
N LEU A 411 -3.30 9.97 -76.96
CA LEU A 411 -4.70 10.44 -76.97
C LEU A 411 -5.29 10.60 -75.56
N PHE A 412 -4.72 9.89 -74.58
CA PHE A 412 -5.15 9.92 -73.19
C PHE A 412 -4.19 10.64 -72.23
N VAL A 413 -2.89 10.48 -72.44
CA VAL A 413 -1.86 11.03 -71.53
C VAL A 413 -1.56 12.51 -71.78
N VAL A 414 -1.49 12.93 -73.03
CA VAL A 414 -1.16 14.33 -73.39
C VAL A 414 -2.25 15.32 -72.93
N PRO A 415 -3.54 14.97 -73.10
CA PRO A 415 -4.59 15.83 -72.51
C PRO A 415 -4.68 15.78 -70.97
N TRP A 416 -4.31 14.64 -70.37
CA TRP A 416 -4.22 14.49 -68.87
C TRP A 416 -3.14 15.35 -68.17
N ALA A 417 -1.98 15.48 -68.81
CA ALA A 417 -0.87 16.36 -68.35
C ALA A 417 -1.32 17.82 -68.22
N VAL A 418 -2.13 18.25 -69.18
CA VAL A 418 -2.65 19.63 -69.22
C VAL A 418 -3.75 19.83 -68.16
N VAL A 419 -4.53 18.78 -67.89
CA VAL A 419 -5.56 18.79 -66.85
C VAL A 419 -4.94 18.84 -65.45
N LYS A 420 -3.93 18.01 -65.20
CA LYS A 420 -3.21 18.02 -63.91
C LYS A 420 -2.34 19.25 -63.63
N CYS A 421 -2.11 20.08 -64.64
CA CYS A 421 -1.23 21.22 -64.52
C CYS A 421 -2.01 22.40 -63.94
N LEU A 422 -3.22 22.62 -64.45
CA LEU A 422 -4.07 23.76 -64.05
C LEU A 422 -5.09 23.43 -62.95
N PHE A 423 -5.60 22.19 -62.92
CA PHE A 423 -6.70 21.86 -62.00
C PHE A 423 -6.17 21.49 -60.60
N GLU A 424 -5.34 20.44 -60.53
CA GLU A 424 -4.72 19.94 -59.29
C GLU A 424 -3.20 19.87 -59.46
N ASN A 425 -2.55 21.02 -59.30
CA ASN A 425 -1.10 21.12 -59.43
C ASN A 425 -0.41 20.63 -58.14
N VAL A 426 0.23 19.47 -58.24
CA VAL A 426 0.99 18.84 -57.13
C VAL A 426 2.45 18.70 -57.58
N GLN A 427 3.36 18.66 -56.60
CA GLN A 427 4.81 18.50 -56.83
C GLN A 427 5.23 17.34 -57.78
N CYS A 428 4.84 16.11 -57.44
CA CYS A 428 5.17 14.88 -58.17
C CYS A 428 3.89 14.07 -58.23
N TRP A 429 3.27 13.99 -59.41
CA TRP A 429 1.89 13.51 -59.51
C TRP A 429 1.78 12.02 -59.18
N THR A 430 1.13 11.74 -58.06
CA THR A 430 0.71 10.36 -57.75
C THR A 430 -0.47 10.41 -56.78
N SER A 431 -1.43 11.26 -57.11
CA SER A 431 -2.56 11.54 -56.23
C SER A 431 -3.60 10.40 -56.23
N ASN A 432 -4.41 10.40 -55.19
CA ASN A 432 -5.47 9.40 -54.98
C ASN A 432 -6.87 10.01 -55.06
N ASP A 433 -7.08 10.93 -56.00
CA ASP A 433 -8.39 11.60 -56.19
C ASP A 433 -9.43 10.70 -56.86
N ASN A 434 -8.95 9.71 -57.63
CA ASN A 434 -9.78 8.74 -58.39
C ASN A 434 -10.63 9.35 -59.51
N MET A 435 -10.39 10.62 -59.88
CA MET A 435 -11.12 11.31 -60.94
C MET A 435 -10.33 11.35 -62.25
N GLY A 436 -9.07 11.75 -62.16
CA GLY A 436 -8.21 11.86 -63.33
C GLY A 436 -7.50 10.58 -63.74
N PHE A 437 -7.04 9.82 -62.75
CA PHE A 437 -6.28 8.58 -63.02
C PHE A 437 -7.16 7.38 -63.38
N TRP A 438 -8.47 7.45 -63.15
CA TRP A 438 -9.38 6.35 -63.47
C TRP A 438 -9.91 6.47 -64.91
N TRP A 439 -10.41 7.66 -65.27
CA TRP A 439 -10.94 7.94 -66.61
C TRP A 439 -9.88 8.35 -67.65
N ILE A 440 -8.88 9.11 -67.22
CA ILE A 440 -7.84 9.59 -68.13
C ILE A 440 -6.69 8.61 -68.24
N LEU A 441 -6.37 7.89 -67.15
CA LEU A 441 -5.22 6.98 -67.11
C LEU A 441 -5.54 5.48 -67.16
N ARG A 442 -6.52 5.05 -66.39
CA ARG A 442 -6.88 3.62 -66.31
C ARG A 442 -7.79 3.14 -67.45
N PHE A 443 -8.65 4.03 -67.98
CA PHE A 443 -9.57 3.68 -69.07
C PHE A 443 -8.90 3.15 -70.36
N PRO A 444 -7.82 3.81 -70.84
CA PRO A 444 -7.13 3.24 -72.02
C PRO A 444 -6.44 1.89 -71.75
N VAL A 445 -6.07 1.64 -70.49
CA VAL A 445 -5.43 0.37 -70.09
C VAL A 445 -6.48 -0.72 -69.86
N PHE A 446 -7.57 -0.39 -69.19
CA PHE A 446 -8.68 -1.34 -68.95
C PHE A 446 -9.39 -1.78 -70.25
N LEU A 447 -9.48 -0.87 -71.22
CA LEU A 447 -10.06 -1.19 -72.54
C LEU A 447 -9.13 -2.09 -73.37
N ALA A 448 -7.82 -1.89 -73.23
CA ALA A 448 -6.80 -2.75 -73.88
C ALA A 448 -6.86 -4.19 -73.35
N ILE A 449 -7.04 -4.34 -72.04
CA ILE A 449 -7.17 -5.65 -71.40
C ILE A 449 -8.49 -6.32 -71.81
N LEU A 450 -9.54 -5.52 -71.96
CA LEU A 450 -10.85 -5.98 -72.45
C LEU A 450 -10.76 -6.59 -73.86
N ILE A 451 -10.02 -5.91 -74.73
CA ILE A 451 -9.81 -6.38 -76.12
C ILE A 451 -8.80 -7.53 -76.16
N ASN A 452 -7.82 -7.51 -75.25
CA ASN A 452 -6.83 -8.61 -75.13
C ASN A 452 -7.45 -9.98 -74.75
N PHE A 453 -8.45 -9.96 -73.86
CA PHE A 453 -9.18 -11.19 -73.49
C PHE A 453 -10.08 -11.70 -74.62
N PHE A 454 -10.67 -10.77 -75.38
CA PHE A 454 -11.45 -11.12 -76.58
C PHE A 454 -10.54 -11.69 -77.68
N ILE A 455 -9.30 -11.22 -77.73
CA ILE A 455 -8.27 -11.78 -78.61
C ILE A 455 -7.83 -13.16 -78.12
N PHE A 456 -7.53 -13.28 -76.82
CA PHE A 456 -7.10 -14.56 -76.20
C PHE A 456 -8.03 -15.75 -76.51
N VAL A 457 -9.35 -15.52 -76.44
CA VAL A 457 -10.34 -16.54 -76.83
C VAL A 457 -10.28 -16.87 -78.34
N ARG A 458 -10.06 -15.85 -79.17
CA ARG A 458 -9.87 -16.05 -80.62
C ARG A 458 -8.54 -16.75 -80.97
N ILE A 459 -7.50 -16.57 -80.15
CA ILE A 459 -6.20 -17.23 -80.35
C ILE A 459 -6.29 -18.75 -80.11
N VAL A 460 -7.00 -19.16 -79.05
CA VAL A 460 -7.12 -20.59 -78.71
C VAL A 460 -7.97 -21.36 -79.74
N GLN A 461 -9.08 -20.74 -80.19
CA GLN A 461 -9.92 -21.34 -81.25
C GLN A 461 -9.20 -21.44 -82.63
N LEU A 462 -8.32 -20.49 -82.91
CA LEU A 462 -7.42 -20.53 -84.09
C LEU A 462 -6.28 -21.55 -83.94
N LEU A 463 -5.86 -21.79 -82.70
CA LEU A 463 -4.78 -22.74 -82.38
C LEU A 463 -5.25 -24.19 -82.50
N VAL A 464 -6.42 -24.50 -81.93
CA VAL A 464 -6.98 -25.86 -81.99
C VAL A 464 -7.35 -26.34 -83.42
N ALA A 465 -7.82 -25.41 -84.26
CA ALA A 465 -8.08 -25.71 -85.67
C ALA A 465 -6.80 -25.99 -86.46
N LYS A 466 -5.72 -25.25 -86.14
CA LYS A 466 -4.41 -25.41 -86.78
C LYS A 466 -3.65 -26.65 -86.24
N LEU A 467 -3.80 -26.95 -84.94
CA LEU A 467 -3.12 -28.12 -84.31
C LEU A 467 -3.61 -29.52 -84.79
N ARG A 468 -4.75 -29.55 -85.48
CA ARG A 468 -5.31 -30.78 -86.09
C ARG A 468 -5.21 -30.80 -87.64
N ALA A 469 -4.75 -29.71 -88.26
CA ALA A 469 -4.75 -29.56 -89.74
C ALA A 469 -3.38 -30.01 -90.26
N ARG A 470 -2.95 -29.53 -91.44
CA ARG A 470 -1.62 -29.87 -92.01
C ARG A 470 -0.41 -29.10 -91.45
N GLN A 471 -0.65 -27.97 -90.77
CA GLN A 471 0.37 -27.19 -90.06
C GLN A 471 0.21 -27.37 -88.55
N MET A 472 0.48 -28.59 -88.07
CA MET A 472 0.23 -28.95 -86.67
C MET A 472 1.49 -29.08 -85.80
N HIS A 473 2.67 -28.80 -86.35
CA HIS A 473 3.91 -29.15 -85.62
C HIS A 473 4.27 -28.15 -84.52
N HIS A 474 4.86 -28.70 -83.46
CA HIS A 474 5.03 -28.03 -82.17
C HIS A 474 6.33 -27.23 -82.15
N THR A 475 7.31 -27.63 -82.97
CA THR A 475 8.61 -26.94 -83.02
C THR A 475 8.61 -25.71 -83.95
N ASP A 476 7.45 -25.38 -84.53
CA ASP A 476 7.27 -24.19 -85.39
C ASP A 476 7.41 -22.87 -84.61
N TYR A 477 7.94 -21.84 -85.27
CA TYR A 477 8.17 -20.53 -84.66
C TYR A 477 6.88 -19.83 -84.19
N LYS A 478 5.78 -20.05 -84.91
CA LYS A 478 4.46 -19.53 -84.52
C LYS A 478 3.95 -20.18 -83.23
N PHE A 479 4.25 -21.47 -83.05
CA PHE A 479 3.93 -22.18 -81.81
C PHE A 479 4.81 -21.71 -80.65
N ARG A 480 6.09 -21.44 -80.93
CA ARG A 480 7.04 -20.93 -79.92
C ARG A 480 6.67 -19.53 -79.41
N LEU A 481 6.33 -18.63 -80.32
CA LEU A 481 5.96 -17.24 -79.98
C LEU A 481 4.67 -17.17 -79.16
N ALA A 482 3.75 -18.11 -79.42
CA ALA A 482 2.49 -18.21 -78.66
C ALA A 482 2.70 -18.52 -77.19
N LYS A 483 3.73 -19.32 -76.88
CA LYS A 483 4.07 -19.68 -75.50
C LYS A 483 4.50 -18.49 -74.61
N SER A 484 4.94 -17.39 -75.23
CA SER A 484 5.27 -16.14 -74.54
C SER A 484 4.07 -15.19 -74.44
N THR A 485 3.37 -15.02 -75.56
CA THR A 485 2.24 -14.08 -75.65
C THR A 485 1.02 -14.55 -74.85
N LEU A 486 0.79 -15.85 -74.80
CA LEU A 486 -0.28 -16.44 -73.97
C LEU A 486 0.03 -16.43 -72.47
N THR A 487 1.26 -16.04 -72.08
CA THR A 487 1.66 -15.92 -70.69
C THR A 487 1.65 -14.46 -70.20
N LEU A 488 2.12 -13.54 -71.02
CA LEU A 488 2.17 -12.11 -70.64
C LEU A 488 0.82 -11.40 -70.68
N ILE A 489 -0.16 -11.92 -71.41
CA ILE A 489 -1.50 -11.32 -71.46
C ILE A 489 -2.32 -11.56 -70.17
N PRO A 490 -2.37 -12.82 -69.67
CA PRO A 490 -3.06 -13.07 -68.40
C PRO A 490 -2.30 -12.60 -67.14
N LEU A 491 -0.97 -12.57 -67.19
CA LEU A 491 -0.15 -12.17 -66.02
C LEU A 491 -0.25 -10.66 -65.77
N LEU A 492 -0.13 -9.87 -66.84
CA LEU A 492 -0.31 -8.40 -66.76
C LEU A 492 -1.78 -7.99 -66.73
N GLY A 493 -2.64 -8.72 -67.44
CA GLY A 493 -4.08 -8.46 -67.45
C GLY A 493 -4.81 -8.74 -66.14
N VAL A 494 -4.14 -9.42 -65.19
CA VAL A 494 -4.64 -9.64 -63.84
C VAL A 494 -3.96 -8.74 -62.80
N HIS A 495 -2.65 -8.57 -62.91
CA HIS A 495 -1.85 -7.78 -61.95
C HIS A 495 -2.35 -6.36 -61.69
N GLU A 496 -2.67 -5.64 -62.77
CA GLU A 496 -3.13 -4.23 -62.68
C GLU A 496 -4.62 -4.07 -62.38
N VAL A 497 -5.43 -5.09 -62.67
CA VAL A 497 -6.87 -5.09 -62.36
C VAL A 497 -7.18 -5.44 -60.89
N VAL A 498 -6.42 -6.39 -60.34
CA VAL A 498 -6.53 -6.78 -58.93
C VAL A 498 -6.04 -5.65 -57.99
N PHE A 499 -5.02 -4.90 -58.41
CA PHE A 499 -4.47 -3.77 -57.67
C PHE A 499 -5.41 -2.55 -57.59
N ALA A 500 -6.07 -2.24 -58.70
CA ALA A 500 -6.92 -1.05 -58.80
C ALA A 500 -8.30 -1.27 -58.16
N PHE A 501 -8.75 -2.52 -58.14
CA PHE A 501 -10.03 -2.90 -57.49
C PHE A 501 -9.99 -2.74 -55.97
N VAL A 502 -8.87 -3.14 -55.36
CA VAL A 502 -8.64 -2.99 -53.91
C VAL A 502 -7.37 -2.17 -53.64
N THR A 503 -7.55 -0.84 -53.60
CA THR A 503 -6.49 0.10 -53.19
C THR A 503 -7.05 1.31 -52.39
N ASP A 504 -8.30 1.71 -52.66
CA ASP A 504 -8.98 2.76 -51.89
C ASP A 504 -9.53 2.30 -50.53
N GLU A 505 -9.50 0.99 -50.27
CA GLU A 505 -10.07 0.42 -49.03
C GLU A 505 -9.19 0.67 -47.79
N HIS A 506 -7.87 0.56 -47.95
CA HIS A 506 -6.93 0.76 -46.84
C HIS A 506 -6.53 2.22 -46.69
N ALA A 507 -6.17 2.63 -45.47
CA ALA A 507 -5.93 4.04 -45.15
C ALA A 507 -4.58 4.56 -45.67
N GLN A 508 -3.49 3.99 -45.13
CA GLN A 508 -2.11 4.41 -45.45
C GLN A 508 -1.16 3.26 -45.87
N GLY A 509 -0.73 2.34 -45.00
CA GLY A 509 -1.06 2.28 -43.58
C GLY A 509 -0.36 1.10 -42.90
N THR A 510 -1.10 0.09 -42.40
CA THR A 510 -0.52 -1.15 -41.84
C THR A 510 -0.54 -2.34 -42.82
N LEU A 511 -1.74 -2.60 -43.38
CA LEU A 511 -1.95 -3.64 -44.41
C LEU A 511 -1.69 -3.10 -45.84
N ARG A 512 -1.78 -1.78 -46.02
CA ARG A 512 -1.52 -1.14 -47.30
C ARG A 512 -0.03 -1.15 -47.69
N SER A 513 0.86 -0.86 -46.73
CA SER A 513 2.31 -0.87 -47.00
C SER A 513 2.87 -2.27 -47.33
N ALA A 514 2.23 -3.30 -46.79
CA ALA A 514 2.56 -4.70 -47.11
C ALA A 514 1.97 -5.12 -48.46
N LYS A 515 0.74 -4.67 -48.74
CA LYS A 515 0.07 -4.91 -50.03
C LYS A 515 0.76 -4.18 -51.18
N LEU A 516 1.22 -2.94 -50.94
CA LEU A 516 1.94 -2.13 -51.93
C LEU A 516 3.25 -2.78 -52.37
N PHE A 517 4.06 -3.20 -51.40
CA PHE A 517 5.37 -3.84 -51.68
C PHE A 517 5.23 -5.26 -52.23
N PHE A 518 4.07 -5.89 -52.05
CA PHE A 518 3.75 -7.17 -52.70
C PHE A 518 3.60 -6.99 -54.23
N ASP A 519 2.85 -5.97 -54.65
CA ASP A 519 2.61 -5.69 -56.07
C ASP A 519 3.76 -4.93 -56.76
N LEU A 520 4.37 -3.97 -56.05
CA LEU A 520 5.49 -3.19 -56.62
C LEU A 520 6.78 -3.99 -56.84
N PHE A 521 6.98 -5.07 -56.07
CA PHE A 521 8.12 -5.96 -56.27
C PHE A 521 7.96 -6.81 -57.54
N LEU A 522 6.72 -7.19 -57.84
CA LEU A 522 6.40 -7.87 -59.11
C LEU A 522 6.45 -6.89 -60.30
N SER A 523 6.01 -5.66 -60.07
CA SER A 523 6.05 -4.59 -61.08
C SER A 523 7.47 -4.15 -61.45
N SER A 524 8.42 -4.29 -60.50
CA SER A 524 9.82 -3.96 -60.73
C SER A 524 10.53 -5.00 -61.61
N PHE A 525 10.21 -6.27 -61.40
CA PHE A 525 10.71 -7.38 -62.23
C PHE A 525 9.80 -7.72 -63.44
N GLN A 526 8.85 -6.83 -63.73
CA GLN A 526 7.93 -6.98 -64.85
C GLN A 526 8.68 -6.83 -66.18
N GLY A 527 9.52 -5.80 -66.26
CA GLY A 527 10.35 -5.55 -67.45
C GLY A 527 11.40 -6.63 -67.74
N LEU A 528 11.86 -7.31 -66.70
CA LEU A 528 12.81 -8.42 -66.85
C LEU A 528 12.14 -9.66 -67.43
N LEU A 529 10.95 -9.96 -66.95
CA LEU A 529 10.15 -11.11 -67.43
C LEU A 529 9.84 -10.98 -68.94
N VAL A 530 9.43 -9.78 -69.35
CA VAL A 530 9.09 -9.49 -70.77
C VAL A 530 10.32 -9.69 -71.66
N ALA A 531 11.48 -9.20 -71.21
CA ALA A 531 12.73 -9.34 -71.96
C ALA A 531 13.23 -10.78 -72.05
N VAL A 532 13.13 -11.54 -70.96
CA VAL A 532 13.64 -12.91 -70.91
C VAL A 532 12.88 -13.86 -71.84
N LEU A 533 11.54 -13.91 -71.70
CA LEU A 533 10.72 -14.86 -72.46
C LEU A 533 10.58 -14.52 -73.96
N TYR A 534 10.78 -13.27 -74.35
CA TYR A 534 10.69 -12.86 -75.79
C TYR A 534 12.02 -12.83 -76.56
N CYS A 535 13.13 -12.51 -75.87
CA CYS A 535 14.46 -12.38 -76.54
C CYS A 535 15.45 -13.46 -76.11
N PHE A 536 15.66 -13.60 -74.80
CA PHE A 536 16.67 -14.52 -74.26
C PHE A 536 16.30 -16.02 -74.36
N LEU A 537 15.01 -16.33 -74.18
CA LEU A 537 14.49 -17.71 -74.35
C LEU A 537 14.15 -18.07 -75.81
N ASN A 538 14.15 -17.06 -76.68
CA ASN A 538 13.86 -17.23 -78.12
C ASN A 538 14.92 -18.12 -78.80
N LYS A 539 14.49 -19.22 -79.42
CA LYS A 539 15.40 -20.18 -80.05
C LYS A 539 16.12 -19.62 -81.29
N GLU A 540 15.36 -18.92 -82.14
CA GLU A 540 15.91 -18.21 -83.31
C GLU A 540 17.07 -17.24 -83.01
N VAL A 541 16.99 -16.52 -81.89
CA VAL A 541 18.06 -15.60 -81.44
C VAL A 541 19.20 -16.36 -80.79
N GLN A 542 18.86 -17.44 -80.11
CA GLN A 542 19.85 -18.35 -79.52
C GLN A 542 20.73 -19.03 -80.59
N SER A 543 20.14 -19.35 -81.74
CA SER A 543 20.89 -19.93 -82.88
C SER A 543 21.88 -18.94 -83.51
N GLU A 544 21.44 -17.69 -83.67
CA GLU A 544 22.30 -16.61 -84.19
C GLU A 544 23.36 -16.16 -83.19
N LEU A 545 23.06 -16.30 -81.90
CA LEU A 545 24.05 -16.06 -80.83
C LEU A 545 25.22 -17.07 -80.89
N ARG A 546 24.88 -18.34 -81.10
CA ARG A 546 25.87 -19.41 -81.30
C ARG A 546 26.64 -19.25 -82.62
N ARG A 547 25.98 -18.73 -83.65
CA ARG A 547 26.59 -18.46 -84.96
C ARG A 547 27.59 -17.30 -84.90
N ARG A 548 27.20 -16.22 -84.21
CA ARG A 548 28.04 -15.03 -84.06
C ARG A 548 29.23 -15.24 -83.09
N TRP A 549 29.03 -16.08 -82.08
CA TRP A 549 30.04 -16.36 -81.05
C TRP A 549 31.05 -17.47 -81.46
N HIS A 550 30.58 -18.52 -82.13
CA HIS A 550 31.47 -19.64 -82.52
C HIS A 550 32.44 -19.30 -83.67
N ARG A 551 32.18 -18.21 -84.40
CA ARG A 551 33.07 -17.73 -85.47
C ARG A 551 34.51 -17.42 -85.03
N TRP A 552 34.67 -16.99 -83.77
CA TRP A 552 35.97 -16.69 -83.17
C TRP A 552 36.32 -17.73 -82.10
N GLY B 1 -26.73 2.55 45.43
CA GLY B 1 -25.72 3.46 44.84
C GLY B 1 -25.76 4.88 45.43
N ALA B 2 -25.31 5.90 44.69
CA ALA B 2 -24.88 5.83 43.29
C ALA B 2 -23.73 6.83 43.02
N PRO B 3 -22.75 6.48 42.15
CA PRO B 3 -21.72 7.47 41.79
C PRO B 3 -22.26 8.51 40.81
N GLN B 4 -22.70 9.63 41.35
CA GLN B 4 -23.32 10.71 40.57
C GLN B 4 -22.39 11.43 39.60
N VAL B 5 -21.06 11.26 39.73
CA VAL B 5 -20.13 12.00 38.86
C VAL B 5 -20.28 11.52 37.41
N MET B 6 -20.13 10.22 37.19
CA MET B 6 -20.33 9.60 35.86
C MET B 6 -21.78 9.60 35.38
N ASP B 7 -22.75 9.71 36.29
CA ASP B 7 -24.17 9.75 35.93
C ASP B 7 -24.55 11.02 35.16
N PHE B 8 -24.00 12.16 35.58
CA PHE B 8 -24.22 13.43 34.86
C PHE B 8 -23.56 13.40 33.47
N LEU B 9 -22.35 12.84 33.38
CA LEU B 9 -21.62 12.71 32.11
C LEU B 9 -22.35 11.79 31.14
N PHE B 10 -22.85 10.67 31.66
CA PHE B 10 -23.62 9.71 30.87
C PHE B 10 -24.90 10.34 30.29
N GLU B 11 -25.49 11.26 31.06
CA GLU B 11 -26.70 11.99 30.62
C GLU B 11 -26.36 13.01 29.53
N LYS B 12 -25.22 13.68 29.68
CA LYS B 12 -24.72 14.61 28.66
C LYS B 12 -24.34 13.89 27.36
N TRP B 13 -23.72 12.70 27.50
CA TRP B 13 -23.31 11.88 26.35
C TRP B 13 -24.49 11.36 25.56
N LYS B 14 -25.52 10.91 26.28
CA LYS B 14 -26.76 10.46 25.68
C LYS B 14 -27.45 11.62 24.95
N LEU B 15 -27.40 12.80 25.56
CA LEU B 15 -27.93 14.03 24.95
C LEU B 15 -27.19 14.39 23.66
N TYR B 16 -25.86 14.25 23.66
CA TYR B 16 -25.03 14.50 22.47
C TYR B 16 -25.33 13.51 21.34
N GLY B 17 -25.52 12.24 21.71
CA GLY B 17 -25.89 11.19 20.76
C GLY B 17 -27.25 11.45 20.12
N ASP B 18 -28.24 11.77 20.96
CA ASP B 18 -29.58 12.12 20.46
C ASP B 18 -29.52 13.35 19.54
N GLN B 19 -28.78 14.37 19.99
CA GLN B 19 -28.62 15.63 19.27
C GLN B 19 -27.92 15.45 17.92
N CYS B 20 -26.96 14.51 17.88
CA CYS B 20 -26.21 14.22 16.65
C CYS B 20 -27.08 13.49 15.61
N HIS B 21 -27.87 12.50 16.06
CA HIS B 21 -28.73 11.70 15.16
C HIS B 21 -29.83 12.54 14.46
N HIS B 22 -30.22 13.65 15.07
CA HIS B 22 -31.16 14.60 14.48
C HIS B 22 -30.48 15.57 13.50
N ASN B 23 -29.28 16.03 13.82
CA ASN B 23 -28.51 16.91 12.93
C ASN B 23 -28.07 16.25 11.62
N LEU B 24 -27.79 14.95 11.67
CA LEU B 24 -27.45 14.15 10.48
C LEU B 24 -28.69 13.73 9.68
N SER B 25 -29.85 13.74 10.32
CA SER B 25 -31.13 13.40 9.68
C SER B 25 -31.59 14.48 8.68
N LEU B 26 -31.54 15.74 9.10
CA LEU B 26 -31.97 16.88 8.27
C LEU B 26 -31.14 17.15 6.99
N LEU B 27 -29.89 16.69 6.94
CA LEU B 27 -29.01 16.89 5.77
C LEU B 27 -29.47 16.04 4.56
N PRO B 28 -29.17 16.51 3.33
CA PRO B 28 -29.63 15.79 2.12
C PRO B 28 -28.86 14.49 1.84
N PRO B 29 -29.48 13.50 1.15
CA PRO B 29 -28.79 12.25 0.80
C PRO B 29 -27.58 12.44 -0.14
N PRO B 30 -26.56 11.54 -0.08
CA PRO B 30 -25.37 11.72 -0.91
C PRO B 30 -25.56 11.30 -2.36
N THR B 31 -24.92 12.01 -3.28
CA THR B 31 -24.95 11.71 -4.73
C THR B 31 -23.67 11.02 -5.24
N GLU B 32 -22.68 10.84 -4.35
CA GLU B 32 -21.45 10.08 -4.66
C GLU B 32 -21.29 8.95 -3.65
N LEU B 33 -20.41 7.99 -3.98
CA LEU B 33 -20.01 6.92 -3.06
C LEU B 33 -19.02 7.48 -2.03
N VAL B 34 -19.56 8.02 -0.94
CA VAL B 34 -18.77 8.66 0.12
C VAL B 34 -18.98 7.94 1.46
N CYS B 35 -18.09 8.21 2.41
CA CYS B 35 -18.14 7.59 3.73
C CYS B 35 -19.40 8.02 4.47
N ASN B 36 -20.36 7.12 4.56
CA ASN B 36 -21.65 7.37 5.22
C ASN B 36 -21.53 8.11 6.55
N ARG B 37 -22.31 9.19 6.71
CA ARG B 37 -22.34 9.94 7.97
C ARG B 37 -22.75 9.04 9.14
N THR B 38 -22.04 9.16 10.26
CA THR B 38 -22.30 8.29 11.42
C THR B 38 -21.87 8.89 12.76
N PHE B 39 -22.51 8.40 13.82
CA PHE B 39 -22.09 8.69 15.20
C PHE B 39 -21.29 7.49 15.71
N ASP B 40 -19.97 7.67 15.82
CA ASP B 40 -19.03 6.59 16.22
C ASP B 40 -18.81 6.52 17.75
N LYS B 41 -19.89 6.64 18.52
CA LYS B 41 -19.87 6.73 20.00
C LYS B 41 -19.01 7.85 20.63
N TYR B 42 -18.42 8.72 19.81
CA TYR B 42 -17.54 9.80 20.30
C TYR B 42 -17.79 11.17 19.69
N SER B 43 -17.99 11.25 18.37
CA SER B 43 -18.31 12.51 17.71
C SER B 43 -19.29 12.39 16.54
N CYS B 44 -19.82 13.53 16.12
CA CYS B 44 -20.79 13.62 15.01
C CYS B 44 -20.05 13.84 13.71
N TRP B 45 -20.10 12.86 12.81
CA TRP B 45 -19.33 12.91 11.56
C TRP B 45 -20.24 13.00 10.32
N PRO B 46 -20.00 14.03 9.46
CA PRO B 46 -20.77 14.14 8.22
C PRO B 46 -20.13 13.32 7.09
N ASP B 47 -20.82 13.27 5.95
CA ASP B 47 -20.35 12.52 4.77
C ASP B 47 -18.99 13.05 4.26
N THR B 48 -18.02 12.13 4.10
CA THR B 48 -16.65 12.48 3.73
C THR B 48 -16.23 11.70 2.47
N PRO B 49 -15.53 12.36 1.51
CA PRO B 49 -15.11 11.63 0.30
C PRO B 49 -13.98 10.65 0.57
N ALA B 50 -13.94 9.58 -0.24
CA ALA B 50 -12.93 8.53 -0.11
C ALA B 50 -11.49 9.06 -0.28
N ASN B 51 -10.55 8.33 0.33
CA ASN B 51 -9.11 8.70 0.33
C ASN B 51 -8.82 10.08 0.93
N THR B 52 -9.65 10.53 1.87
CA THR B 52 -9.53 11.85 2.51
C THR B 52 -9.82 11.75 4.01
N THR B 53 -9.04 12.45 4.81
CA THR B 53 -9.22 12.47 6.28
C THR B 53 -10.16 13.62 6.69
N ALA B 54 -11.10 13.33 7.59
CA ALA B 54 -12.09 14.32 8.06
C ALA B 54 -11.68 14.88 9.42
N ASN B 55 -12.32 15.98 9.81
CA ASN B 55 -12.14 16.53 11.16
C ASN B 55 -13.35 17.31 11.67
N ILE B 56 -13.53 17.27 12.99
CA ILE B 56 -14.59 18.02 13.67
C ILE B 56 -14.06 18.40 15.07
N SER B 57 -14.58 19.51 15.62
CA SER B 57 -14.19 20.03 16.94
C SER B 57 -14.51 19.05 18.07
N CYS B 58 -13.68 19.05 19.10
CA CYS B 58 -13.79 18.10 20.22
C CYS B 58 -15.16 18.19 20.88
N PRO B 59 -15.79 17.05 21.18
CA PRO B 59 -17.20 17.06 21.60
C PRO B 59 -17.44 17.80 22.90
N TRP B 60 -18.59 18.47 22.99
CA TRP B 60 -18.91 19.32 24.14
C TRP B 60 -19.26 18.58 25.44
N TYR B 61 -19.60 17.30 25.36
CA TYR B 61 -19.98 16.52 26.57
C TYR B 61 -18.82 16.27 27.52
N LEU B 62 -17.59 16.30 27.02
CA LEU B 62 -16.38 16.08 27.84
C LEU B 62 -16.27 17.08 29.00
N PRO B 63 -15.77 16.64 30.18
CA PRO B 63 -15.62 17.56 31.32
C PRO B 63 -14.63 18.70 31.07
N TRP B 64 -13.58 18.40 30.29
CA TRP B 64 -12.51 19.35 29.98
C TRP B 64 -12.80 20.02 28.64
N HIS B 65 -14.04 20.47 28.47
CA HIS B 65 -14.52 21.03 27.20
C HIS B 65 -13.76 22.31 26.83
N HIS B 66 -13.84 23.32 27.69
CA HIS B 66 -13.20 24.63 27.44
C HIS B 66 -11.66 24.57 27.29
N LYS B 67 -11.03 23.54 27.83
CA LYS B 67 -9.57 23.36 27.71
C LYS B 67 -9.12 22.82 26.35
N VAL B 68 -9.98 22.08 25.67
CA VAL B 68 -9.68 21.54 24.33
C VAL B 68 -10.77 21.85 23.27
N GLN B 69 -11.57 22.90 23.50
CA GLN B 69 -12.59 23.31 22.52
C GLN B 69 -12.02 23.80 21.18
N HIS B 70 -10.84 24.43 21.24
CA HIS B 70 -10.11 24.85 20.03
C HIS B 70 -9.55 23.66 19.21
N ARG B 71 -9.28 22.54 19.88
CA ARG B 71 -8.68 21.36 19.26
C ARG B 71 -9.71 20.57 18.43
N PHE B 72 -9.24 19.69 17.54
CA PHE B 72 -10.11 18.88 16.66
C PHE B 72 -9.74 17.38 16.67
N VAL B 73 -10.78 16.53 16.67
CA VAL B 73 -10.62 15.06 16.52
C VAL B 73 -10.65 14.71 15.03
N PHE B 74 -9.97 13.62 14.64
CA PHE B 74 -9.87 13.21 13.22
C PHE B 74 -10.35 11.78 12.98
N LYS B 75 -10.85 11.52 11.76
CA LYS B 75 -11.29 10.19 11.34
C LYS B 75 -10.99 9.99 9.85
N ARG B 76 -10.22 8.95 9.54
CA ARG B 76 -9.79 8.65 8.17
C ARG B 76 -10.85 7.83 7.42
N CYS B 77 -11.14 8.24 6.18
CA CYS B 77 -12.03 7.51 5.26
C CYS B 77 -11.20 6.73 4.24
N GLY B 78 -11.56 5.48 4.01
CA GLY B 78 -10.79 4.57 3.15
C GLY B 78 -11.24 4.54 1.69
N PRO B 79 -10.51 3.79 0.83
CA PRO B 79 -10.89 3.68 -0.58
C PRO B 79 -12.18 2.87 -0.83
N ASP B 80 -12.46 1.90 0.05
CA ASP B 80 -13.66 1.05 -0.07
C ASP B 80 -14.97 1.85 -0.08
N GLY B 81 -14.93 3.06 0.48
CA GLY B 81 -16.12 3.88 0.74
C GLY B 81 -16.52 3.82 2.20
N GLN B 82 -15.89 2.90 2.96
CA GLN B 82 -16.25 2.60 4.34
C GLN B 82 -15.16 3.18 5.25
N TRP B 83 -15.56 3.68 6.42
CA TRP B 83 -14.62 4.29 7.36
C TRP B 83 -13.56 3.30 7.83
N VAL B 84 -12.37 3.80 8.14
CA VAL B 84 -11.27 2.94 8.61
C VAL B 84 -11.61 2.48 10.02
N ARG B 85 -11.59 1.15 10.21
CA ARG B 85 -11.99 0.52 11.47
C ARG B 85 -10.77 0.09 12.29
N GLY B 86 -11.02 -0.20 13.57
CA GLY B 86 -10.01 -0.70 14.50
C GLY B 86 -9.77 -2.21 14.35
N PRO B 87 -9.02 -2.82 15.29
CA PRO B 87 -8.68 -4.26 15.21
C PRO B 87 -9.88 -5.22 15.28
N ARG B 88 -10.89 -4.87 16.10
CA ARG B 88 -12.11 -5.66 16.25
C ARG B 88 -13.30 -5.13 15.44
N GLY B 89 -12.99 -4.29 14.45
CA GLY B 89 -14.04 -3.68 13.61
C GLY B 89 -14.69 -2.45 14.19
N GLN B 90 -14.22 -2.03 15.38
CA GLN B 90 -14.79 -0.87 16.06
C GLN B 90 -14.47 0.41 15.29
N PRO B 91 -15.12 1.54 15.63
CA PRO B 91 -14.77 2.74 14.91
C PRO B 91 -13.43 3.27 15.34
N TRP B 92 -12.62 3.73 14.38
CA TRP B 92 -11.22 4.19 14.65
C TRP B 92 -11.08 5.69 14.40
N ARG B 93 -10.78 6.46 15.46
CA ARG B 93 -10.58 7.91 15.35
C ARG B 93 -9.37 8.38 16.15
N ASP B 94 -8.76 9.47 15.67
CA ASP B 94 -7.54 10.06 16.28
C ASP B 94 -7.99 11.15 17.24
N ALA B 95 -8.15 10.79 18.51
CA ALA B 95 -8.60 11.71 19.55
C ALA B 95 -7.45 12.07 20.48
N SER B 96 -6.25 12.24 19.92
CA SER B 96 -5.06 12.63 20.69
C SER B 96 -5.16 14.06 21.19
N GLN B 97 -5.78 14.92 20.38
CA GLN B 97 -5.93 16.33 20.74
C GLN B 97 -6.96 16.56 21.85
N CYS B 98 -8.08 15.83 21.80
CA CYS B 98 -9.17 16.00 22.78
C CYS B 98 -8.94 15.26 24.11
N GLN B 99 -7.81 14.58 24.25
CA GLN B 99 -7.57 13.73 25.43
C GLN B 99 -7.41 14.57 26.70
N MET B 100 -7.66 13.94 27.85
CA MET B 100 -7.55 14.59 29.17
C MET B 100 -6.13 14.98 29.54
N ASP B 101 -6.02 15.87 30.52
CA ASP B 101 -4.72 16.28 31.07
C ASP B 101 -4.49 15.54 32.37
N GLY B 102 -4.24 14.25 32.23
CA GLY B 102 -4.08 13.33 33.35
C GLY B 102 -4.10 11.89 32.85
N GLU B 103 -4.17 10.94 33.78
CA GLU B 103 -4.20 9.51 33.43
C GLU B 103 -5.22 8.76 34.28
N GLU B 104 -5.94 7.85 33.64
CA GLU B 104 -6.91 7.01 34.34
C GLU B 104 -6.18 5.88 35.05
N ILE B 105 -5.93 6.08 36.35
CA ILE B 105 -5.22 5.11 37.19
C ILE B 105 -6.15 3.96 37.57
N GLU B 106 -5.75 2.74 37.19
CA GLU B 106 -6.54 1.54 37.47
C GLU B 106 -6.26 1.03 38.88
N VAL B 107 -7.29 0.44 39.48
CA VAL B 107 -7.20 -0.19 40.81
C VAL B 107 -8.03 -1.49 40.76
N GLN B 108 -7.39 -2.61 41.06
CA GLN B 108 -8.01 -3.95 40.96
C GLN B 108 -9.28 -4.13 41.79
N LYS B 109 -10.15 -5.05 41.33
CA LYS B 109 -11.47 -5.32 41.91
C LYS B 109 -11.53 -5.32 43.44
N GLU B 110 -10.63 -6.08 44.05
CA GLU B 110 -10.60 -6.23 45.51
C GLU B 110 -9.87 -5.07 46.18
N VAL B 111 -8.85 -4.52 45.51
CA VAL B 111 -8.05 -3.42 46.05
C VAL B 111 -8.90 -2.15 46.12
N ALA B 112 -9.68 -1.89 45.09
CA ALA B 112 -10.62 -0.75 45.06
C ALA B 112 -11.80 -0.92 46.04
N LYS B 113 -12.29 -2.14 46.22
CA LYS B 113 -13.40 -2.41 47.17
C LYS B 113 -12.96 -2.31 48.63
N MET B 114 -11.70 -2.66 48.88
CA MET B 114 -11.10 -2.55 50.20
C MET B 114 -10.82 -1.10 50.51
N TYR B 115 -10.34 -0.36 49.52
CA TYR B 115 -10.03 1.08 49.63
C TYR B 115 -11.27 1.91 50.02
N SER B 116 -12.37 1.72 49.29
CA SER B 116 -13.63 2.42 49.54
C SER B 116 -14.28 2.03 50.87
N SER B 117 -14.12 0.77 51.26
CA SER B 117 -14.65 0.28 52.56
C SER B 117 -13.92 0.93 53.73
N PHE B 118 -12.59 0.96 53.65
CA PHE B 118 -11.75 1.63 54.66
C PHE B 118 -11.79 3.16 54.59
N GLN B 119 -12.24 3.72 53.47
CA GLN B 119 -12.43 5.18 53.32
C GLN B 119 -13.57 5.69 54.20
N VAL B 120 -14.65 4.92 54.30
CA VAL B 120 -15.81 5.29 55.13
C VAL B 120 -15.42 5.24 56.62
N MET B 121 -14.59 4.26 57.00
CA MET B 121 -14.05 4.17 58.37
C MET B 121 -13.25 5.41 58.76
N TYR B 122 -12.45 5.93 57.82
CA TYR B 122 -11.64 7.16 57.89
C TYR B 122 -12.47 8.46 57.88
N THR B 123 -13.55 8.45 57.10
CA THR B 123 -14.47 9.59 56.97
C THR B 123 -15.35 9.73 58.19
N VAL B 124 -15.93 8.61 58.65
CA VAL B 124 -16.75 8.58 59.87
C VAL B 124 -15.88 8.83 61.11
N GLY B 125 -14.65 8.30 61.11
CA GLY B 125 -13.68 8.53 62.19
C GLY B 125 -13.37 9.99 62.44
N TYR B 126 -13.02 10.71 61.37
CA TYR B 126 -12.76 12.16 61.45
C TYR B 126 -14.04 12.99 61.71
N SER B 127 -15.17 12.54 61.17
CA SER B 127 -16.46 13.22 61.39
C SER B 127 -16.92 13.11 62.85
N LEU B 128 -16.69 11.95 63.47
CA LEU B 128 -17.01 11.73 64.89
C LEU B 128 -16.10 12.57 65.78
N SER B 129 -14.83 12.68 65.39
CA SER B 129 -13.84 13.49 66.10
C SER B 129 -14.13 14.99 65.98
N LEU B 130 -14.43 15.44 64.77
CA LEU B 130 -14.81 16.84 64.50
C LEU B 130 -16.06 17.23 65.30
N GLY B 131 -17.06 16.34 65.30
CA GLY B 131 -18.29 16.52 66.09
C GLY B 131 -18.04 16.63 67.59
N ALA B 132 -17.08 15.85 68.09
CA ALA B 132 -16.66 15.91 69.50
C ALA B 132 -15.83 17.16 69.80
N LEU B 133 -14.94 17.52 68.86
CA LEU B 133 -14.11 18.73 68.98
C LEU B 133 -14.91 20.02 69.04
N LEU B 134 -15.86 20.17 68.11
CA LEU B 134 -16.74 21.35 68.06
C LEU B 134 -17.71 21.40 69.24
N LEU B 135 -18.08 20.23 69.79
CA LEU B 135 -18.95 20.14 70.98
C LEU B 135 -18.22 20.64 72.23
N ALA B 136 -16.95 20.26 72.36
CA ALA B 136 -16.09 20.71 73.47
C ALA B 136 -15.74 22.20 73.38
N LEU B 137 -15.50 22.69 72.16
CA LEU B 137 -15.23 24.12 71.93
C LEU B 137 -16.43 25.00 72.25
N ALA B 138 -17.64 24.52 71.95
CA ALA B 138 -18.89 25.22 72.31
C ALA B 138 -19.10 25.24 73.83
N ILE B 139 -18.70 24.16 74.53
CA ILE B 139 -18.78 24.08 75.98
C ILE B 139 -17.82 25.06 76.66
N LEU B 140 -16.53 24.92 76.39
CA LEU B 140 -15.50 25.78 77.01
C LEU B 140 -15.61 27.25 76.59
N GLY B 141 -15.88 27.46 75.31
CA GLY B 141 -16.24 28.78 74.77
C GLY B 141 -17.75 28.92 74.78
N GLY B 142 -18.32 29.07 75.98
CA GLY B 142 -19.77 29.12 76.18
C GLY B 142 -20.19 29.08 77.64
N LEU B 143 -19.56 28.21 78.43
CA LEU B 143 -19.82 28.09 79.89
C LEU B 143 -18.95 29.07 80.70
N SER B 144 -19.10 29.03 82.03
CA SER B 144 -18.48 30.00 82.95
C SER B 144 -16.96 30.25 82.76
N LYS B 145 -16.22 29.27 82.26
CA LYS B 145 -14.78 29.42 82.04
C LYS B 145 -14.47 30.13 80.71
N LEU B 146 -14.99 31.36 80.56
CA LEU B 146 -14.82 32.17 79.35
C LEU B 146 -13.49 32.91 79.34
N HIS B 147 -13.08 33.38 80.50
CA HIS B 147 -11.79 34.03 80.62
C HIS B 147 -10.83 33.18 81.47
N CYS B 148 -10.62 31.94 81.05
CA CYS B 148 -9.75 30.98 81.74
C CYS B 148 -8.38 30.86 81.06
N THR B 149 -7.33 30.64 81.87
CA THR B 149 -5.95 30.49 81.37
C THR B 149 -5.61 29.06 80.98
N ARG B 150 -6.18 28.09 81.70
CA ARG B 150 -5.94 26.67 81.43
C ARG B 150 -6.76 26.16 80.23
N ASN B 151 -8.02 26.58 80.14
CA ASN B 151 -8.90 26.20 79.02
C ASN B 151 -8.61 26.93 77.68
N ALA B 152 -7.85 28.02 77.74
CA ALA B 152 -7.43 28.74 76.53
C ALA B 152 -6.47 27.91 75.68
N ILE B 153 -5.49 27.27 76.33
CA ILE B 153 -4.53 26.38 75.65
C ILE B 153 -5.21 25.12 75.07
N HIS B 154 -6.26 24.63 75.73
CA HIS B 154 -7.04 23.49 75.23
C HIS B 154 -7.83 23.86 73.97
N ALA B 155 -8.47 25.02 74.01
CA ALA B 155 -9.27 25.52 72.87
C ALA B 155 -8.45 25.70 71.60
N ASN B 156 -7.25 26.27 71.75
CA ASN B 156 -6.30 26.41 70.64
C ASN B 156 -5.72 25.09 70.16
N LEU B 157 -5.55 24.13 71.07
CA LEU B 157 -5.15 22.76 70.73
C LEU B 157 -6.24 22.02 69.95
N PHE B 158 -7.50 22.19 70.38
CA PHE B 158 -8.63 21.63 69.64
C PHE B 158 -8.78 22.31 68.26
N ALA B 159 -8.55 23.61 68.21
CA ALA B 159 -8.66 24.41 66.97
C ALA B 159 -7.77 23.89 65.84
N SER B 160 -6.56 23.45 66.17
CA SER B 160 -5.64 22.86 65.18
C SER B 160 -6.14 21.50 64.68
N PHE B 161 -6.77 20.73 65.58
CA PHE B 161 -7.40 19.45 65.21
C PHE B 161 -8.67 19.62 64.38
N VAL B 162 -9.44 20.67 64.65
CA VAL B 162 -10.63 21.01 63.86
C VAL B 162 -10.26 21.32 62.42
N LEU B 163 -9.16 22.07 62.24
CA LEU B 163 -8.60 22.35 60.91
C LEU B 163 -8.05 21.11 60.21
N LYS B 164 -7.42 20.22 60.97
CA LYS B 164 -6.92 18.96 60.45
C LYS B 164 -8.08 18.06 60.00
N ALA B 165 -9.12 17.96 60.85
CA ALA B 165 -10.33 17.18 60.53
C ALA B 165 -11.15 17.81 59.40
N SER B 166 -11.13 19.13 59.30
CA SER B 166 -11.79 19.86 58.21
C SER B 166 -11.10 19.65 56.87
N SER B 167 -9.77 19.75 56.86
CA SER B 167 -8.97 19.61 55.64
C SER B 167 -9.08 18.23 55.00
N VAL B 168 -9.08 17.19 55.82
CA VAL B 168 -9.22 15.80 55.34
C VAL B 168 -10.61 15.57 54.73
N LEU B 169 -11.66 16.04 55.41
CA LEU B 169 -13.03 15.95 54.86
C LEU B 169 -13.24 16.74 53.55
N VAL B 170 -12.53 17.86 53.40
CA VAL B 170 -12.57 18.65 52.16
C VAL B 170 -11.83 17.93 51.04
N ILE B 171 -10.60 17.47 51.32
CA ILE B 171 -9.78 16.74 50.35
C ILE B 171 -10.47 15.45 49.85
N ASP B 172 -11.03 14.66 50.77
CA ASP B 172 -11.81 13.47 50.41
C ASP B 172 -13.07 13.82 49.60
N GLY B 173 -13.72 14.93 49.98
CA GLY B 173 -14.88 15.44 49.27
C GLY B 173 -14.58 15.94 47.88
N LEU B 174 -13.37 16.49 47.71
CA LEU B 174 -12.88 16.94 46.40
C LEU B 174 -12.27 15.80 45.57
N LEU B 175 -11.77 14.75 46.23
CA LEU B 175 -11.29 13.54 45.53
C LEU B 175 -12.43 12.63 45.05
N ARG B 176 -13.61 12.77 45.65
CA ARG B 176 -14.81 12.01 45.27
C ARG B 176 -15.54 12.59 44.05
N THR B 177 -15.02 13.69 43.49
CA THR B 177 -15.57 14.27 42.27
C THR B 177 -14.84 13.77 41.01
N ARG B 178 -13.95 12.79 41.17
CA ARG B 178 -13.27 12.15 40.05
C ARG B 178 -14.17 11.09 39.40
N TYR B 179 -13.97 10.88 38.09
CA TYR B 179 -14.76 9.95 37.30
C TYR B 179 -14.15 8.55 37.41
N SER B 180 -14.92 7.61 37.93
CA SER B 180 -14.49 6.22 38.07
C SER B 180 -15.38 5.28 37.25
N GLN B 181 -14.75 4.32 36.55
CA GLN B 181 -15.46 3.33 35.75
C GLN B 181 -14.72 1.98 35.75
N LYS B 182 -15.48 0.88 35.69
CA LYS B 182 -14.91 -0.46 35.72
C LYS B 182 -14.46 -0.93 34.34
N ILE B 183 -13.15 -1.14 34.18
CA ILE B 183 -12.56 -1.73 32.97
C ILE B 183 -12.26 -3.21 33.27
N GLY B 184 -13.28 -4.06 33.07
CA GLY B 184 -13.15 -5.49 33.30
C GLY B 184 -13.02 -5.84 34.78
N ASP B 185 -11.79 -6.13 35.22
CA ASP B 185 -11.53 -6.41 36.64
C ASP B 185 -11.22 -5.11 37.40
N ASP B 186 -10.42 -4.24 36.78
CA ASP B 186 -9.97 -3.00 37.45
C ASP B 186 -11.01 -1.88 37.42
N LEU B 187 -10.91 -1.01 38.42
CA LEU B 187 -11.71 0.22 38.52
C LEU B 187 -10.80 1.40 38.19
N SER B 188 -11.03 2.01 37.03
CA SER B 188 -10.19 3.09 36.53
C SER B 188 -10.74 4.44 36.99
N VAL B 189 -9.96 5.14 37.81
CA VAL B 189 -10.31 6.45 38.34
C VAL B 189 -9.44 7.50 37.64
N SER B 190 -10.10 8.49 37.02
CA SER B 190 -9.41 9.56 36.28
C SER B 190 -8.81 10.59 37.24
N THR B 191 -7.56 10.94 37.02
CA THR B 191 -6.86 11.95 37.84
C THR B 191 -7.33 13.37 37.58
N TRP B 192 -8.23 13.59 36.62
CA TRP B 192 -8.71 14.93 36.29
C TRP B 192 -9.62 15.50 37.38
N LEU B 193 -9.39 16.78 37.67
CA LEU B 193 -10.18 17.57 38.59
C LEU B 193 -10.46 18.94 37.96
N SER B 194 -11.59 19.51 38.33
CA SER B 194 -11.98 20.85 37.87
C SER B 194 -11.02 21.93 38.35
N ASP B 195 -10.90 23.01 37.59
CA ASP B 195 -10.02 24.15 37.95
C ASP B 195 -10.30 24.73 39.35
N GLY B 196 -11.57 24.75 39.76
CA GLY B 196 -11.97 25.10 41.13
C GLY B 196 -11.66 24.05 42.20
N ALA B 197 -11.53 22.79 41.76
CA ALA B 197 -11.15 21.67 42.63
C ALA B 197 -9.63 21.45 42.74
N VAL B 198 -8.89 21.80 41.68
CA VAL B 198 -7.41 21.69 41.69
C VAL B 198 -6.82 22.70 42.69
N ALA B 199 -7.28 23.95 42.60
CA ALA B 199 -6.89 25.00 43.54
C ALA B 199 -7.49 24.77 44.94
N GLY B 200 -8.72 24.28 44.99
CA GLY B 200 -9.43 24.04 46.26
C GLY B 200 -8.76 23.02 47.18
N CYS B 201 -8.26 21.92 46.61
CA CYS B 201 -7.56 20.89 47.40
C CYS B 201 -6.12 21.27 47.72
N ARG B 202 -5.51 22.10 46.86
CA ARG B 202 -4.14 22.62 47.10
C ARG B 202 -4.10 23.53 48.35
N VAL B 203 -5.12 24.38 48.50
CA VAL B 203 -5.29 25.22 49.69
C VAL B 203 -5.56 24.34 50.90
N ALA B 204 -6.45 23.36 50.74
CA ALA B 204 -6.75 22.39 51.80
C ALA B 204 -5.53 21.58 52.24
N ALA B 205 -4.63 21.27 51.31
CA ALA B 205 -3.38 20.58 51.61
C ALA B 205 -2.43 21.43 52.48
N VAL B 206 -2.40 22.73 52.21
CA VAL B 206 -1.65 23.69 53.04
C VAL B 206 -2.26 23.77 54.44
N PHE B 207 -3.58 23.93 54.50
CA PHE B 207 -4.32 23.96 55.77
C PHE B 207 -4.23 22.64 56.56
N MET B 208 -4.04 21.52 55.87
CA MET B 208 -3.84 20.22 56.53
C MET B 208 -2.44 20.14 57.13
N GLN B 209 -1.42 20.46 56.34
CA GLN B 209 -0.02 20.44 56.82
C GLN B 209 0.24 21.43 57.93
N TYR B 210 -0.36 22.62 57.81
CA TYR B 210 -0.34 23.65 58.87
C TYR B 210 -0.98 23.14 60.18
N GLY B 211 -2.08 22.39 60.03
CA GLY B 211 -2.74 21.74 61.16
C GLY B 211 -1.92 20.64 61.82
N ILE B 212 -1.28 19.81 61.00
CA ILE B 212 -0.46 18.66 61.50
C ILE B 212 0.74 19.13 62.34
N VAL B 213 1.38 20.22 61.92
CA VAL B 213 2.51 20.80 62.67
C VAL B 213 1.99 21.49 63.94
N ALA B 214 0.90 22.24 63.80
CA ALA B 214 0.28 22.95 64.94
C ALA B 214 -0.22 22.02 66.06
N ASN B 215 -0.69 20.82 65.69
CA ASN B 215 -1.12 19.82 66.68
C ASN B 215 -0.01 19.45 67.65
N TYR B 216 1.19 19.20 67.12
CA TYR B 216 2.36 18.85 67.93
C TYR B 216 3.04 20.07 68.57
N CYS B 217 2.83 21.25 67.99
CA CYS B 217 3.27 22.51 68.59
C CYS B 217 2.42 22.86 69.82
N TRP B 218 1.10 22.75 69.71
CA TRP B 218 0.21 22.94 70.87
C TRP B 218 0.24 21.79 71.86
N LEU B 219 0.73 20.62 71.42
CA LEU B 219 1.04 19.50 72.32
C LEU B 219 2.28 19.81 73.17
N LEU B 220 3.23 20.52 72.57
CA LEU B 220 4.41 21.03 73.30
C LEU B 220 4.03 22.13 74.30
N VAL B 221 3.07 22.98 73.92
CA VAL B 221 2.55 24.03 74.81
C VAL B 221 1.84 23.41 76.02
N GLU B 222 1.07 22.34 75.80
CA GLU B 222 0.45 21.56 76.88
C GLU B 222 1.47 20.96 77.85
N GLY B 223 2.58 20.46 77.31
CA GLY B 223 3.67 19.92 78.10
C GLY B 223 4.45 21.00 78.84
N LEU B 224 4.78 22.07 78.13
CA LEU B 224 5.43 23.26 78.72
C LEU B 224 4.58 23.94 79.79
N TYR B 225 3.25 23.88 79.64
CA TYR B 225 2.34 24.48 80.61
C TYR B 225 2.49 23.82 81.98
N LEU B 226 2.48 22.49 82.01
CA LEU B 226 2.72 21.75 83.27
C LEU B 226 4.13 21.99 83.85
N HIS B 227 5.14 22.01 82.98
CA HIS B 227 6.54 22.25 83.40
C HIS B 227 6.74 23.63 84.03
N ASN B 228 6.18 24.67 83.41
CA ASN B 228 6.29 26.05 83.92
C ASN B 228 5.36 26.34 85.10
N LEU B 229 4.18 25.71 85.12
CA LEU B 229 3.16 26.01 86.15
C LEU B 229 2.77 24.84 87.10
N LEU B 230 3.63 23.82 87.15
CA LEU B 230 3.82 22.92 88.30
C LEU B 230 5.25 22.92 88.89
N GLY B 231 6.21 23.26 88.04
CA GLY B 231 7.61 23.46 88.42
C GLY B 231 7.87 24.68 89.26
N LEU B 232 7.47 25.85 88.76
CA LEU B 232 7.55 27.11 89.51
C LEU B 232 6.20 27.31 90.19
N ALA B 233 6.20 27.35 91.52
CA ALA B 233 4.93 27.53 92.29
C ALA B 233 4.19 28.85 91.95
N ASN B 234 4.64 30.06 92.33
CA ASN B 234 5.92 30.43 93.02
C ASN B 234 5.91 31.90 93.44
N ILE B 235 6.20 32.19 94.71
CA ILE B 235 6.13 33.56 95.24
C ILE B 235 7.19 34.50 94.63
N PHE B 236 8.35 33.93 94.32
CA PHE B 236 9.44 34.64 93.62
C PHE B 236 9.09 35.00 92.17
N GLU B 237 8.46 34.09 91.44
CA GLU B 237 8.06 34.35 90.04
C GLU B 237 6.96 35.40 89.83
N MET B 238 5.99 35.45 90.74
CA MET B 238 4.99 36.53 90.72
C MET B 238 5.57 37.86 91.20
N LEU B 239 6.54 37.80 92.13
CA LEU B 239 7.29 39.00 92.53
C LEU B 239 8.16 39.50 91.38
N ARG B 240 8.83 38.59 90.69
CA ARG B 240 9.69 38.92 89.52
C ARG B 240 8.88 39.49 88.35
N ILE B 241 7.72 38.90 88.07
CA ILE B 241 6.82 39.37 87.01
C ILE B 241 6.15 40.71 87.33
N ASP B 242 6.14 41.08 88.62
CA ASP B 242 5.73 42.40 89.06
C ASP B 242 6.93 43.19 89.62
N GLU B 243 7.98 43.32 88.80
CA GLU B 243 9.24 43.95 89.24
C GLU B 243 9.84 43.38 90.53
N LEU B 298 19.56 35.43 99.81
CA LEU B 298 19.11 36.83 100.03
C LEU B 298 17.65 37.11 99.62
N PHE B 299 17.20 36.51 98.52
CA PHE B 299 15.84 36.70 97.99
C PHE B 299 14.81 36.05 98.94
N ASN B 300 15.06 34.79 99.30
CA ASN B 300 14.23 34.06 100.25
C ASN B 300 14.09 34.76 101.61
N GLN B 301 15.19 35.34 102.09
CA GLN B 301 15.23 36.07 103.37
C GLN B 301 14.45 37.39 103.34
N ASP B 302 14.40 38.03 102.17
CA ASP B 302 13.54 39.23 102.00
C ASP B 302 12.05 38.90 102.17
N VAL B 303 11.65 37.71 101.70
CA VAL B 303 10.25 37.24 101.83
C VAL B 303 9.96 36.90 103.29
N ASP B 304 10.92 36.28 103.97
CA ASP B 304 10.84 36.00 105.43
C ASP B 304 10.68 37.28 106.26
N ALA B 305 11.38 38.35 105.86
CA ALA B 305 11.30 39.65 106.54
C ALA B 305 9.94 40.36 106.31
N ALA B 306 9.34 40.12 105.15
CA ALA B 306 7.98 40.62 104.84
C ALA B 306 6.90 39.90 105.67
N VAL B 307 7.04 38.58 105.82
CA VAL B 307 6.12 37.75 106.63
C VAL B 307 6.26 38.11 108.12
N ARG B 308 7.50 38.29 108.56
CA ARG B 308 7.80 38.78 109.91
C ARG B 308 7.14 40.15 110.21
N GLY B 309 7.10 41.03 109.21
CA GLY B 309 6.44 42.34 109.33
C GLY B 309 4.92 42.26 109.37
N ILE B 310 4.34 41.37 108.57
CA ILE B 310 2.89 41.14 108.55
C ILE B 310 2.40 40.63 109.91
N LEU B 311 3.16 39.72 110.52
CA LEU B 311 2.82 39.19 111.86
C LEU B 311 3.07 40.16 113.03
N ARG B 312 3.89 41.19 112.82
CA ARG B 312 4.13 42.25 113.83
C ARG B 312 3.13 43.42 113.76
N ASN B 313 2.26 43.41 112.75
CA ASN B 313 1.22 44.42 112.57
C ASN B 313 -0.12 43.81 112.97
N ALA B 314 -0.80 44.44 113.92
CA ALA B 314 -2.04 43.91 114.49
C ALA B 314 -3.20 43.80 113.50
N LYS B 315 -3.20 44.68 112.50
CA LYS B 315 -4.27 44.71 111.48
C LYS B 315 -4.05 43.69 110.37
N LEU B 316 -2.79 43.39 110.07
CA LEU B 316 -2.40 42.48 108.97
C LEU B 316 -2.33 40.99 109.37
N LYS B 317 -2.16 40.70 110.66
CA LYS B 317 -1.99 39.31 111.15
C LYS B 317 -3.21 38.37 110.96
N PRO B 318 -4.42 38.75 111.46
CA PRO B 318 -5.59 37.87 111.28
C PRO B 318 -6.02 37.64 109.82
N VAL B 319 -5.77 38.61 108.95
CA VAL B 319 -6.13 38.50 107.53
C VAL B 319 -5.18 37.52 106.85
N TYR B 320 -3.88 37.63 107.16
CA TYR B 320 -2.86 36.71 106.67
C TYR B 320 -3.07 35.28 107.13
N ASP B 321 -3.55 35.11 108.37
CA ASP B 321 -3.84 33.77 108.92
C ASP B 321 -5.02 33.08 108.23
N SER B 322 -6.08 33.86 107.99
CA SER B 322 -7.33 33.34 107.42
C SER B 322 -7.20 32.91 105.95
N LEU B 323 -6.27 33.54 105.22
CA LEU B 323 -6.07 33.27 103.79
C LEU B 323 -5.15 32.08 103.51
N ASP B 324 -5.42 31.38 102.40
CA ASP B 324 -4.62 30.23 101.95
C ASP B 324 -3.25 30.63 101.36
N ALA B 325 -2.41 29.63 101.12
CA ALA B 325 -1.02 29.82 100.64
C ALA B 325 -0.87 30.67 99.37
N VAL B 326 -1.79 30.52 98.43
CA VAL B 326 -1.75 31.26 97.17
C VAL B 326 -2.21 32.71 97.39
N ARG B 327 -3.28 32.88 98.17
CA ARG B 327 -3.78 34.22 98.54
C ARG B 327 -2.82 34.98 99.46
N ARG B 328 -2.08 34.25 100.30
CA ARG B 328 -1.05 34.84 101.15
C ARG B 328 0.05 35.50 100.30
N ALA B 329 0.48 34.81 99.24
CA ALA B 329 1.48 35.32 98.31
C ALA B 329 1.07 36.62 97.61
N ALA B 330 -0.24 36.83 97.43
CA ALA B 330 -0.78 38.09 96.91
C ALA B 330 -0.66 39.24 97.90
N LEU B 331 -0.79 38.94 99.20
CA LEU B 331 -0.66 39.96 100.25
C LEU B 331 0.81 40.28 100.54
N ILE B 332 1.69 39.29 100.43
CA ILE B 332 3.12 39.51 100.58
C ILE B 332 3.62 40.39 99.41
N ASN B 333 3.04 40.20 98.22
CA ASN B 333 3.29 41.04 97.04
C ASN B 333 2.97 42.53 97.27
N MET B 334 1.85 42.79 97.94
CA MET B 334 1.45 44.16 98.29
C MET B 334 2.39 44.80 99.31
N VAL B 335 2.75 44.03 100.34
CA VAL B 335 3.67 44.48 101.40
C VAL B 335 5.08 44.75 100.84
N PHE B 336 5.42 44.03 99.76
CA PHE B 336 6.67 44.28 99.03
C PHE B 336 6.69 45.65 98.37
N GLN B 337 5.61 45.96 97.66
CA GLN B 337 5.48 47.21 96.90
C GLN B 337 5.25 48.40 97.83
N MET B 338 4.29 48.26 98.74
CA MET B 338 3.88 49.32 99.65
C MET B 338 4.66 49.24 100.96
N GLY B 339 4.33 48.29 101.84
CA GLY B 339 4.90 48.20 103.18
C GLY B 339 3.83 47.90 104.22
N GLU B 340 4.26 47.62 105.45
CA GLU B 340 3.33 47.21 106.53
C GLU B 340 2.29 48.26 106.85
N THR B 341 2.74 49.52 107.01
CA THR B 341 1.83 50.64 107.29
C THR B 341 0.91 50.98 106.10
N GLY B 342 1.42 50.79 104.88
CA GLY B 342 0.66 51.06 103.65
C GLY B 342 -0.46 50.08 103.36
N VAL B 343 -0.18 48.80 103.51
CA VAL B 343 -1.18 47.75 103.29
C VAL B 343 -2.20 47.72 104.44
N ALA B 344 -1.77 48.12 105.64
CA ALA B 344 -2.65 48.27 106.81
C ALA B 344 -3.73 49.35 106.67
N GLY B 345 -3.55 50.28 105.74
CA GLY B 345 -4.56 51.28 105.37
C GLY B 345 -5.75 50.76 104.55
N PHE B 346 -5.69 49.50 104.10
CA PHE B 346 -6.81 48.83 103.42
C PHE B 346 -7.76 48.19 104.43
N THR B 347 -8.27 48.99 105.38
CA THR B 347 -9.14 48.49 106.43
C THR B 347 -10.42 47.86 105.85
N ASN B 348 -10.97 48.47 104.79
CA ASN B 348 -12.17 47.97 104.12
C ASN B 348 -11.91 46.74 103.24
N SER B 349 -10.78 46.75 102.52
CA SER B 349 -10.41 45.63 101.62
C SER B 349 -9.98 44.38 102.39
N LEU B 350 -9.09 44.55 103.36
CA LEU B 350 -8.59 43.46 104.21
C LEU B 350 -9.71 42.72 104.93
N ARG B 351 -10.65 43.49 105.49
CA ARG B 351 -11.82 42.96 106.20
C ARG B 351 -12.65 42.05 105.28
N MET B 352 -12.80 42.44 104.02
CA MET B 352 -13.51 41.63 103.02
C MET B 352 -12.79 40.32 102.68
N LEU B 353 -11.46 40.32 102.75
CA LEU B 353 -10.64 39.12 102.51
C LEU B 353 -10.65 38.17 103.70
N GLN B 354 -10.73 38.73 104.91
CA GLN B 354 -10.86 37.91 106.13
C GLN B 354 -12.22 37.20 106.19
N GLN B 355 -13.26 37.89 105.71
CA GLN B 355 -14.61 37.32 105.58
C GLN B 355 -14.79 36.33 104.41
N LYS B 356 -13.75 36.16 103.59
CA LYS B 356 -13.74 35.30 102.39
C LYS B 356 -14.72 35.78 101.31
N ARG B 357 -14.93 37.09 101.26
CA ARG B 357 -15.79 37.72 100.27
C ARG B 357 -14.90 38.27 99.16
N TRP B 358 -14.49 37.37 98.28
CA TRP B 358 -13.41 37.65 97.30
C TRP B 358 -13.83 38.62 96.21
N ASP B 359 -14.94 38.33 95.55
CA ASP B 359 -15.48 39.20 94.50
C ASP B 359 -15.90 40.56 95.05
N GLU B 360 -16.33 40.62 96.31
CA GLU B 360 -16.64 41.89 96.99
C GLU B 360 -15.37 42.68 97.27
N ALA B 361 -14.28 41.97 97.61
CA ALA B 361 -12.96 42.57 97.81
C ALA B 361 -12.32 43.00 96.49
N ALA B 362 -12.65 42.31 95.41
CA ALA B 362 -12.15 42.65 94.07
C ALA B 362 -12.62 44.02 93.56
N VAL B 363 -13.81 44.43 93.98
CA VAL B 363 -14.37 45.74 93.56
C VAL B 363 -13.76 46.87 94.39
N ASN B 364 -13.64 46.67 95.71
CA ASN B 364 -13.10 47.69 96.63
C ASN B 364 -11.60 47.95 96.47
N LEU B 365 -10.83 46.91 96.13
CA LEU B 365 -9.39 47.03 95.88
C LEU B 365 -9.08 47.83 94.60
N ALA B 366 -9.90 47.63 93.56
CA ALA B 366 -9.77 48.39 92.29
C ALA B 366 -10.18 49.85 92.43
N LYS B 367 -11.16 50.12 93.30
CA LYS B 367 -11.63 51.48 93.57
C LYS B 367 -10.62 52.35 94.35
N SER B 368 -9.65 51.71 95.01
CA SER B 368 -8.64 52.44 95.78
C SER B 368 -7.57 53.06 94.90
N ARG B 369 -6.79 53.95 95.51
CA ARG B 369 -5.74 54.72 94.80
C ARG B 369 -4.48 53.91 94.44
N TRP B 370 -4.36 52.70 94.96
CA TRP B 370 -3.27 51.76 94.59
C TRP B 370 -3.40 51.24 93.15
N TYR B 371 -4.64 50.95 92.74
CA TYR B 371 -4.94 50.53 91.35
C TYR B 371 -4.79 51.69 90.36
N ASN B 372 -5.03 52.92 90.83
CA ASN B 372 -4.90 54.13 90.00
C ASN B 372 -3.46 54.38 89.54
N GLN B 373 -2.52 54.27 90.47
CA GLN B 373 -1.09 54.45 90.17
C GLN B 373 -0.51 53.39 89.26
N THR B 374 -0.55 52.12 89.69
CA THR B 374 -0.10 50.99 88.88
C THR B 374 -1.27 50.03 88.63
N PRO B 375 -1.97 50.16 87.49
CA PRO B 375 -3.11 49.29 87.17
C PRO B 375 -2.74 47.89 86.68
N ASN B 376 -1.62 47.77 85.97
CA ASN B 376 -1.14 46.48 85.43
C ASN B 376 -0.77 45.48 86.52
N ARG B 377 -0.07 45.95 87.55
CA ARG B 377 0.38 45.08 88.66
C ARG B 377 -0.78 44.71 89.59
N ALA B 378 -1.60 45.71 89.94
CA ALA B 378 -2.73 45.52 90.85
C ALA B 378 -3.80 44.57 90.30
N LYS B 379 -4.01 44.59 88.98
CA LYS B 379 -4.99 43.71 88.31
C LYS B 379 -4.64 42.23 88.51
N ARG B 380 -3.36 41.89 88.42
CA ARG B 380 -2.92 40.50 88.64
C ARG B 380 -2.97 40.09 90.12
N VAL B 381 -2.76 41.04 91.04
CA VAL B 381 -2.86 40.77 92.48
C VAL B 381 -4.31 40.58 92.91
N ILE B 382 -5.19 41.44 92.40
CA ILE B 382 -6.64 41.35 92.65
C ILE B 382 -7.23 40.02 92.14
N THR B 383 -6.77 39.58 90.98
CA THR B 383 -7.22 38.30 90.40
C THR B 383 -6.77 37.11 91.26
N THR B 384 -5.57 37.21 91.85
CA THR B 384 -5.05 36.18 92.76
C THR B 384 -5.91 36.02 94.03
N PHE B 385 -6.44 37.13 94.56
CA PHE B 385 -7.40 37.09 95.67
C PHE B 385 -8.78 36.56 95.22
N ARG B 386 -9.18 36.90 94.00
CA ARG B 386 -10.51 36.50 93.47
C ARG B 386 -10.64 35.00 93.22
N THR B 387 -9.80 34.46 92.32
CA THR B 387 -9.86 33.03 91.96
C THR B 387 -9.12 32.12 92.94
N GLY B 388 -8.10 32.65 93.62
CA GLY B 388 -7.31 31.87 94.58
C GLY B 388 -6.21 31.00 93.96
N THR B 389 -5.85 31.32 92.72
CA THR B 389 -4.86 30.57 91.94
C THR B 389 -3.99 31.59 91.23
N TRP B 390 -2.96 31.12 90.53
CA TRP B 390 -1.98 32.01 89.90
C TRP B 390 -2.39 32.37 88.47
N ASP B 391 -3.70 32.35 88.19
CA ASP B 391 -4.25 32.48 86.85
C ASP B 391 -3.76 33.73 86.15
N ALA B 392 -3.75 34.85 86.85
CA ALA B 392 -3.31 36.11 86.29
C ALA B 392 -1.85 36.07 85.86
N TYR B 393 -1.00 35.48 86.69
CA TYR B 393 0.42 35.30 86.40
C TYR B 393 0.67 34.12 85.46
N GLU B 394 -0.22 33.13 85.50
CA GLU B 394 -0.19 32.01 84.58
C GLU B 394 -0.47 32.44 83.14
N ARG B 395 -1.34 33.43 82.98
CA ARG B 395 -1.72 33.92 81.64
C ARG B 395 -0.76 35.02 81.10
N SER B 396 0.02 35.65 81.97
CA SER B 396 0.80 36.85 81.61
C SER B 396 1.91 36.61 80.58
N PHE B 397 2.59 35.46 80.69
CA PHE B 397 3.69 35.05 79.78
C PHE B 397 3.31 33.94 78.75
N PHE B 398 2.44 33.00 79.15
CA PHE B 398 1.98 31.92 78.24
C PHE B 398 1.20 32.40 77.00
N SER B 399 0.50 33.53 77.10
CA SER B 399 -0.14 34.16 75.94
C SER B 399 0.87 34.76 74.95
N LEU B 400 1.97 35.31 75.47
CA LEU B 400 3.09 35.80 74.64
C LEU B 400 3.83 34.64 73.97
N TYR B 401 4.01 33.54 74.72
CA TYR B 401 4.62 32.28 74.21
C TYR B 401 3.60 31.23 73.69
N LEU B 402 2.36 31.66 73.45
CA LEU B 402 1.38 30.90 72.66
C LEU B 402 1.72 30.96 71.16
N GLY B 403 2.53 31.95 70.76
CA GLY B 403 3.03 32.06 69.38
C GLY B 403 3.96 30.94 68.91
N ILE B 404 4.42 30.10 69.82
CA ILE B 404 4.97 28.79 69.43
C ILE B 404 3.95 27.82 68.82
N GLY B 405 2.65 28.08 68.99
CA GLY B 405 1.57 27.23 68.46
C GLY B 405 1.08 27.58 67.06
N TRP B 406 0.96 28.88 66.77
CA TRP B 406 0.53 29.38 65.44
C TRP B 406 1.67 30.00 64.61
N GLY B 407 2.59 30.69 65.28
CA GLY B 407 3.74 31.31 64.61
C GLY B 407 4.81 30.34 64.15
N ALA B 408 5.09 29.32 64.98
CA ALA B 408 6.15 28.34 64.69
C ALA B 408 5.88 27.43 63.48
N PRO B 409 4.63 26.91 63.33
CA PRO B 409 4.31 26.15 62.10
C PRO B 409 4.40 27.00 60.83
N MET B 410 3.91 28.23 60.88
CA MET B 410 4.02 29.17 59.74
C MET B 410 5.46 29.48 59.30
N LEU B 411 6.43 29.31 60.19
CA LEU B 411 7.85 29.47 59.85
C LEU B 411 8.39 28.34 58.97
N PHE B 412 7.71 27.18 59.01
CA PHE B 412 8.10 26.00 58.23
C PHE B 412 7.16 25.67 57.08
N VAL B 413 5.84 25.81 57.29
CA VAL B 413 4.85 25.37 56.28
C VAL B 413 4.65 26.43 55.18
N VAL B 414 4.65 27.71 55.52
CA VAL B 414 4.43 28.79 54.53
C VAL B 414 5.58 28.88 53.51
N PRO B 415 6.86 28.78 53.95
CA PRO B 415 7.96 28.71 52.97
C PRO B 415 8.06 27.38 52.22
N TRP B 416 7.70 26.27 52.87
CA TRP B 416 7.73 24.95 52.25
C TRP B 416 6.69 24.89 51.16
N ALA B 417 5.44 25.23 51.48
CA ALA B 417 4.30 25.02 50.58
C ALA B 417 4.44 25.80 49.27
N VAL B 418 4.86 27.06 49.36
CA VAL B 418 4.98 27.97 48.21
C VAL B 418 6.18 27.58 47.32
N VAL B 419 7.26 27.09 47.94
CA VAL B 419 8.41 26.57 47.19
C VAL B 419 8.07 25.27 46.46
N LYS B 420 7.39 24.34 47.15
CA LYS B 420 6.97 23.06 46.58
C LYS B 420 5.60 23.15 45.84
N CYS B 421 5.18 24.36 45.45
CA CYS B 421 4.10 24.63 44.50
C CYS B 421 4.58 25.02 43.10
N LEU B 422 5.56 25.90 43.04
CA LEU B 422 6.10 26.44 41.78
C LEU B 422 7.31 25.63 41.25
N PHE B 423 8.07 24.98 42.15
CA PHE B 423 9.11 24.01 41.77
C PHE B 423 8.67 22.53 41.74
N GLU B 424 7.57 22.16 42.40
CA GLU B 424 7.03 20.80 42.27
C GLU B 424 5.47 20.76 42.31
N ASN B 425 4.85 21.14 41.19
CA ASN B 425 3.38 21.28 41.11
C ASN B 425 2.67 19.94 40.86
N VAL B 426 1.88 19.51 41.84
CA VAL B 426 1.07 18.28 41.78
C VAL B 426 -0.41 18.62 42.07
N GLN B 427 -1.31 17.76 41.55
CA GLN B 427 -2.77 17.90 41.76
C GLN B 427 -3.24 18.13 43.21
N CYS B 428 -2.84 17.23 44.11
CA CYS B 428 -3.23 17.30 45.53
C CYS B 428 -2.01 16.78 46.30
N TRP B 429 -1.32 17.69 47.00
CA TRP B 429 0.04 17.41 47.48
C TRP B 429 0.10 16.28 48.52
N THR B 430 0.63 15.14 48.09
CA THR B 430 0.90 13.95 48.94
C THR B 430 2.18 13.24 48.43
N SER B 431 3.23 14.04 48.21
CA SER B 431 4.47 13.60 47.56
C SER B 431 5.36 12.74 48.45
N ASN B 432 6.23 11.93 47.82
CA ASN B 432 7.22 11.09 48.53
C ASN B 432 8.66 11.67 48.51
N ASP B 433 8.77 12.96 48.25
CA ASP B 433 10.08 13.63 48.20
C ASP B 433 10.70 13.73 49.60
N ASN B 434 11.70 12.87 49.87
CA ASN B 434 12.38 12.84 51.20
C ASN B 434 13.26 14.07 51.56
N MET B 435 13.52 14.94 50.59
CA MET B 435 14.33 16.13 50.79
C MET B 435 13.43 17.25 51.31
N GLY B 436 12.20 17.30 50.78
CA GLY B 436 11.16 18.24 51.21
C GLY B 436 10.27 17.75 52.33
N PHE B 437 9.77 16.51 52.23
CA PHE B 437 8.80 15.98 53.21
C PHE B 437 9.40 15.71 54.60
N TRP B 438 10.71 15.50 54.67
CA TRP B 438 11.42 15.22 55.93
C TRP B 438 12.07 16.47 56.54
N TRP B 439 12.83 17.22 55.73
CA TRP B 439 13.59 18.39 56.21
C TRP B 439 12.73 19.67 56.34
N ILE B 440 11.59 19.74 55.65
CA ILE B 440 10.67 20.91 55.71
C ILE B 440 9.40 20.74 56.55
N LEU B 441 8.75 19.59 56.43
CA LEU B 441 7.47 19.32 57.11
C LEU B 441 7.63 18.50 58.39
N ARG B 442 8.52 17.51 58.35
CA ARG B 442 8.75 16.62 59.49
C ARG B 442 9.70 17.20 60.54
N PHE B 443 10.66 18.05 60.12
CA PHE B 443 11.64 18.66 61.05
C PHE B 443 11.04 19.47 62.21
N PRO B 444 10.06 20.36 61.93
CA PRO B 444 9.41 21.07 63.05
C PRO B 444 8.60 20.16 63.97
N VAL B 445 8.10 19.03 63.46
CA VAL B 445 7.35 18.06 64.26
C VAL B 445 8.28 17.13 65.04
N PHE B 446 9.35 16.65 64.40
CA PHE B 446 10.36 15.79 65.07
C PHE B 446 11.13 16.53 66.18
N LEU B 447 11.37 17.82 66.00
CA LEU B 447 12.03 18.64 67.03
C LEU B 447 11.11 18.91 68.22
N ALA B 448 9.81 19.06 67.95
CA ALA B 448 8.80 19.22 69.01
C ALA B 448 8.71 17.97 69.88
N ILE B 449 8.76 16.79 69.24
CA ILE B 449 8.74 15.50 69.95
C ILE B 449 10.04 15.30 70.77
N LEU B 450 11.16 15.75 70.20
CA LEU B 450 12.47 15.73 70.88
C LEU B 450 12.44 16.53 72.19
N ILE B 451 11.84 17.73 72.13
CA ILE B 451 11.72 18.60 73.30
C ILE B 451 10.62 18.09 74.26
N ASN B 452 9.57 17.49 73.71
CA ASN B 452 8.49 16.87 74.52
C ASN B 452 8.95 15.71 75.41
N PHE B 453 9.86 14.88 74.90
CA PHE B 453 10.43 13.77 75.69
C PHE B 453 11.42 14.27 76.76
N PHE B 454 12.14 15.35 76.46
CA PHE B 454 12.99 16.03 77.46
C PHE B 454 12.14 16.70 78.56
N ILE B 455 10.95 17.17 78.19
CA ILE B 455 9.97 17.71 79.13
C ILE B 455 9.38 16.57 79.98
N PHE B 456 8.96 15.48 79.32
CA PHE B 456 8.38 14.29 79.99
C PHE B 456 9.22 13.76 81.15
N VAL B 457 10.54 13.67 80.96
CA VAL B 457 11.47 13.28 82.03
C VAL B 457 11.49 14.31 83.18
N ARG B 458 11.45 15.59 82.82
CA ARG B 458 11.38 16.69 83.81
C ARG B 458 10.04 16.73 84.58
N ILE B 459 8.95 16.30 83.92
CA ILE B 459 7.62 16.24 84.56
C ILE B 459 7.55 15.16 85.65
N VAL B 460 8.12 13.98 85.40
CA VAL B 460 8.08 12.86 86.35
C VAL B 460 8.93 13.15 87.60
N GLN B 461 10.12 13.72 87.39
CA GLN B 461 11.02 14.14 88.49
C GLN B 461 10.44 15.27 89.37
N LEU B 462 9.67 16.17 88.74
CA LEU B 462 8.89 17.21 89.46
C LEU B 462 7.64 16.64 90.16
N LEU B 463 7.10 15.55 89.63
CA LEU B 463 5.91 14.90 90.20
C LEU B 463 6.23 14.09 91.45
N VAL B 464 7.31 13.30 91.39
CA VAL B 464 7.73 12.47 92.54
C VAL B 464 8.17 13.28 93.75
N ALA B 465 8.81 14.43 93.52
CA ALA B 465 9.17 15.36 94.61
C ALA B 465 7.95 15.98 95.27
N LYS B 466 6.93 16.31 94.47
CA LYS B 466 5.69 16.90 94.97
C LYS B 466 4.75 15.88 95.63
N LEU B 467 4.70 14.65 95.09
CA LEU B 467 3.82 13.59 95.61
C LEU B 467 4.14 13.09 97.02
N ARG B 468 5.36 13.32 97.49
CA ARG B 468 5.75 12.84 98.83
C ARG B 468 5.76 13.95 99.89
N ALA B 469 5.29 15.14 99.51
CA ALA B 469 5.19 16.30 100.38
C ALA B 469 3.74 16.84 100.54
N ARG B 470 3.62 18.03 101.13
CA ARG B 470 2.33 18.71 101.31
C ARG B 470 1.83 19.48 100.07
N GLN B 471 2.70 19.74 99.08
CA GLN B 471 2.27 20.56 97.91
C GLN B 471 1.27 19.87 96.99
N MET B 472 1.42 18.54 96.80
CA MET B 472 0.61 17.80 95.84
C MET B 472 -0.21 16.66 96.46
N HIS B 473 -1.39 16.44 95.89
CA HIS B 473 -2.36 15.46 96.36
C HIS B 473 -2.95 14.77 95.11
N HIS B 474 -3.68 13.69 95.37
CA HIS B 474 -4.14 12.75 94.34
C HIS B 474 -5.37 13.22 93.55
N THR B 475 -6.34 13.82 94.23
CA THR B 475 -7.56 14.40 93.60
C THR B 475 -7.41 15.90 93.25
N ASP B 476 -6.17 16.39 93.30
CA ASP B 476 -5.85 17.79 92.96
C ASP B 476 -5.94 18.03 91.45
N TYR B 477 -6.32 19.24 91.04
CA TYR B 477 -6.50 19.59 89.62
C TYR B 477 -5.21 19.48 88.78
N LYS B 478 -4.07 19.79 89.39
CA LYS B 478 -2.75 19.62 88.75
C LYS B 478 -2.43 18.14 88.50
N PHE B 479 -2.86 17.28 89.42
CA PHE B 479 -2.74 15.82 89.26
C PHE B 479 -3.68 15.30 88.18
N ARG B 480 -4.89 15.86 88.11
CA ARG B 480 -5.89 15.47 87.10
C ARG B 480 -5.45 15.82 85.67
N LEU B 481 -4.95 17.04 85.49
CA LEU B 481 -4.47 17.51 84.18
C LEU B 481 -3.26 16.72 83.67
N ALA B 482 -2.42 16.26 84.59
CA ALA B 482 -1.25 15.43 84.26
C ALA B 482 -1.61 14.08 83.63
N LYS B 483 -2.73 13.50 84.09
CA LYS B 483 -3.22 12.20 83.59
C LYS B 483 -3.60 12.22 82.10
N SER B 484 -3.88 13.41 81.56
CA SER B 484 -4.15 13.58 80.14
C SER B 484 -2.89 13.89 79.34
N THR B 485 -2.08 14.82 79.86
CA THR B 485 -0.87 15.30 79.18
C THR B 485 0.23 14.24 79.11
N LEU B 486 0.35 13.43 80.18
CA LEU B 486 1.28 12.29 80.20
C LEU B 486 0.85 11.09 79.32
N THR B 487 -0.36 11.15 78.77
CA THR B 487 -0.86 10.11 77.85
C THR B 487 -0.78 10.53 76.38
N LEU B 488 -1.10 11.79 76.09
CA LEU B 488 -1.09 12.29 74.71
C LEU B 488 0.32 12.57 74.16
N ILE B 489 1.32 12.75 75.02
CA ILE B 489 2.70 13.00 74.55
C ILE B 489 3.38 11.72 74.04
N PRO B 490 3.30 10.59 74.79
CA PRO B 490 3.87 9.33 74.27
C PRO B 490 3.04 8.66 73.16
N LEU B 491 1.73 8.86 73.14
CA LEU B 491 0.84 8.23 72.14
C LEU B 491 1.03 8.87 70.77
N LEU B 492 1.06 10.21 70.72
CA LEU B 492 1.32 10.95 69.49
C LEU B 492 2.82 11.00 69.14
N GLY B 493 3.68 11.06 70.14
CA GLY B 493 5.13 11.05 69.95
C GLY B 493 5.73 9.74 69.43
N VAL B 494 4.94 8.67 69.44
CA VAL B 494 5.32 7.37 68.85
C VAL B 494 4.63 7.12 67.50
N HIS B 495 3.33 7.48 67.41
CA HIS B 495 2.52 7.23 66.23
C HIS B 495 3.09 7.79 64.91
N GLU B 496 3.53 9.04 64.94
CA GLU B 496 4.06 9.73 63.74
C GLU B 496 5.53 9.43 63.45
N VAL B 497 6.29 9.00 64.45
CA VAL B 497 7.71 8.64 64.25
C VAL B 497 7.89 7.21 63.70
N VAL B 498 7.04 6.26 64.12
CA VAL B 498 7.05 4.89 63.53
C VAL B 498 6.57 4.86 62.06
N PHE B 499 5.59 5.69 61.75
CA PHE B 499 5.01 5.78 60.41
C PHE B 499 5.96 6.38 59.34
N ALA B 500 6.80 7.34 59.77
CA ALA B 500 7.76 8.05 58.89
C ALA B 500 9.15 7.41 58.73
N PHE B 501 9.65 6.79 59.81
CA PHE B 501 11.02 6.28 59.91
C PHE B 501 11.20 4.88 59.32
N VAL B 502 10.44 3.90 59.83
CA VAL B 502 10.54 2.49 59.40
C VAL B 502 9.28 1.99 58.66
N THR B 503 8.46 2.95 58.20
CA THR B 503 7.26 2.68 57.39
C THR B 503 7.13 3.52 56.11
N ASP B 504 8.26 4.00 55.58
CA ASP B 504 8.28 4.82 54.36
C ASP B 504 8.26 4.02 53.05
N GLU B 505 8.35 2.68 53.12
CA GLU B 505 8.34 1.84 51.92
C GLU B 505 6.98 1.88 51.19
N HIS B 506 7.03 2.19 49.89
CA HIS B 506 5.86 2.24 48.99
C HIS B 506 6.00 1.39 47.70
N ALA B 507 7.07 0.60 47.59
CA ALA B 507 7.28 -0.33 46.46
C ALA B 507 6.36 -1.55 46.48
N GLN B 508 5.90 -1.98 47.67
CA GLN B 508 5.06 -3.19 47.74
C GLN B 508 3.61 -2.91 47.34
N GLY B 509 2.93 -3.98 46.92
CA GLY B 509 1.56 -3.99 46.44
C GLY B 509 0.52 -4.07 47.54
N THR B 510 0.58 -5.20 48.24
CA THR B 510 -0.38 -5.56 49.27
C THR B 510 0.07 -5.19 50.70
N LEU B 511 1.37 -5.19 50.97
CA LEU B 511 1.89 -4.97 52.32
C LEU B 511 1.95 -3.49 52.74
N ARG B 512 2.15 -2.60 51.76
CA ARG B 512 2.19 -1.14 52.02
C ARG B 512 0.80 -0.55 52.36
N SER B 513 -0.23 -0.97 51.64
CA SER B 513 -1.60 -0.49 51.85
C SER B 513 -2.30 -1.08 53.10
N ALA B 514 -1.79 -2.19 53.64
CA ALA B 514 -2.32 -2.78 54.89
C ALA B 514 -1.85 -2.03 56.15
N LYS B 515 -0.59 -1.59 56.15
CA LYS B 515 -0.02 -0.78 57.24
C LYS B 515 -0.59 0.65 57.31
N LEU B 516 -0.93 1.21 56.15
CA LEU B 516 -1.56 2.55 56.04
C LEU B 516 -2.90 2.67 56.78
N PHE B 517 -3.80 1.72 56.55
CA PHE B 517 -5.12 1.73 57.18
C PHE B 517 -5.10 1.38 58.69
N PHE B 518 -4.01 0.77 59.14
CA PHE B 518 -3.77 0.57 60.59
C PHE B 518 -3.49 1.90 61.30
N ASP B 519 -2.63 2.73 60.71
CA ASP B 519 -2.26 4.04 61.28
C ASP B 519 -3.31 5.14 61.01
N LEU B 520 -3.90 5.15 59.81
CA LEU B 520 -4.91 6.18 59.46
C LEU B 520 -6.25 6.05 60.21
N PHE B 521 -6.57 4.84 60.69
CA PHE B 521 -7.77 4.63 61.52
C PHE B 521 -7.55 5.18 62.94
N LEU B 522 -6.32 5.09 63.45
CA LEU B 522 -5.95 5.74 64.72
C LEU B 522 -5.83 7.26 64.58
N SER B 523 -5.34 7.72 63.42
CA SER B 523 -5.23 9.16 63.10
C SER B 523 -6.59 9.85 62.93
N SER B 524 -7.61 9.10 62.50
CA SER B 524 -8.98 9.62 62.36
C SER B 524 -9.67 9.84 63.71
N PHE B 525 -9.45 8.90 64.65
CA PHE B 525 -9.95 9.02 66.04
C PHE B 525 -8.96 9.72 66.99
N GLN B 526 -7.93 10.36 66.43
CA GLN B 526 -6.94 11.11 67.19
C GLN B 526 -7.56 12.35 67.81
N GLY B 527 -8.31 13.10 67.01
CA GLY B 527 -9.02 14.30 67.46
C GLY B 527 -10.10 14.06 68.51
N LEU B 528 -10.69 12.86 68.49
CA LEU B 528 -11.70 12.46 69.49
C LEU B 528 -11.07 12.17 70.85
N LEU B 529 -9.93 11.47 70.83
CA LEU B 529 -9.18 11.15 72.04
C LEU B 529 -8.72 12.40 72.79
N VAL B 530 -8.22 13.39 72.04
CA VAL B 530 -7.75 14.67 72.59
C VAL B 530 -8.90 15.44 73.26
N ALA B 531 -10.05 15.46 72.60
CA ALA B 531 -11.24 16.14 73.13
C ALA B 531 -11.81 15.46 74.37
N VAL B 532 -11.85 14.12 74.38
CA VAL B 532 -12.45 13.36 75.48
C VAL B 532 -11.67 13.51 76.79
N LEU B 533 -10.37 13.25 76.74
CA LEU B 533 -9.54 13.28 77.95
C LEU B 533 -9.29 14.67 78.56
N TYR B 534 -9.37 15.73 77.74
CA TYR B 534 -9.13 17.11 78.22
C TYR B 534 -10.39 17.88 78.62
N CYS B 535 -11.52 17.60 77.96
CA CYS B 535 -12.77 18.33 78.23
C CYS B 535 -13.87 17.46 78.85
N PHE B 536 -14.19 16.33 78.23
CA PHE B 536 -15.29 15.46 78.68
C PHE B 536 -15.01 14.66 79.96
N LEU B 537 -13.77 14.21 80.12
CA LEU B 537 -13.32 13.52 81.35
C LEU B 537 -12.90 14.48 82.48
N ASN B 538 -12.79 15.77 82.15
CA ASN B 538 -12.43 16.82 83.11
C ASN B 538 -13.53 16.96 84.19
N LYS B 539 -13.14 16.78 85.45
CA LYS B 539 -14.08 16.79 86.59
C LYS B 539 -14.66 18.18 86.88
N GLU B 540 -13.80 19.20 86.86
CA GLU B 540 -14.21 20.59 87.07
C GLU B 540 -15.30 21.10 86.12
N VAL B 541 -15.25 20.70 84.85
CA VAL B 541 -16.30 21.09 83.88
C VAL B 541 -17.50 20.12 83.95
N GLN B 542 -17.28 18.87 84.40
CA GLN B 542 -18.38 17.95 84.73
C GLN B 542 -19.25 18.43 85.92
N SER B 543 -18.61 19.08 86.90
CA SER B 543 -19.32 19.67 88.05
C SER B 543 -20.21 20.84 87.61
N GLU B 544 -19.67 21.68 86.73
CA GLU B 544 -20.42 22.80 86.13
C GLU B 544 -21.50 22.35 85.14
N LEU B 545 -21.30 21.20 84.50
CA LEU B 545 -22.34 20.56 83.66
C LEU B 545 -23.55 20.14 84.47
N ARG B 546 -23.29 19.54 85.63
CA ARG B 546 -24.34 19.14 86.57
C ARG B 546 -25.03 20.36 87.21
N ARG B 547 -24.28 21.43 87.42
CA ARG B 547 -24.81 22.70 87.95
C ARG B 547 -25.71 23.41 86.93
N ARG B 548 -25.26 23.48 85.67
CA ARG B 548 -26.00 24.12 84.58
C ARG B 548 -27.24 23.35 84.13
N TRP B 549 -27.18 22.01 84.21
CA TRP B 549 -28.28 21.12 83.79
C TRP B 549 -29.34 20.92 84.88
N HIS B 550 -28.92 20.84 86.14
CA HIS B 550 -29.83 20.73 87.29
C HIS B 550 -29.14 21.23 88.56
N GLN C 1 30.08 2.74 -21.42
CA GLN C 1 31.02 3.80 -20.94
C GLN C 1 30.43 5.21 -20.75
N VAL C 2 29.23 5.47 -21.26
CA VAL C 2 28.52 6.76 -21.00
C VAL C 2 28.20 7.00 -19.52
N GLN C 3 28.92 7.92 -18.89
CA GLN C 3 28.68 8.24 -17.46
C GLN C 3 29.00 9.68 -17.08
N LEU C 4 28.54 10.04 -15.88
CA LEU C 4 28.79 11.36 -15.28
C LEU C 4 29.18 11.13 -13.80
N VAL C 5 30.28 11.76 -13.38
CA VAL C 5 30.81 11.58 -12.02
C VAL C 5 30.94 12.93 -11.33
N GLU C 6 30.08 13.18 -10.35
CA GLU C 6 30.11 14.46 -9.60
C GLU C 6 31.26 14.50 -8.62
N SER C 7 31.60 15.71 -8.18
CA SER C 7 32.62 15.89 -7.14
C SER C 7 32.63 17.31 -6.63
N GLY C 8 33.27 17.48 -5.47
CA GLY C 8 33.49 18.80 -4.88
C GLY C 8 32.67 19.08 -3.64
N GLY C 9 31.47 18.52 -3.58
CA GLY C 9 30.56 18.77 -2.47
C GLY C 9 31.08 18.21 -1.17
N GLY C 10 30.87 18.97 -0.10
CA GLY C 10 31.34 18.57 1.22
C GLY C 10 30.65 19.38 2.30
N VAL C 11 31.39 19.77 3.34
CA VAL C 11 30.83 20.49 4.48
C VAL C 11 31.23 21.94 4.36
N VAL C 12 30.25 22.83 4.23
CA VAL C 12 30.53 24.27 4.04
C VAL C 12 29.81 25.09 5.11
N GLN C 13 30.22 26.34 5.29
CA GLN C 13 29.59 27.21 6.29
C GLN C 13 28.61 28.17 5.62
N PRO C 14 27.49 28.48 6.28
CA PRO C 14 26.49 29.36 5.67
C PRO C 14 27.06 30.74 5.38
N GLY C 15 26.91 31.20 4.15
CA GLY C 15 27.45 32.49 3.71
C GLY C 15 28.57 32.28 2.72
N ARG C 16 29.46 31.33 3.05
CA ARG C 16 30.58 30.97 2.16
C ARG C 16 30.08 30.24 0.92
N SER C 17 30.99 30.03 -0.03
CA SER C 17 30.65 29.46 -1.32
C SER C 17 31.23 28.05 -1.53
N LEU C 18 30.84 27.40 -2.62
CA LEU C 18 31.32 26.04 -2.94
C LEU C 18 31.09 25.77 -4.43
N ARG C 19 32.10 25.24 -5.11
CA ARG C 19 32.03 24.95 -6.53
C ARG C 19 31.93 23.45 -6.77
N LEU C 20 30.73 23.02 -7.18
CA LEU C 20 30.51 21.61 -7.49
C LEU C 20 30.96 21.36 -8.92
N SER C 21 31.47 20.15 -9.15
CA SER C 21 32.02 19.76 -10.44
C SER C 21 31.37 18.45 -10.87
N CYS C 22 31.16 18.31 -12.20
CA CYS C 22 30.51 17.10 -12.76
C CYS C 22 31.23 16.75 -14.04
N ALA C 23 31.90 15.59 -14.06
CA ALA C 23 32.84 15.23 -15.14
C ALA C 23 32.25 14.19 -16.07
N ALA C 24 31.98 14.59 -17.31
CA ALA C 24 31.41 13.70 -18.31
C ALA C 24 32.46 12.85 -19.02
N SER C 25 32.10 11.58 -19.26
CA SER C 25 32.85 10.71 -20.13
C SER C 25 31.87 9.86 -20.94
N GLY C 26 32.39 9.21 -21.98
CA GLY C 26 31.61 8.34 -22.83
C GLY C 26 30.66 8.96 -23.84
N PHE C 27 30.68 10.28 -24.02
CA PHE C 27 29.83 10.94 -25.02
C PHE C 27 30.30 12.34 -25.42
N THR C 28 29.77 12.84 -26.53
CA THR C 28 30.16 14.13 -27.07
C THR C 28 29.54 15.25 -26.24
N PHE C 29 30.24 15.68 -25.19
CA PHE C 29 29.76 16.72 -24.22
C PHE C 29 29.29 18.01 -24.88
N SER C 30 29.91 18.40 -26.00
CA SER C 30 29.51 19.61 -26.73
C SER C 30 28.12 19.55 -27.38
N SER C 31 27.63 18.36 -27.70
CA SER C 31 26.26 18.22 -28.26
C SER C 31 25.13 18.42 -27.24
N TYR C 32 25.34 17.91 -26.01
CA TYR C 32 24.25 17.75 -25.03
C TYR C 32 24.13 18.92 -24.06
N GLY C 33 22.91 19.41 -23.90
CA GLY C 33 22.60 20.34 -22.81
C GLY C 33 22.74 19.64 -21.47
N MET C 34 23.02 20.39 -20.42
CA MET C 34 23.27 19.79 -19.13
C MET C 34 22.50 20.51 -18.02
N HIS C 35 22.19 19.75 -16.98
CA HIS C 35 21.31 20.17 -15.91
C HIS C 35 21.93 19.91 -14.55
N TRP C 36 21.42 20.59 -13.54
CA TRP C 36 21.77 20.29 -12.16
C TRP C 36 20.46 20.05 -11.40
N VAL C 37 20.45 19.02 -10.54
CA VAL C 37 19.28 18.67 -9.73
C VAL C 37 19.74 18.36 -8.33
N ARG C 38 19.04 18.91 -7.33
CA ARG C 38 19.34 18.62 -5.93
C ARG C 38 18.21 17.87 -5.25
N GLN C 39 18.53 17.20 -4.14
CA GLN C 39 17.55 16.49 -3.32
C GLN C 39 17.86 16.66 -1.85
N ALA C 40 16.90 17.18 -1.09
CA ALA C 40 17.07 17.40 0.36
C ALA C 40 17.11 16.07 1.12
N PRO C 41 17.61 16.07 2.38
CA PRO C 41 17.80 14.77 3.08
C PRO C 41 16.48 13.97 3.32
N GLY C 42 15.41 14.68 3.63
CA GLY C 42 14.09 14.11 3.90
C GLY C 42 13.04 14.33 2.81
N LYS C 43 13.36 15.17 1.81
CA LYS C 43 12.40 15.57 0.77
C LYS C 43 12.69 14.95 -0.61
N GLY C 44 11.89 15.35 -1.60
CA GLY C 44 11.98 14.76 -2.95
C GLY C 44 12.95 15.53 -3.82
N LEU C 45 12.89 15.28 -5.12
CA LEU C 45 13.86 15.83 -6.06
C LEU C 45 13.42 17.22 -6.49
N GLU C 46 14.39 18.12 -6.66
CA GLU C 46 14.15 19.51 -7.04
C GLU C 46 15.15 19.91 -8.13
N TRP C 47 14.65 20.44 -9.23
CA TRP C 47 15.52 20.97 -10.32
C TRP C 47 16.12 22.31 -9.87
N VAL C 48 17.33 22.63 -10.33
CA VAL C 48 17.98 23.90 -9.94
C VAL C 48 18.68 24.71 -11.01
N ALA C 49 19.30 24.07 -11.99
CA ALA C 49 19.90 24.85 -13.08
C ALA C 49 20.01 24.07 -14.38
N VAL C 50 20.15 24.83 -15.47
CA VAL C 50 20.33 24.26 -16.78
C VAL C 50 21.26 25.17 -17.61
N MET C 51 21.91 24.56 -18.60
CA MET C 51 22.77 25.28 -19.52
C MET C 51 22.88 24.54 -20.85
N TYR C 52 23.17 25.30 -21.91
CA TYR C 52 23.46 24.74 -23.24
C TYR C 52 24.79 25.26 -23.79
N TYR C 53 25.23 24.67 -24.90
CA TYR C 53 26.57 24.93 -25.47
C TYR C 53 26.89 26.41 -25.77
N ASP C 54 25.86 27.21 -26.02
CA ASP C 54 26.02 28.63 -26.44
C ASP C 54 27.08 29.51 -25.72
N GLY C 55 27.07 29.71 -24.39
CA GLY C 55 26.03 29.32 -23.43
C GLY C 55 25.31 30.56 -22.90
N SER C 56 24.73 31.32 -23.83
CA SER C 56 23.80 32.42 -23.56
C SER C 56 22.45 32.00 -22.92
N ASN C 57 22.03 30.77 -23.16
CA ASN C 57 20.84 30.19 -22.51
C ASN C 57 21.26 29.46 -21.22
N LYS C 58 20.94 30.10 -20.09
CA LYS C 58 21.08 29.54 -18.76
C LYS C 58 19.80 29.85 -18.00
N ASP C 59 19.45 28.99 -17.05
CA ASP C 59 18.29 29.25 -16.22
C ASP C 59 18.45 28.62 -14.84
N TYR C 60 17.84 29.26 -13.83
CA TYR C 60 17.87 28.75 -12.47
C TYR C 60 16.52 28.89 -11.80
N VAL C 61 16.35 28.16 -10.69
CA VAL C 61 15.13 28.23 -9.88
C VAL C 61 15.11 29.52 -9.03
N ASP C 62 13.94 30.18 -8.96
CA ASP C 62 13.80 31.46 -8.22
C ASP C 62 14.57 31.54 -6.87
N SER C 63 14.62 30.42 -6.12
CA SER C 63 15.27 30.39 -4.83
C SER C 63 16.79 30.49 -4.87
N VAL C 64 17.42 30.05 -5.97
CA VAL C 64 18.90 30.11 -6.11
C VAL C 64 19.38 31.21 -7.10
N LYS C 65 18.49 32.09 -7.57
CA LYS C 65 18.83 33.07 -8.64
C LYS C 65 19.85 34.10 -8.16
N GLY C 66 20.96 34.24 -8.88
CA GLY C 66 22.01 35.20 -8.50
C GLY C 66 23.01 34.58 -7.56
N ARG C 67 22.50 33.85 -6.55
CA ARG C 67 23.32 33.00 -5.64
C ARG C 67 24.17 31.95 -6.40
N PHE C 68 23.54 31.12 -7.22
CA PHE C 68 24.19 29.97 -7.85
C PHE C 68 24.51 30.30 -9.31
N THR C 69 25.64 29.80 -9.83
CA THR C 69 26.05 30.08 -11.20
C THR C 69 26.63 28.83 -11.89
N ILE C 70 25.98 28.41 -12.95
CA ILE C 70 26.33 27.20 -13.69
C ILE C 70 27.31 27.58 -14.78
N SER C 71 28.20 26.65 -15.12
CA SER C 71 29.24 26.86 -16.15
C SER C 71 29.73 25.54 -16.76
N ARG C 72 30.40 25.61 -17.90
CA ARG C 72 30.94 24.41 -18.54
C ARG C 72 32.29 24.62 -19.27
N ASP C 73 33.08 23.55 -19.35
CA ASP C 73 34.29 23.52 -20.15
C ASP C 73 34.28 22.28 -21.06
N ASN C 74 33.81 22.47 -22.30
CA ASN C 74 33.60 21.39 -23.24
C ASN C 74 34.88 20.67 -23.65
N SER C 75 36.02 21.36 -23.52
CA SER C 75 37.35 20.79 -23.72
C SER C 75 37.73 19.80 -22.61
N LYS C 76 37.48 20.18 -21.35
CA LYS C 76 37.66 19.26 -20.21
C LYS C 76 36.47 18.31 -19.94
N ASN C 77 35.39 18.46 -20.69
CA ASN C 77 34.17 17.68 -20.54
C ASN C 77 33.63 17.78 -19.12
N THR C 78 33.56 19.00 -18.58
CA THR C 78 33.12 19.20 -17.21
C THR C 78 32.02 20.26 -17.10
N LEU C 79 31.01 19.99 -16.27
CA LEU C 79 29.99 20.94 -15.91
C LEU C 79 30.37 21.46 -14.52
N TYR C 80 29.95 22.68 -14.21
CA TYR C 80 30.24 23.28 -12.90
C TYR C 80 29.02 23.95 -12.32
N LEU C 81 29.05 24.19 -11.01
CA LEU C 81 28.02 24.99 -10.33
C LEU C 81 28.64 25.74 -9.15
N GLN C 82 28.94 27.01 -9.36
CA GLN C 82 29.45 27.89 -8.31
C GLN C 82 28.28 28.28 -7.45
N MET C 83 28.31 27.89 -6.17
CA MET C 83 27.21 28.19 -5.24
C MET C 83 27.64 29.22 -4.19
N ASN C 84 27.32 30.50 -4.44
CA ASN C 84 27.63 31.59 -3.50
C ASN C 84 26.50 31.84 -2.50
N ARG C 85 26.79 32.66 -1.49
CA ARG C 85 25.84 33.00 -0.39
C ARG C 85 24.96 31.80 0.05
N LEU C 86 25.64 30.70 0.44
CA LEU C 86 24.95 29.45 0.81
C LEU C 86 24.12 29.54 2.10
N ARG C 87 22.95 28.91 2.09
CA ARG C 87 22.03 28.93 3.22
C ARG C 87 21.64 27.51 3.61
N ALA C 88 21.16 27.34 4.84
CA ALA C 88 20.74 26.02 5.39
C ALA C 88 19.83 25.18 4.47
N GLU C 89 18.93 25.87 3.77
CA GLU C 89 18.01 25.25 2.78
C GLU C 89 18.74 24.55 1.60
N ASP C 90 20.02 24.88 1.36
CA ASP C 90 20.80 24.29 0.27
C ASP C 90 21.37 22.91 0.58
N THR C 91 21.33 22.50 1.86
CA THR C 91 21.81 21.18 2.29
C THR C 91 21.13 20.12 1.42
N ALA C 92 21.88 19.53 0.50
CA ALA C 92 21.28 18.52 -0.40
C ALA C 92 22.30 17.65 -1.10
N VAL C 93 21.81 16.62 -1.78
CA VAL C 93 22.62 15.76 -2.60
C VAL C 93 22.48 16.29 -4.01
N TYR C 94 23.59 16.63 -4.68
CA TYR C 94 23.52 17.29 -5.99
C TYR C 94 23.86 16.35 -7.17
N TYR C 95 22.87 16.06 -8.02
CA TYR C 95 23.04 15.26 -9.21
C TYR C 95 23.17 16.17 -10.45
N CYS C 96 23.95 15.73 -11.45
CA CYS C 96 24.00 16.40 -12.75
C CYS C 96 23.43 15.48 -13.79
N ALA C 97 22.82 16.03 -14.85
CA ALA C 97 22.22 15.18 -15.92
C ALA C 97 22.19 15.82 -17.29
N ARG C 98 22.36 15.01 -18.34
CA ARG C 98 22.35 15.50 -19.72
C ARG C 98 20.94 15.49 -20.36
N GLU C 99 20.70 16.47 -21.23
CA GLU C 99 19.49 16.53 -22.05
C GLU C 99 19.85 16.68 -23.53
N LYS C 100 19.44 15.73 -24.37
CA LYS C 100 19.62 15.81 -25.81
C LYS C 100 18.60 16.80 -26.38
N ASP C 101 19.07 17.75 -27.19
CA ASP C 101 18.17 18.70 -27.87
C ASP C 101 18.43 18.64 -29.36
N HIS C 102 17.42 18.92 -30.18
CA HIS C 102 17.55 18.92 -31.63
C HIS C 102 16.99 20.21 -32.21
N TYR C 103 17.77 20.86 -33.08
CA TYR C 103 17.34 22.09 -33.75
C TYR C 103 17.03 21.80 -35.20
N ASP C 104 15.80 22.11 -35.62
CA ASP C 104 15.35 21.90 -37.01
C ASP C 104 15.76 23.13 -37.80
N ILE C 105 16.80 22.99 -38.64
CA ILE C 105 17.38 24.13 -39.37
C ILE C 105 16.35 24.75 -40.33
N LEU C 106 15.46 23.91 -40.90
CA LEU C 106 14.44 24.36 -41.86
C LEU C 106 13.34 25.24 -41.22
N THR C 107 12.86 24.86 -40.03
CA THR C 107 11.77 25.59 -39.36
C THR C 107 12.22 26.54 -38.25
N GLY C 108 13.38 26.29 -37.67
CA GLY C 108 13.93 27.13 -36.62
C GLY C 108 13.27 26.88 -35.27
N TYR C 109 13.03 25.62 -34.95
CA TYR C 109 12.41 25.24 -33.69
C TYR C 109 13.28 24.19 -33.01
N ASN C 110 13.28 24.21 -31.68
CA ASN C 110 14.05 23.29 -30.88
C ASN C 110 13.17 22.21 -30.31
N TYR C 111 13.66 20.97 -30.27
CA TYR C 111 12.91 19.83 -29.71
C TYR C 111 13.73 19.20 -28.59
N TYR C 112 13.15 19.10 -27.40
CA TYR C 112 13.87 18.62 -26.19
C TYR C 112 13.42 17.24 -25.75
N TYR C 113 14.35 16.45 -25.21
CA TYR C 113 14.11 15.03 -24.92
C TYR C 113 14.45 14.62 -23.47
N GLY C 114 14.28 15.54 -22.52
CA GLY C 114 14.35 15.23 -21.07
C GLY C 114 15.74 14.87 -20.56
N LEU C 115 15.82 14.59 -19.24
CA LEU C 115 17.09 14.25 -18.58
C LEU C 115 17.37 12.75 -18.68
N ASP C 116 18.13 12.33 -19.70
CA ASP C 116 18.35 10.86 -19.92
C ASP C 116 19.41 10.25 -18.98
N VAL C 117 20.65 10.71 -19.09
CA VAL C 117 21.77 10.17 -18.27
C VAL C 117 22.05 11.05 -17.05
N TRP C 118 22.10 10.44 -15.87
CA TRP C 118 22.29 11.16 -14.60
C TRP C 118 23.59 10.74 -13.97
N GLY C 119 24.02 11.51 -12.97
CA GLY C 119 25.24 11.21 -12.22
C GLY C 119 24.98 10.22 -11.10
N GLN C 120 25.65 10.41 -9.97
CA GLN C 120 25.42 9.62 -8.76
C GLN C 120 25.18 10.44 -7.48
N GLY C 121 25.53 11.71 -7.49
CA GLY C 121 25.15 12.64 -6.41
C GLY C 121 26.27 12.92 -5.43
N THR C 122 26.55 14.21 -5.23
CA THR C 122 27.58 14.67 -4.30
C THR C 122 26.93 15.53 -3.19
N THR C 123 27.03 15.02 -1.95
CA THR C 123 26.38 15.61 -0.79
C THR C 123 27.01 16.96 -0.45
N VAL C 124 26.15 17.93 -0.14
CA VAL C 124 26.59 19.26 0.30
C VAL C 124 25.92 19.52 1.63
N THR C 125 26.70 19.64 2.70
CA THR C 125 26.14 19.95 4.03
C THR C 125 26.58 21.37 4.40
N VAL C 126 25.61 22.26 4.58
CA VAL C 126 25.87 23.66 4.90
C VAL C 126 25.42 23.94 6.34
N SER C 127 26.41 24.00 7.24
CA SER C 127 26.20 24.27 8.66
C SER C 127 27.42 24.89 9.31
N SER C 128 27.18 25.57 10.43
CA SER C 128 28.23 26.26 11.21
C SER C 128 29.05 25.34 12.12
N ALA C 129 28.47 24.21 12.53
CA ALA C 129 29.09 23.32 13.53
C ALA C 129 30.46 22.75 13.14
N SER C 130 31.29 22.48 14.15
CA SER C 130 32.63 21.87 13.96
C SER C 130 32.52 20.36 13.93
N THR C 131 33.53 19.69 13.35
CA THR C 131 33.47 18.23 13.13
C THR C 131 33.62 17.54 14.48
N LYS C 132 32.48 17.42 15.17
CA LYS C 132 32.44 16.91 16.55
C LYS C 132 32.13 15.40 16.59
N GLY C 133 32.81 14.67 17.46
CA GLY C 133 32.57 13.23 17.62
C GLY C 133 31.33 12.95 18.45
N PRO C 134 30.77 11.73 18.39
CA PRO C 134 29.55 11.41 19.14
C PRO C 134 29.81 11.05 20.57
N SER C 135 28.83 11.31 21.41
CA SER C 135 28.80 10.78 22.78
C SER C 135 27.72 9.69 22.79
N VAL C 136 28.16 8.44 22.97
CA VAL C 136 27.27 7.28 22.89
C VAL C 136 26.78 6.87 24.29
N PHE C 137 25.48 7.01 24.56
CA PHE C 137 24.86 6.62 25.84
C PHE C 137 24.05 5.32 25.68
N PRO C 138 23.93 4.51 26.76
CA PRO C 138 23.19 3.25 26.62
C PRO C 138 21.71 3.43 26.88
N LEU C 139 20.90 2.51 26.35
CA LEU C 139 19.47 2.45 26.62
C LEU C 139 19.18 1.11 27.30
N ALA C 140 19.09 1.16 28.64
CA ALA C 140 19.03 -0.06 29.45
C ALA C 140 17.67 -0.77 29.41
N PRO C 141 17.65 -2.12 29.28
CA PRO C 141 16.40 -2.89 29.36
C PRO C 141 15.99 -3.32 30.79
N SER C 142 15.07 -2.61 31.43
CA SER C 142 14.62 -2.92 32.82
C SER C 142 13.49 -4.01 32.91
N SER C 143 12.53 -3.87 33.83
CA SER C 143 11.26 -4.65 33.81
C SER C 143 10.10 -3.98 33.02
N LYS C 144 10.15 -2.66 32.83
CA LYS C 144 9.21 -1.90 31.92
C LYS C 144 9.76 -1.73 30.47
N SER C 145 10.91 -2.35 30.17
CA SER C 145 11.43 -2.43 28.79
C SER C 145 11.38 -3.90 28.34
N THR C 146 10.27 -4.57 28.64
CA THR C 146 10.09 -6.00 28.34
C THR C 146 8.60 -6.26 28.13
N SER C 147 8.21 -6.54 26.89
CA SER C 147 6.80 -6.73 26.50
C SER C 147 6.54 -8.22 26.34
N GLY C 148 6.65 -8.94 27.46
CA GLY C 148 6.52 -10.39 27.51
C GLY C 148 7.88 -11.07 27.41
N GLY C 149 7.99 -12.01 26.47
CA GLY C 149 9.25 -12.71 26.20
C GLY C 149 10.27 -11.89 25.45
N THR C 150 9.81 -10.84 24.75
CA THR C 150 10.68 -10.01 23.91
C THR C 150 11.06 -8.71 24.65
N ALA C 151 12.36 -8.46 24.77
CA ALA C 151 12.90 -7.29 25.45
C ALA C 151 13.77 -6.51 24.46
N ALA C 152 13.68 -5.19 24.51
CA ALA C 152 14.43 -4.31 23.63
C ALA C 152 15.46 -3.50 24.41
N LEU C 153 16.61 -3.29 23.77
CA LEU C 153 17.70 -2.49 24.30
C LEU C 153 18.45 -1.80 23.16
N GLY C 154 19.11 -0.68 23.45
CA GLY C 154 19.71 0.15 22.40
C GLY C 154 20.82 1.08 22.82
N CYS C 155 21.28 1.88 21.86
CA CYS C 155 22.30 2.91 22.06
C CYS C 155 21.74 4.23 21.61
N LEU C 156 22.28 5.30 22.20
CA LEU C 156 21.95 6.65 21.79
C LEU C 156 23.23 7.33 21.32
N VAL C 157 23.40 7.43 20.00
CA VAL C 157 24.50 8.17 19.40
C VAL C 157 24.11 9.66 19.38
N LYS C 158 24.56 10.45 20.37
CA LYS C 158 24.12 11.84 20.52
C LYS C 158 25.22 12.90 20.26
N ASP C 159 24.79 14.04 19.72
CA ASP C 159 25.65 15.22 19.45
C ASP C 159 26.92 14.88 18.68
N TYR C 160 26.75 14.54 17.41
CA TYR C 160 27.86 14.37 16.48
C TYR C 160 27.63 15.23 15.24
N PHE C 161 28.71 15.60 14.55
CA PHE C 161 28.67 16.34 13.28
C PHE C 161 29.96 16.09 12.50
N PRO C 162 29.93 15.83 11.18
CA PRO C 162 28.72 15.70 10.35
C PRO C 162 28.20 14.27 10.27
N GLU C 163 27.14 14.04 9.50
CA GLU C 163 26.62 12.69 9.25
C GLU C 163 27.57 11.99 8.28
N PRO C 164 27.74 10.65 8.31
CA PRO C 164 26.99 9.63 9.08
C PRO C 164 27.83 8.80 10.09
N VAL C 165 27.13 7.91 10.79
CA VAL C 165 27.70 6.93 11.74
C VAL C 165 27.17 5.53 11.37
N THR C 166 28.01 4.51 11.54
CA THR C 166 27.65 3.15 11.18
C THR C 166 27.68 2.26 12.42
N VAL C 167 26.49 2.11 13.01
CA VAL C 167 26.31 1.31 14.22
C VAL C 167 26.18 -0.16 13.83
N SER C 168 26.78 -1.02 14.66
CA SER C 168 26.74 -2.48 14.52
C SER C 168 26.70 -3.05 15.93
N TRP C 169 26.07 -4.21 16.09
CA TRP C 169 25.92 -4.77 17.43
C TRP C 169 26.72 -6.06 17.60
N ASN C 170 27.21 -6.27 18.84
CA ASN C 170 28.06 -7.42 19.24
C ASN C 170 29.12 -7.73 18.16
N SER C 171 29.92 -6.71 17.83
CA SER C 171 31.01 -6.70 16.81
C SER C 171 30.60 -7.14 15.39
N GLY C 172 29.36 -6.84 14.99
CA GLY C 172 28.79 -7.31 13.72
C GLY C 172 28.19 -8.72 13.72
N ALA C 173 28.28 -9.42 14.86
CA ALA C 173 27.73 -10.79 14.97
C ALA C 173 26.22 -10.77 15.04
N LEU C 174 25.72 -9.84 15.86
CA LEU C 174 24.28 -9.64 16.09
C LEU C 174 23.71 -8.73 14.98
N THR C 175 22.82 -9.31 14.18
CA THR C 175 22.09 -8.58 13.15
C THR C 175 20.55 -8.73 13.20
N SER C 176 20.08 -9.82 13.82
CA SER C 176 18.68 -10.19 13.72
C SER C 176 17.86 -9.40 14.72
N GLY C 177 16.98 -8.55 14.18
CA GLY C 177 16.06 -7.75 15.02
C GLY C 177 16.62 -6.43 15.48
N VAL C 178 17.67 -5.97 14.79
CA VAL C 178 18.27 -4.64 15.00
C VAL C 178 17.58 -3.63 14.10
N HIS C 179 17.39 -2.42 14.63
CA HIS C 179 16.87 -1.28 13.86
C HIS C 179 17.75 -0.08 14.11
N THR C 180 18.30 0.47 13.04
CA THR C 180 19.11 1.72 13.15
C THR C 180 18.32 2.86 12.52
N PHE C 181 17.83 3.76 13.36
CA PHE C 181 16.98 4.85 12.93
C PHE C 181 17.80 5.88 12.15
N PRO C 182 17.19 6.58 11.18
CA PRO C 182 17.91 7.66 10.51
C PRO C 182 18.16 8.81 11.45
N ALA C 183 19.19 9.59 11.16
CA ALA C 183 19.60 10.69 12.06
C ALA C 183 18.60 11.83 12.09
N VAL C 184 18.63 12.62 13.16
CA VAL C 184 17.82 13.87 13.24
C VAL C 184 18.67 15.07 13.67
N LEU C 185 18.69 16.09 12.83
CA LEU C 185 19.37 17.34 13.16
C LEU C 185 18.67 17.99 14.36
N GLN C 186 19.35 18.01 15.51
CA GLN C 186 18.81 18.63 16.72
C GLN C 186 18.80 20.17 16.60
N SER C 187 18.17 20.81 17.58
CA SER C 187 18.10 22.29 17.65
C SER C 187 19.46 22.91 17.84
N SER C 188 20.41 22.16 18.40
CA SER C 188 21.80 22.61 18.51
C SER C 188 22.56 22.70 17.19
N GLY C 189 22.14 21.96 16.17
CA GLY C 189 22.88 21.87 14.87
C GLY C 189 23.66 20.58 14.67
N LEU C 190 23.69 19.72 15.70
CA LEU C 190 24.38 18.44 15.66
C LEU C 190 23.35 17.35 15.45
N TYR C 191 23.81 16.18 14.99
CA TYR C 191 22.93 15.04 14.69
C TYR C 191 22.82 14.07 15.85
N SER C 192 21.72 13.31 15.84
CA SER C 192 21.42 12.38 16.93
C SER C 192 20.59 11.23 16.39
N LEU C 193 21.11 10.00 16.53
CA LEU C 193 20.36 8.81 16.14
C LEU C 193 20.47 7.76 17.22
N SER C 194 19.61 6.74 17.12
CA SER C 194 19.56 5.65 18.07
C SER C 194 19.53 4.32 17.31
N SER C 195 20.33 3.35 17.74
CA SER C 195 20.25 2.00 17.18
C SER C 195 19.78 1.08 18.31
N VAL C 196 18.81 0.22 18.00
CA VAL C 196 18.04 -0.54 19.00
C VAL C 196 17.85 -1.96 18.50
N VAL C 197 17.86 -2.92 19.42
CA VAL C 197 17.75 -4.34 19.06
C VAL C 197 16.71 -5.03 19.94
N THR C 198 16.08 -6.08 19.41
CA THR C 198 15.11 -6.89 20.16
C THR C 198 15.73 -8.28 20.40
N VAL C 199 15.74 -8.70 21.67
CA VAL C 199 16.35 -9.96 22.08
C VAL C 199 15.59 -10.60 23.23
N PRO C 200 15.67 -11.94 23.36
CA PRO C 200 14.83 -12.61 24.37
C PRO C 200 15.09 -12.12 25.80
N SER C 201 14.01 -11.97 26.57
CA SER C 201 14.06 -11.54 27.98
C SER C 201 15.00 -12.39 28.84
N SER C 202 14.98 -13.71 28.65
CA SER C 202 15.84 -14.64 29.37
C SER C 202 17.34 -14.41 29.16
N SER C 203 17.73 -14.10 27.92
CA SER C 203 19.14 -13.98 27.51
C SER C 203 19.94 -12.85 28.16
N LEU C 204 19.27 -11.92 28.83
CA LEU C 204 19.94 -10.96 29.74
C LEU C 204 20.52 -11.64 30.97
N GLY C 205 21.78 -11.34 31.30
CA GLY C 205 22.50 -12.04 32.37
C GLY C 205 23.37 -13.18 31.84
N THR C 206 22.99 -13.75 30.69
CA THR C 206 23.73 -14.81 30.02
C THR C 206 24.61 -14.23 28.90
N GLN C 207 24.00 -13.43 28.00
CA GLN C 207 24.70 -12.71 26.92
C GLN C 207 24.95 -11.22 27.24
N THR C 208 26.12 -10.71 26.89
CA THR C 208 26.41 -9.25 26.95
C THR C 208 26.15 -8.61 25.58
N TYR C 209 25.68 -7.36 25.60
CA TYR C 209 25.21 -6.67 24.40
C TYR C 209 25.91 -5.32 24.24
N ILE C 210 26.79 -5.23 23.22
CA ILE C 210 27.67 -4.10 23.04
C ILE C 210 27.47 -3.52 21.64
N CYS C 211 27.12 -2.22 21.58
CA CYS C 211 26.96 -1.52 20.28
C CYS C 211 28.29 -0.86 19.86
N ASN C 212 28.56 -0.86 18.54
CA ASN C 212 29.84 -0.37 17.97
C ASN C 212 29.61 0.81 17.00
N VAL C 213 29.77 2.03 17.52
CA VAL C 213 29.56 3.24 16.73
C VAL C 213 30.91 3.67 16.12
N ASN C 214 30.91 3.84 14.79
CA ASN C 214 32.11 4.23 14.04
C ASN C 214 31.86 5.52 13.25
N HIS C 215 32.31 6.66 13.81
CA HIS C 215 32.07 7.99 13.20
C HIS C 215 33.29 8.39 12.36
N LYS C 216 33.27 8.03 11.08
CA LYS C 216 34.50 8.14 10.26
C LYS C 216 35.04 9.56 10.02
N PRO C 217 34.15 10.55 9.79
CA PRO C 217 34.62 11.93 9.58
C PRO C 217 35.43 12.55 10.72
N SER C 218 35.01 12.33 11.96
CA SER C 218 35.76 12.78 13.14
C SER C 218 36.79 11.75 13.63
N ASN C 219 36.79 10.55 13.02
CA ASN C 219 37.72 9.47 13.31
C ASN C 219 37.48 8.92 14.73
N THR C 220 36.31 8.33 14.90
CA THR C 220 35.88 7.86 16.22
C THR C 220 35.33 6.45 16.14
N LYS C 221 35.71 5.63 17.12
CA LYS C 221 35.16 4.30 17.32
C LYS C 221 34.84 4.23 18.80
N VAL C 222 33.55 4.13 19.14
CA VAL C 222 33.12 3.92 20.51
C VAL C 222 32.40 2.58 20.53
N ASP C 223 32.75 1.74 21.51
CA ASP C 223 32.02 0.50 21.79
C ASP C 223 31.42 0.65 23.18
N LYS C 224 30.08 0.74 23.24
CA LYS C 224 29.34 0.87 24.51
C LYS C 224 28.68 -0.42 24.86
N LYS C 225 28.88 -0.87 26.10
CA LYS C 225 28.24 -2.06 26.65
C LYS C 225 26.98 -1.67 27.41
N VAL C 226 25.87 -2.34 27.10
CA VAL C 226 24.53 -1.99 27.65
C VAL C 226 24.08 -2.93 28.77
N GLU C 227 24.07 -2.41 29.99
CA GLU C 227 23.83 -3.21 31.21
C GLU C 227 22.44 -2.92 31.75
N PRO C 228 21.66 -3.96 32.08
CA PRO C 228 20.31 -3.72 32.57
C PRO C 228 20.32 -3.10 33.97
N LYS C 229 19.34 -2.23 34.25
CA LYS C 229 19.32 -1.47 35.50
C LYS C 229 18.76 -2.36 36.58
N SER C 230 19.62 -2.77 37.53
CA SER C 230 19.22 -3.63 38.68
C SER C 230 19.62 -3.06 40.06
N CYS C 231 20.06 -1.80 40.12
CA CYS C 231 20.30 -1.09 41.41
C CYS C 231 21.32 -1.80 42.28
N ASP D 1 5.36 28.46 -14.30
CA ASP D 1 5.67 27.35 -13.35
C ASP D 1 4.56 26.32 -13.38
N ILE D 2 4.94 25.05 -13.57
CA ILE D 2 3.99 23.95 -13.73
C ILE D 2 3.99 23.05 -12.49
N GLN D 3 2.91 23.08 -11.72
CA GLN D 3 2.77 22.26 -10.52
C GLN D 3 2.43 20.84 -10.90
N MET D 4 3.37 19.92 -10.64
CA MET D 4 3.21 18.50 -10.95
C MET D 4 2.62 17.75 -9.74
N THR D 5 1.30 17.66 -9.71
CA THR D 5 0.59 17.03 -8.62
C THR D 5 0.63 15.52 -8.80
N GLN D 6 1.50 14.85 -8.03
CA GLN D 6 1.65 13.39 -8.15
C GLN D 6 0.77 12.67 -7.12
N SER D 7 0.00 11.70 -7.57
CA SER D 7 -0.92 10.93 -6.70
C SER D 7 -0.84 9.44 -7.00
N PRO D 8 -0.82 8.56 -5.99
CA PRO D 8 -0.78 8.88 -4.55
C PRO D 8 0.62 9.13 -4.03
N SER D 9 0.72 9.58 -2.77
CA SER D 9 2.02 9.90 -2.15
C SER D 9 2.73 8.63 -1.72
N SER D 10 1.98 7.65 -1.23
CA SER D 10 2.56 6.33 -0.92
C SER D 10 1.54 5.20 -1.00
N LEU D 11 1.57 4.45 -2.09
CA LEU D 11 0.61 3.34 -2.30
C LEU D 11 1.14 2.03 -1.74
N SER D 12 0.21 1.21 -1.24
CA SER D 12 0.55 -0.07 -0.65
C SER D 12 0.13 -1.14 -1.63
N ALA D 13 1.09 -1.90 -2.12
CA ALA D 13 0.81 -2.99 -3.06
C ALA D 13 1.63 -4.23 -2.71
N SER D 14 1.16 -5.39 -3.12
CA SER D 14 1.88 -6.66 -2.87
C SER D 14 2.36 -7.23 -4.20
N VAL D 15 3.39 -8.08 -4.15
CA VAL D 15 4.04 -8.63 -5.36
C VAL D 15 3.01 -9.24 -6.32
N GLY D 16 3.13 -8.89 -7.60
CA GLY D 16 2.15 -9.31 -8.64
C GLY D 16 1.08 -8.28 -9.02
N ASP D 17 0.70 -7.41 -8.07
CA ASP D 17 -0.32 -6.38 -8.34
C ASP D 17 0.07 -5.36 -9.43
N ARG D 18 -0.93 -4.82 -10.11
CA ARG D 18 -0.77 -3.75 -11.08
C ARG D 18 -0.77 -2.43 -10.31
N VAL D 19 0.35 -1.71 -10.36
CA VAL D 19 0.50 -0.42 -9.69
C VAL D 19 0.25 0.71 -10.69
N THR D 20 -0.53 1.72 -10.26
CA THR D 20 -0.91 2.85 -11.13
C THR D 20 -0.60 4.16 -10.43
N ILE D 21 0.46 4.82 -10.88
CA ILE D 21 0.88 6.10 -10.34
C ILE D 21 0.39 7.15 -11.34
N THR D 22 -0.10 8.31 -10.87
CA THR D 22 -0.57 9.37 -11.79
C THR D 22 -0.07 10.75 -11.42
N CYS D 23 0.41 11.47 -12.43
CA CYS D 23 0.98 12.81 -12.25
C CYS D 23 0.10 13.74 -13.07
N ARG D 24 -0.35 14.85 -12.48
CA ARG D 24 -1.23 15.82 -13.19
C ARG D 24 -0.60 17.19 -13.37
N ALA D 25 -0.43 17.62 -14.61
CA ALA D 25 0.30 18.86 -14.93
C ALA D 25 -0.65 20.05 -14.91
N SER D 26 -0.19 21.15 -14.31
CA SER D 26 -1.04 22.34 -14.09
C SER D 26 -1.44 23.07 -15.37
N GLN D 27 -0.60 22.97 -16.39
CA GLN D 27 -0.87 23.52 -17.72
C GLN D 27 -0.72 22.39 -18.75
N GLY D 28 -1.09 22.69 -19.99
CA GLY D 28 -0.79 21.80 -21.12
C GLY D 28 0.72 21.69 -21.37
N ILE D 29 1.26 20.50 -21.13
CA ILE D 29 2.72 20.25 -21.34
C ILE D 29 3.02 19.26 -22.49
N ARG D 30 2.02 18.98 -23.32
CA ARG D 30 2.17 18.03 -24.46
C ARG D 30 2.54 16.61 -23.96
N ASN D 31 3.23 15.81 -24.75
CA ASN D 31 3.77 14.53 -24.26
C ASN D 31 5.15 14.67 -23.50
N ASP D 32 5.58 15.90 -23.17
CA ASP D 32 6.91 16.11 -22.59
C ASP D 32 6.94 15.74 -21.10
N LEU D 33 6.93 14.44 -20.84
CA LEU D 33 6.97 13.93 -19.46
C LEU D 33 7.87 12.72 -19.34
N GLY D 34 8.56 12.61 -18.21
CA GLY D 34 9.47 11.52 -17.97
C GLY D 34 9.26 10.95 -16.58
N TRP D 35 9.17 9.62 -16.51
CA TRP D 35 8.94 8.94 -15.23
C TRP D 35 10.25 8.34 -14.78
N TYR D 36 10.62 8.63 -13.54
CA TYR D 36 11.91 8.23 -12.97
C TYR D 36 11.74 7.30 -11.78
N GLN D 37 12.79 6.54 -11.49
CA GLN D 37 12.79 5.56 -10.39
C GLN D 37 13.99 5.88 -9.56
N GLN D 38 13.80 6.10 -8.26
CA GLN D 38 14.94 6.23 -7.34
C GLN D 38 14.93 5.10 -6.31
N LYS D 39 16.00 4.29 -6.30
CA LYS D 39 16.21 3.27 -5.25
C LYS D 39 16.91 3.93 -4.07
N PRO D 40 16.80 3.36 -2.84
CA PRO D 40 17.50 3.96 -1.68
C PRO D 40 18.99 4.12 -1.91
N GLY D 41 19.49 5.36 -1.80
CA GLY D 41 20.92 5.68 -1.95
C GLY D 41 21.41 5.91 -3.37
N LYS D 42 20.76 5.27 -4.35
CA LYS D 42 21.08 5.41 -5.79
C LYS D 42 20.49 6.68 -6.48
N ALA D 43 21.07 7.04 -7.61
CA ALA D 43 20.57 8.15 -8.47
C ALA D 43 19.23 7.84 -9.17
N PRO D 44 18.48 8.88 -9.56
CA PRO D 44 17.19 8.60 -10.19
C PRO D 44 17.39 8.15 -11.64
N LYS D 45 16.72 7.05 -12.02
CA LYS D 45 16.87 6.46 -13.34
C LYS D 45 15.55 6.55 -14.09
N ARG D 46 15.61 7.10 -15.30
CA ARG D 46 14.42 7.22 -16.14
C ARG D 46 14.01 5.90 -16.70
N LEU D 47 12.73 5.55 -16.48
CA LEU D 47 12.10 4.33 -17.05
C LEU D 47 11.32 4.68 -18.33
N ILE D 48 10.52 5.75 -18.28
CA ILE D 48 9.69 6.13 -19.41
C ILE D 48 10.05 7.54 -19.83
N TYR D 49 10.10 7.79 -21.15
CA TYR D 49 10.28 9.13 -21.71
C TYR D 49 9.19 9.43 -22.73
N ALA D 50 9.11 10.68 -23.16
CA ALA D 50 8.06 11.14 -24.09
C ALA D 50 6.69 10.71 -23.65
N ALA D 51 6.44 10.78 -22.34
CA ALA D 51 5.19 10.30 -21.70
C ALA D 51 4.91 8.79 -21.77
N SER D 52 4.99 8.18 -22.97
CA SER D 52 4.68 6.76 -23.15
C SER D 52 5.87 5.84 -23.55
N SER D 53 6.83 6.36 -24.29
CA SER D 53 7.96 5.55 -24.78
C SER D 53 8.83 4.97 -23.66
N LEU D 54 9.12 3.68 -23.76
CA LEU D 54 9.98 2.97 -22.78
C LEU D 54 11.47 3.10 -23.09
N GLU D 55 12.26 3.43 -22.06
CA GLU D 55 13.72 3.58 -22.18
C GLU D 55 14.37 2.22 -22.49
N SER D 56 15.48 2.26 -23.20
CA SER D 56 16.14 1.05 -23.73
C SER D 56 16.72 0.27 -22.57
N GLY D 57 16.26 -0.96 -22.39
CA GLY D 57 16.71 -1.85 -21.30
C GLY D 57 15.91 -1.75 -20.00
N VAL D 58 14.61 -1.46 -20.12
CA VAL D 58 13.70 -1.33 -18.96
C VAL D 58 12.65 -2.43 -19.07
N PRO D 59 12.40 -3.19 -17.98
CA PRO D 59 11.45 -4.30 -18.08
C PRO D 59 10.10 -3.95 -18.70
N SER D 60 9.65 -4.76 -19.65
CA SER D 60 8.40 -4.48 -20.41
C SER D 60 7.15 -4.18 -19.56
N ARG D 61 7.11 -4.61 -18.31
CA ARG D 61 5.97 -4.31 -17.40
C ARG D 61 5.66 -2.82 -17.25
N PHE D 62 6.73 -2.02 -17.13
CA PHE D 62 6.60 -0.56 -17.03
C PHE D 62 6.01 -0.01 -18.31
N SER D 63 5.01 0.88 -18.18
CA SER D 63 4.39 1.48 -19.35
C SER D 63 3.83 2.85 -19.02
N GLY D 64 3.98 3.77 -19.97
CA GLY D 64 3.49 5.14 -19.81
C GLY D 64 2.29 5.44 -20.72
N SER D 65 1.47 6.38 -20.31
CA SER D 65 0.36 6.82 -21.14
C SER D 65 -0.14 8.17 -20.69
N GLY D 66 -0.88 8.82 -21.58
CA GLY D 66 -1.44 10.14 -21.30
C GLY D 66 -0.73 11.20 -22.11
N SER D 67 -1.35 12.38 -22.15
CA SER D 67 -0.82 13.52 -22.91
C SER D 67 -1.44 14.83 -22.37
N GLY D 68 -0.71 15.92 -22.46
CA GLY D 68 -1.22 17.22 -22.08
C GLY D 68 -1.24 17.47 -20.57
N THR D 69 -2.25 16.93 -19.89
CA THR D 69 -2.46 17.27 -18.48
C THR D 69 -2.51 16.02 -17.57
N GLU D 70 -3.20 14.95 -17.96
CA GLU D 70 -3.20 13.69 -17.19
C GLU D 70 -2.12 12.71 -17.71
N PHE D 71 -1.26 12.22 -16.81
CA PHE D 71 -0.24 11.21 -17.18
C PHE D 71 -0.19 10.05 -16.19
N THR D 72 0.11 8.86 -16.71
CA THR D 72 0.01 7.62 -15.94
C THR D 72 1.23 6.71 -16.16
N LEU D 73 1.80 6.23 -15.04
CA LEU D 73 2.82 5.17 -15.04
C LEU D 73 2.13 3.91 -14.53
N THR D 74 2.34 2.80 -15.25
CA THR D 74 1.67 1.54 -14.93
C THR D 74 2.66 0.38 -14.92
N ILE D 75 2.74 -0.32 -13.78
CA ILE D 75 3.59 -1.49 -13.64
C ILE D 75 2.66 -2.69 -13.56
N SER D 76 2.47 -3.39 -14.68
CA SER D 76 1.52 -4.53 -14.76
C SER D 76 1.66 -5.59 -13.64
N SER D 77 2.90 -5.91 -13.28
CA SER D 77 3.14 -6.95 -12.26
C SER D 77 4.38 -6.57 -11.45
N VAL D 78 4.16 -5.88 -10.33
CA VAL D 78 5.29 -5.49 -9.47
C VAL D 78 6.10 -6.70 -9.03
N GLN D 79 7.42 -6.52 -9.03
CA GLN D 79 8.40 -7.49 -8.57
C GLN D 79 9.13 -6.87 -7.38
N PRO D 80 9.82 -7.68 -6.54
CA PRO D 80 10.50 -7.19 -5.33
C PRO D 80 11.28 -5.89 -5.48
N GLU D 81 12.07 -5.80 -6.55
CA GLU D 81 12.89 -4.61 -6.85
C GLU D 81 12.09 -3.32 -7.11
N ASP D 82 10.85 -3.44 -7.58
CA ASP D 82 10.02 -2.26 -7.90
C ASP D 82 9.51 -1.44 -6.69
N PHE D 83 9.69 -1.97 -5.48
CA PHE D 83 9.15 -1.32 -4.27
C PHE D 83 10.04 -0.17 -3.76
N VAL D 84 10.06 0.91 -4.53
CA VAL D 84 10.89 2.08 -4.26
C VAL D 84 10.15 3.37 -4.70
N THR D 85 10.82 4.52 -4.63
CA THR D 85 10.18 5.79 -4.97
C THR D 85 10.18 6.08 -6.49
N TYR D 86 9.12 6.73 -6.99
CA TYR D 86 9.01 7.09 -8.41
C TYR D 86 8.57 8.55 -8.53
N TYR D 87 9.06 9.24 -9.56
CA TYR D 87 8.77 10.67 -9.78
C TYR D 87 8.49 10.94 -11.25
N CYS D 88 7.66 11.94 -11.52
CA CYS D 88 7.44 12.41 -12.87
C CYS D 88 8.29 13.65 -13.03
N LEU D 89 8.62 14.00 -14.29
CA LEU D 89 9.40 15.22 -14.57
C LEU D 89 8.95 15.89 -15.86
N GLN D 90 8.62 17.16 -15.75
CA GLN D 90 8.14 17.95 -16.90
C GLN D 90 9.34 18.63 -17.51
N HIS D 91 9.51 18.55 -18.83
CA HIS D 91 10.60 19.29 -19.52
C HIS D 91 10.09 20.17 -20.66
N ASN D 92 8.83 20.60 -20.52
CA ASN D 92 8.14 21.41 -21.51
C ASN D 92 8.51 22.88 -21.33
N SER D 93 8.52 23.34 -20.08
CA SER D 93 8.82 24.75 -19.76
C SER D 93 9.72 24.93 -18.52
N ASN D 94 10.70 25.82 -18.63
CA ASN D 94 11.49 26.24 -17.48
C ASN D 94 10.66 27.16 -16.59
N PRO D 95 10.72 26.99 -15.28
CA PRO D 95 11.56 26.02 -14.60
C PRO D 95 11.00 24.59 -14.61
N LEU D 96 11.88 23.60 -14.75
CA LEU D 96 11.48 22.19 -14.71
C LEU D 96 10.98 21.82 -13.31
N THR D 97 9.93 21.00 -13.29
CA THR D 97 9.25 20.61 -12.04
C THR D 97 9.00 19.12 -11.97
N PHE D 98 9.40 18.53 -10.85
CA PHE D 98 9.21 17.12 -10.56
C PHE D 98 7.93 16.98 -9.76
N GLY D 99 7.50 15.73 -9.60
CA GLY D 99 6.39 15.39 -8.71
C GLY D 99 6.85 15.23 -7.27
N GLY D 100 5.88 15.08 -6.38
CA GLY D 100 6.15 14.87 -4.95
C GLY D 100 6.88 13.58 -4.66
N GLY D 101 6.47 12.50 -5.33
CA GLY D 101 7.20 11.23 -5.28
C GLY D 101 6.37 10.13 -4.66
N THR D 102 5.89 9.20 -5.47
CA THR D 102 5.10 8.09 -4.95
C THR D 102 6.05 7.04 -4.43
N LYS D 103 5.81 6.55 -3.20
CA LYS D 103 6.61 5.44 -2.63
C LYS D 103 5.80 4.15 -2.64
N VAL D 104 6.20 3.22 -3.50
CA VAL D 104 5.52 1.91 -3.64
C VAL D 104 6.00 0.98 -2.52
N GLU D 105 5.17 0.81 -1.49
CA GLU D 105 5.55 0.01 -0.31
C GLU D 105 4.91 -1.37 -0.35
N ILE D 106 5.53 -2.35 0.32
CA ILE D 106 5.10 -3.76 0.28
C ILE D 106 4.03 -4.04 1.35
N LYS D 107 2.82 -4.34 0.89
CA LYS D 107 1.62 -4.47 1.72
C LYS D 107 1.65 -5.69 2.61
N ARG D 108 1.04 -5.59 3.80
CA ARG D 108 0.93 -6.69 4.77
C ARG D 108 -0.16 -6.45 5.82
N THR D 109 -0.35 -7.42 6.72
CA THR D 109 -1.40 -7.33 7.78
C THR D 109 -1.14 -6.19 8.76
N VAL D 110 -2.19 -5.73 9.42
CA VAL D 110 -2.06 -4.64 10.40
C VAL D 110 -1.46 -5.20 11.69
N ALA D 111 -0.24 -4.75 12.05
CA ALA D 111 0.41 -5.15 13.32
C ALA D 111 0.67 -3.96 14.23
N ALA D 112 0.29 -4.08 15.50
CA ALA D 112 0.45 -3.00 16.48
C ALA D 112 1.88 -2.97 16.98
N PRO D 113 2.37 -1.79 17.39
CA PRO D 113 3.75 -1.74 17.84
C PRO D 113 3.92 -2.29 19.24
N SER D 114 5.05 -2.93 19.48
CA SER D 114 5.49 -3.27 20.83
C SER D 114 6.23 -2.01 21.31
N VAL D 115 5.84 -1.49 22.47
CA VAL D 115 6.37 -0.21 22.99
C VAL D 115 7.39 -0.48 24.10
N PHE D 116 8.51 0.27 24.07
CA PHE D 116 9.58 0.16 25.10
C PHE D 116 10.10 1.53 25.51
N ILE D 117 10.07 1.82 26.81
CA ILE D 117 10.53 3.15 27.33
C ILE D 117 11.91 3.00 27.98
N PHE D 118 12.82 3.91 27.65
CA PHE D 118 14.17 3.89 28.19
C PHE D 118 14.49 5.23 28.86
N PRO D 119 14.77 5.21 30.18
CA PRO D 119 15.12 6.46 30.86
C PRO D 119 16.50 6.92 30.47
N PRO D 120 16.86 8.19 30.75
CA PRO D 120 18.21 8.64 30.40
C PRO D 120 19.26 8.00 31.30
N SER D 121 20.39 7.60 30.70
CA SER D 121 21.46 6.90 31.43
C SER D 121 22.08 7.79 32.49
N ASP D 122 22.70 7.16 33.48
CA ASP D 122 23.32 7.88 34.60
C ASP D 122 24.51 8.72 34.13
N GLU D 123 25.23 8.23 33.12
CA GLU D 123 26.36 8.97 32.53
C GLU D 123 25.93 10.19 31.73
N GLN D 124 24.73 10.18 31.19
CA GLN D 124 24.20 11.34 30.43
C GLN D 124 23.83 12.52 31.35
N LEU D 125 23.23 12.21 32.49
CA LEU D 125 22.84 13.23 33.45
C LEU D 125 24.04 14.03 33.99
N LYS D 126 25.19 13.36 34.15
CA LYS D 126 26.46 13.99 34.58
C LYS D 126 26.92 15.10 33.62
N SER D 127 26.65 14.97 32.32
CA SER D 127 27.07 15.96 31.32
C SER D 127 26.22 17.25 31.36
N GLY D 128 24.89 17.12 31.46
CA GLY D 128 23.99 18.28 31.47
C GLY D 128 22.56 18.04 30.98
N THR D 129 22.40 17.26 29.93
CA THR D 129 21.08 17.00 29.32
C THR D 129 20.51 15.65 29.78
N ALA D 130 19.25 15.40 29.43
CA ALA D 130 18.57 14.13 29.73
C ALA D 130 17.61 13.77 28.61
N SER D 131 17.93 12.69 27.87
CA SER D 131 17.09 12.23 26.75
C SER D 131 16.33 10.96 27.11
N VAL D 132 15.01 11.05 27.08
CA VAL D 132 14.14 9.91 27.34
C VAL D 132 13.64 9.43 25.98
N VAL D 133 13.95 8.18 25.61
CA VAL D 133 13.54 7.64 24.30
C VAL D 133 12.48 6.56 24.44
N CYS D 134 11.57 6.52 23.45
CA CYS D 134 10.43 5.60 23.44
C CYS D 134 10.43 4.90 22.07
N LEU D 135 10.08 3.62 22.04
CA LEU D 135 10.33 2.74 20.89
C LEU D 135 9.08 2.04 20.45
N LEU D 136 8.64 2.30 19.22
CA LEU D 136 7.43 1.71 18.66
C LEU D 136 7.93 0.69 17.68
N ASN D 137 7.81 -0.60 17.99
CA ASN D 137 8.62 -1.60 17.32
C ASN D 137 7.82 -2.58 16.48
N ASN D 138 8.30 -2.80 15.26
CA ASN D 138 7.70 -3.76 14.30
C ASN D 138 6.19 -3.59 14.09
N PHE D 139 5.80 -2.48 13.48
CA PHE D 139 4.38 -2.20 13.25
C PHE D 139 4.05 -1.84 11.80
N TYR D 140 2.79 -2.04 11.44
CA TYR D 140 2.25 -1.71 10.10
C TYR D 140 0.75 -1.35 10.28
N PRO D 141 0.26 -0.27 9.67
CA PRO D 141 0.97 0.62 8.76
C PRO D 141 1.85 1.66 9.45
N ARG D 142 2.56 2.44 8.63
CA ARG D 142 3.52 3.46 9.06
C ARG D 142 2.96 4.50 10.07
N GLU D 143 1.71 4.90 9.88
CA GLU D 143 1.10 5.98 10.66
C GLU D 143 0.88 5.62 12.15
N ALA D 144 1.59 6.32 13.05
CA ALA D 144 1.48 6.09 14.51
C ALA D 144 1.70 7.38 15.29
N LYS D 145 1.04 7.54 16.43
CA LYS D 145 1.19 8.76 17.27
C LYS D 145 1.78 8.48 18.65
N VAL D 146 2.87 9.17 18.96
CA VAL D 146 3.57 9.03 20.23
C VAL D 146 3.35 10.31 21.04
N GLN D 147 2.78 10.16 22.24
CA GLN D 147 2.47 11.29 23.13
C GLN D 147 3.32 11.15 24.39
N TRP D 148 4.13 12.19 24.67
CA TRP D 148 4.94 12.24 25.91
C TRP D 148 4.13 12.97 26.99
N LYS D 149 4.01 12.36 28.16
CA LYS D 149 3.28 12.93 29.30
C LYS D 149 4.15 12.87 30.55
N VAL D 150 4.64 14.02 31.01
CA VAL D 150 5.42 14.13 32.24
C VAL D 150 4.55 14.64 33.41
N ASP D 151 4.57 13.91 34.53
CA ASP D 151 3.63 14.13 35.66
C ASP D 151 2.14 14.12 35.21
N ASN D 152 1.81 13.23 34.27
CA ASN D 152 0.47 13.12 33.69
C ASN D 152 -0.04 14.32 32.87
N ALA D 153 0.76 15.40 32.78
CA ALA D 153 0.42 16.55 31.93
C ALA D 153 1.12 16.39 30.58
N LEU D 154 0.46 16.89 29.53
CA LEU D 154 0.91 16.69 28.15
C LEU D 154 2.13 17.55 27.81
N GLN D 155 3.02 17.03 26.95
CA GLN D 155 4.27 17.70 26.55
C GLN D 155 4.31 17.96 25.05
N SER D 156 4.74 19.17 24.67
CA SER D 156 4.75 19.62 23.26
C SER D 156 6.03 20.36 22.91
N GLY D 157 6.55 20.10 21.71
CA GLY D 157 7.73 20.81 21.21
C GLY D 157 9.04 20.50 21.93
N ASN D 158 9.11 19.34 22.57
CA ASN D 158 10.34 18.84 23.20
C ASN D 158 10.78 17.44 22.75
N SER D 159 10.16 16.93 21.68
CA SER D 159 10.49 15.59 21.16
C SER D 159 10.85 15.61 19.67
N GLN D 160 11.59 14.60 19.21
CA GLN D 160 11.91 14.40 17.81
C GLN D 160 11.71 12.92 17.43
N GLU D 161 10.78 12.66 16.51
CA GLU D 161 10.49 11.31 16.03
C GLU D 161 11.44 10.92 14.89
N SER D 162 11.64 9.60 14.75
CA SER D 162 12.41 9.05 13.63
C SER D 162 11.79 7.69 13.20
N VAL D 163 11.50 7.55 11.90
CA VAL D 163 10.90 6.32 11.36
C VAL D 163 11.87 5.58 10.46
N THR D 164 11.92 4.26 10.57
CA THR D 164 12.74 3.43 9.69
C THR D 164 11.97 3.10 8.45
N GLU D 165 12.68 2.62 7.44
CA GLU D 165 12.08 2.13 6.20
C GLU D 165 11.46 0.74 6.43
N GLN D 166 10.72 0.25 5.43
CA GLN D 166 10.04 -1.05 5.55
C GLN D 166 11.05 -2.19 5.70
N ASP D 167 10.79 -3.10 6.65
CA ASP D 167 11.72 -4.20 6.99
C ASP D 167 11.78 -5.23 5.86
N SER D 168 12.97 -5.80 5.63
CA SER D 168 13.19 -6.74 4.50
C SER D 168 12.52 -8.10 4.67
N LYS D 169 12.30 -8.53 5.91
CA LYS D 169 11.81 -9.88 6.20
C LYS D 169 10.30 -9.90 6.54
N ASP D 170 9.87 -9.06 7.49
CA ASP D 170 8.45 -9.01 7.92
C ASP D 170 7.70 -7.74 7.46
N SER D 171 8.32 -6.92 6.61
CA SER D 171 7.67 -5.72 6.02
C SER D 171 7.02 -4.74 7.00
N THR D 172 7.55 -4.64 8.23
CA THR D 172 7.02 -3.68 9.22
C THR D 172 7.95 -2.50 9.36
N TYR D 173 7.47 -1.48 10.05
CA TYR D 173 8.23 -0.27 10.37
C TYR D 173 8.50 -0.23 11.87
N SER D 174 9.38 0.67 12.27
CA SER D 174 9.70 0.89 13.69
C SER D 174 10.02 2.36 13.87
N LEU D 175 9.61 2.95 14.99
CA LEU D 175 9.84 4.39 15.18
C LEU D 175 10.32 4.69 16.61
N SER D 176 11.16 5.72 16.77
CA SER D 176 11.68 6.10 18.09
C SER D 176 11.53 7.59 18.30
N SER D 177 11.06 7.96 19.48
CA SER D 177 10.83 9.38 19.83
C SER D 177 11.78 9.78 20.96
N THR D 178 12.62 10.80 20.71
CA THR D 178 13.66 11.20 21.69
C THR D 178 13.22 12.49 22.37
N LEU D 179 12.84 12.39 23.63
CA LEU D 179 12.40 13.57 24.43
C LEU D 179 13.59 14.17 25.15
N THR D 180 14.06 15.31 24.66
CA THR D 180 15.19 15.99 25.25
C THR D 180 14.71 17.08 26.23
N LEU D 181 15.32 17.13 27.41
CA LEU D 181 15.10 18.22 28.38
C LEU D 181 16.26 18.25 29.36
N SER D 182 16.51 19.42 29.96
CA SER D 182 17.69 19.59 30.82
C SER D 182 17.59 18.78 32.12
N LYS D 183 18.75 18.49 32.73
CA LYS D 183 18.83 17.80 34.03
C LYS D 183 18.01 18.52 35.11
N ALA D 184 18.00 19.86 35.04
CA ALA D 184 17.23 20.68 35.96
C ALA D 184 15.73 20.40 35.82
N ASP D 185 15.24 20.48 34.59
CA ASP D 185 13.83 20.16 34.29
C ASP D 185 13.49 18.70 34.63
N TYR D 186 14.40 17.80 34.32
CA TYR D 186 14.18 16.37 34.58
C TYR D 186 14.04 16.06 36.07
N GLU D 187 14.78 16.77 36.92
CA GLU D 187 14.74 16.54 38.36
C GLU D 187 13.50 17.15 39.02
N LYS D 188 12.84 18.11 38.34
CA LYS D 188 11.59 18.68 38.84
C LYS D 188 10.41 17.69 38.83
N HIS D 189 10.39 16.76 37.86
CA HIS D 189 9.26 15.84 37.65
C HIS D 189 9.61 14.42 38.09
N LYS D 190 8.58 13.56 38.15
CA LYS D 190 8.75 12.19 38.67
C LYS D 190 8.34 11.13 37.65
N VAL D 191 7.08 11.10 37.26
CA VAL D 191 6.57 10.07 36.31
C VAL D 191 6.72 10.52 34.83
N TYR D 192 7.32 9.64 34.02
CA TYR D 192 7.56 9.89 32.59
C TYR D 192 6.90 8.83 31.74
N ALA D 193 5.84 9.17 31.03
CA ALA D 193 5.03 8.22 30.28
C ALA D 193 5.19 8.41 28.77
N CYS D 194 4.85 7.36 28.02
CA CYS D 194 4.89 7.36 26.56
C CYS D 194 3.61 6.70 25.99
N GLU D 195 2.62 7.52 25.65
CA GLU D 195 1.33 7.01 25.12
C GLU D 195 1.40 6.85 23.60
N VAL D 196 1.12 5.65 23.11
CA VAL D 196 1.22 5.28 21.71
C VAL D 196 -0.19 5.00 21.16
N THR D 197 -0.48 5.54 19.98
CA THR D 197 -1.77 5.40 19.31
C THR D 197 -1.52 4.86 17.90
N HIS D 198 -2.13 3.73 17.55
CA HIS D 198 -1.90 3.06 16.23
C HIS D 198 -3.15 2.26 15.78
N GLN D 199 -3.28 2.08 14.46
CA GLN D 199 -4.46 1.46 13.85
C GLN D 199 -4.80 0.05 14.35
N GLY D 200 -3.78 -0.71 14.68
CA GLY D 200 -3.95 -2.03 15.33
C GLY D 200 -4.04 -2.05 16.86
N LEU D 201 -4.28 -0.89 17.47
CA LEU D 201 -4.55 -0.81 18.92
C LEU D 201 -6.02 -0.42 19.19
N SER D 202 -6.69 -1.22 20.01
CA SER D 202 -8.02 -0.87 20.53
C SER D 202 -7.89 0.17 21.64
N SER D 203 -6.85 0.01 22.46
CA SER D 203 -6.60 0.90 23.57
C SER D 203 -5.15 1.38 23.45
N PRO D 204 -4.87 2.65 23.79
CA PRO D 204 -3.49 3.15 23.61
C PRO D 204 -2.52 2.48 24.59
N VAL D 205 -1.31 2.17 24.11
CA VAL D 205 -0.29 1.56 24.95
C VAL D 205 0.49 2.67 25.61
N THR D 206 0.63 2.60 26.92
CA THR D 206 1.30 3.63 27.69
C THR D 206 2.34 2.96 28.59
N LYS D 207 3.61 3.13 28.23
CA LYS D 207 4.74 2.59 29.01
C LYS D 207 5.34 3.77 29.74
N SER D 208 5.38 3.69 31.07
CA SER D 208 5.93 4.77 31.91
C SER D 208 6.90 4.26 32.98
N PHE D 209 7.79 5.15 33.41
CA PHE D 209 8.60 4.95 34.62
C PHE D 209 8.54 6.18 35.52
N ASN D 210 9.01 6.00 36.76
CA ASN D 210 9.12 7.09 37.72
C ASN D 210 10.60 7.29 37.93
N ARG D 211 11.06 8.53 37.83
CA ARG D 211 12.48 8.84 37.93
C ARG D 211 13.03 8.18 39.19
N GLY D 212 14.06 7.35 39.02
CA GLY D 212 14.72 6.62 40.11
C GLY D 212 14.61 5.14 39.79
N GLU D 213 13.38 4.69 39.63
CA GLU D 213 13.09 3.28 39.31
C GLU D 213 13.39 2.28 40.46
N CYS D 214 13.81 2.78 41.63
CA CYS D 214 14.08 1.97 42.82
C CYS D 214 13.59 2.76 44.04
N GLN E 1 -28.83 -18.43 36.47
CA GLN E 1 -29.79 -18.32 35.31
C GLN E 1 -29.24 -17.76 33.98
N VAL E 2 -28.04 -17.16 34.00
CA VAL E 2 -27.36 -16.72 32.75
C VAL E 2 -27.03 -17.89 31.80
N GLN E 3 -27.77 -18.00 30.68
CA GLN E 3 -27.55 -19.08 29.74
C GLN E 3 -27.91 -18.72 28.28
N LEU E 4 -27.49 -19.59 27.37
CA LEU E 4 -27.75 -19.47 25.95
C LEU E 4 -28.15 -20.86 25.44
N VAL E 5 -29.26 -20.93 24.71
CA VAL E 5 -29.80 -22.20 24.22
C VAL E 5 -29.96 -22.15 22.70
N GLU E 6 -29.10 -22.89 21.98
CA GLU E 6 -29.14 -22.91 20.50
C GLU E 6 -30.26 -23.73 20.01
N SER E 7 -30.62 -23.53 18.74
CA SER E 7 -31.66 -24.36 18.09
C SER E 7 -31.70 -24.15 16.62
N GLY E 8 -32.32 -25.10 15.93
CA GLY E 8 -32.56 -24.97 14.48
C GLY E 8 -31.75 -25.92 13.61
N GLY E 9 -30.55 -26.24 14.07
CA GLY E 9 -29.66 -27.08 13.29
C GLY E 9 -30.15 -28.49 13.17
N GLY E 10 -29.95 -29.08 12.00
CA GLY E 10 -30.39 -30.44 11.73
C GLY E 10 -29.72 -31.01 10.51
N VAL E 11 -30.48 -31.77 9.69
CA VAL E 11 -29.92 -32.38 8.48
C VAL E 11 -30.36 -31.57 7.26
N VAL E 12 -29.41 -31.01 6.53
CA VAL E 12 -29.72 -30.16 5.36
C VAL E 12 -29.02 -30.71 4.13
N GLN E 13 -29.43 -30.29 2.95
CA GLN E 13 -28.82 -30.75 1.70
C GLN E 13 -27.87 -29.68 1.14
N PRO E 14 -26.75 -30.09 0.52
CA PRO E 14 -25.79 -29.10 0.03
C PRO E 14 -26.38 -28.20 -1.04
N GLY E 15 -26.26 -26.89 -0.85
CA GLY E 15 -26.85 -25.92 -1.76
C GLY E 15 -27.98 -25.18 -1.08
N ARG E 16 -28.84 -25.94 -0.37
CA ARG E 16 -29.93 -25.35 0.42
C ARG E 16 -29.41 -24.56 1.63
N SER E 17 -30.30 -23.82 2.29
CA SER E 17 -29.93 -22.94 3.40
C SER E 17 -30.50 -23.44 4.73
N LEU E 18 -30.09 -22.79 5.82
CA LEU E 18 -30.53 -23.15 7.16
C LEU E 18 -30.28 -21.98 8.10
N ARG E 19 -31.30 -21.64 8.91
CA ARG E 19 -31.20 -20.53 9.86
C ARG E 19 -31.06 -21.05 11.29
N LEU E 20 -29.87 -20.88 11.85
CA LEU E 20 -29.63 -21.29 13.24
C LEU E 20 -30.06 -20.18 14.14
N SER E 21 -30.56 -20.56 15.31
CA SER E 21 -31.10 -19.62 16.28
C SER E 21 -30.41 -19.85 17.63
N CYS E 22 -30.21 -18.77 18.40
CA CYS E 22 -29.56 -18.86 19.73
C CYS E 22 -30.26 -17.92 20.67
N ALA E 23 -30.89 -18.47 21.71
CA ALA E 23 -31.85 -17.71 22.56
C ALA E 23 -31.26 -17.40 23.93
N ALA E 24 -30.97 -16.15 24.17
CA ALA E 24 -30.40 -15.74 25.42
C ALA E 24 -31.44 -15.58 26.51
N SER E 25 -31.06 -15.99 27.70
CA SER E 25 -31.79 -15.65 28.91
C SER E 25 -30.79 -15.34 30.04
N GLY E 26 -31.31 -14.76 31.12
CA GLY E 26 -30.51 -14.43 32.30
C GLY E 26 -29.57 -13.22 32.23
N PHE E 27 -29.63 -12.42 31.15
CA PHE E 27 -28.80 -11.21 31.06
C PHE E 27 -29.30 -10.18 30.04
N THR E 28 -28.78 -8.96 30.14
CA THR E 28 -29.20 -7.87 29.28
C THR E 28 -28.57 -8.04 27.89
N PHE E 29 -29.28 -8.76 27.02
CA PHE E 29 -28.81 -9.07 25.63
C PHE E 29 -28.35 -7.85 24.81
N SER E 30 -28.98 -6.70 25.04
CA SER E 30 -28.62 -5.45 24.36
C SER E 30 -27.22 -4.92 24.71
N SER E 31 -26.69 -5.24 25.89
CA SER E 31 -25.33 -4.82 26.30
C SER E 31 -24.22 -5.63 25.60
N TYR E 32 -24.41 -6.94 25.46
CA TYR E 32 -23.28 -7.84 25.09
C TYR E 32 -23.16 -8.12 23.59
N GLY E 33 -21.95 -8.00 23.08
CA GLY E 33 -21.67 -8.48 21.73
C GLY E 33 -21.83 -9.99 21.69
N MET E 34 -22.10 -10.55 20.51
CA MET E 34 -22.33 -11.98 20.40
C MET E 34 -21.58 -12.58 19.24
N HIS E 35 -21.28 -13.85 19.38
CA HIS E 35 -20.41 -14.58 18.48
C HIS E 35 -21.05 -15.90 18.03
N TRP E 36 -20.53 -16.46 16.95
CA TRP E 36 -20.86 -17.81 16.54
C TRP E 36 -19.55 -18.58 16.38
N VAL E 37 -19.51 -19.83 16.87
CA VAL E 37 -18.35 -20.70 16.77
C VAL E 37 -18.81 -22.08 16.36
N ARG E 38 -18.12 -22.70 15.38
CA ARG E 38 -18.43 -24.06 14.94
C ARG E 38 -17.31 -25.00 15.22
N GLN E 39 -17.61 -26.30 15.28
CA GLN E 39 -16.62 -27.36 15.49
C GLN E 39 -16.96 -28.58 14.64
N ALA E 40 -16.00 -29.02 13.81
CA ALA E 40 -16.19 -30.20 12.96
C ALA E 40 -16.29 -31.47 13.81
N PRO E 41 -16.88 -32.55 13.26
CA PRO E 41 -17.08 -33.77 14.07
C PRO E 41 -15.75 -34.38 14.54
N GLY E 42 -14.73 -34.30 13.69
CA GLY E 42 -13.37 -34.73 14.09
C GLY E 42 -12.59 -33.59 14.70
N LYS E 43 -12.50 -32.49 13.93
CA LYS E 43 -11.49 -31.42 14.14
C LYS E 43 -11.78 -30.52 15.38
N GLY E 44 -10.99 -29.46 15.53
CA GLY E 44 -11.06 -28.56 16.69
C GLY E 44 -12.03 -27.42 16.48
N LEU E 45 -11.93 -26.41 17.33
CA LEU E 45 -12.89 -25.30 17.32
C LEU E 45 -12.48 -24.26 16.31
N GLU E 46 -13.47 -23.67 15.63
CA GLU E 46 -13.25 -22.64 14.60
C GLU E 46 -14.26 -21.49 14.80
N TRP E 47 -13.78 -20.25 14.85
CA TRP E 47 -14.65 -19.05 14.95
C TRP E 47 -15.31 -18.82 13.60
N VAL E 48 -16.53 -18.28 13.56
CA VAL E 48 -17.24 -18.07 12.29
C VAL E 48 -17.90 -16.72 12.09
N ALA E 49 -18.49 -16.14 13.14
CA ALA E 49 -19.09 -14.81 12.99
C ALA E 49 -19.20 -14.05 14.29
N VAL E 50 -19.35 -12.73 14.16
CA VAL E 50 -19.52 -11.84 15.30
C VAL E 50 -20.45 -10.70 14.90
N MET E 51 -21.08 -10.11 15.91
CA MET E 51 -21.92 -8.95 15.72
C MET E 51 -22.08 -8.18 17.03
N TYR E 52 -22.32 -6.87 16.90
CA TYR E 52 -22.56 -5.99 18.05
C TYR E 52 -23.85 -5.23 17.84
N TYR E 53 -24.28 -4.55 18.89
CA TYR E 53 -25.64 -3.95 18.94
C TYR E 53 -25.97 -2.98 17.79
N ASP E 54 -24.96 -2.36 17.22
CA ASP E 54 -25.12 -1.30 16.19
C ASP E 54 -26.19 -1.54 15.09
N GLY E 55 -26.14 -2.57 14.25
CA GLY E 55 -25.07 -3.56 14.11
C GLY E 55 -24.32 -3.33 12.81
N SER E 56 -23.72 -2.15 12.72
CA SER E 56 -22.76 -1.79 11.68
C SER E 56 -21.52 -2.67 11.64
N ASN E 57 -21.07 -3.09 12.82
CA ASN E 57 -19.91 -3.98 12.93
C ASN E 57 -20.36 -5.44 12.93
N LYS E 58 -20.08 -6.12 11.81
CA LYS E 58 -20.26 -7.58 11.65
C LYS E 58 -19.02 -8.09 10.98
N ASP E 59 -18.65 -9.34 11.28
CA ASP E 59 -17.54 -9.96 10.57
C ASP E 59 -17.70 -11.46 10.48
N TYR E 60 -17.08 -12.03 9.44
CA TYR E 60 -17.10 -13.49 9.23
C TYR E 60 -15.74 -14.01 8.77
N VAL E 61 -15.58 -15.32 8.87
CA VAL E 61 -14.40 -16.04 8.40
C VAL E 61 -14.38 -16.14 6.87
N ASP E 62 -13.19 -15.95 6.28
CA ASP E 62 -13.01 -15.96 4.80
C ASP E 62 -13.78 -17.06 4.06
N SER E 63 -13.84 -18.26 4.65
CA SER E 63 -14.54 -19.39 4.01
C SER E 63 -16.07 -19.28 3.98
N VAL E 64 -16.68 -18.54 4.93
CA VAL E 64 -18.15 -18.36 4.95
C VAL E 64 -18.64 -16.98 4.48
N LYS E 65 -17.75 -16.17 3.95
CA LYS E 65 -18.09 -14.75 3.60
C LYS E 65 -19.10 -14.67 2.48
N GLY E 66 -20.20 -13.97 2.72
CA GLY E 66 -21.27 -13.85 1.71
C GLY E 66 -22.30 -14.97 1.78
N ARG E 67 -21.81 -16.22 1.94
CA ARG E 67 -22.65 -17.40 2.26
C ARG E 67 -23.50 -17.24 3.53
N PHE E 68 -22.86 -16.91 4.65
CA PHE E 68 -23.49 -16.91 5.98
C PHE E 68 -23.82 -15.47 6.38
N THR E 69 -24.92 -15.27 7.13
CA THR E 69 -25.33 -13.94 7.57
C THR E 69 -25.88 -13.94 9.00
N ILE E 70 -25.22 -13.22 9.88
CA ILE E 70 -25.55 -13.16 11.30
C ILE E 70 -26.54 -12.01 11.53
N SER E 71 -27.41 -12.18 12.52
CA SER E 71 -28.44 -11.17 12.85
C SER E 71 -28.90 -11.29 14.30
N ARG E 72 -29.58 -10.26 14.80
CA ARG E 72 -30.07 -10.28 16.17
C ARG E 72 -31.41 -9.53 16.36
N ASP E 73 -32.18 -10.00 17.35
CA ASP E 73 -33.42 -9.32 17.78
C ASP E 73 -33.39 -9.12 19.31
N ASN E 74 -32.90 -7.96 19.73
CA ASN E 74 -32.67 -7.65 21.14
C ASN E 74 -33.94 -7.64 21.97
N SER E 75 -35.08 -7.41 21.31
CA SER E 75 -36.41 -7.47 21.94
C SER E 75 -36.80 -8.90 22.31
N LYS E 76 -36.62 -9.86 21.41
CA LYS E 76 -36.85 -11.29 21.78
C LYS E 76 -35.56 -12.03 22.26
N ASN E 77 -34.46 -11.31 22.47
CA ASN E 77 -33.23 -11.83 23.05
C ASN E 77 -32.69 -13.01 22.27
N THR E 78 -32.65 -12.89 20.95
CA THR E 78 -32.21 -13.98 20.09
C THR E 78 -31.12 -13.56 19.09
N LEU E 79 -30.12 -14.41 18.92
CA LEU E 79 -29.11 -14.25 17.89
C LEU E 79 -29.51 -15.21 16.77
N TYR E 80 -29.11 -14.90 15.54
CA TYR E 80 -29.41 -15.75 14.39
C TYR E 80 -28.19 -15.94 13.51
N LEU E 81 -28.22 -16.97 12.65
CA LEU E 81 -27.20 -17.17 11.62
C LEU E 81 -27.83 -17.85 10.39
N GLN E 82 -28.16 -17.05 9.39
CA GLN E 82 -28.70 -17.54 8.12
C GLN E 82 -27.53 -18.10 7.33
N MET E 83 -27.55 -19.42 7.06
CA MET E 83 -26.46 -20.10 6.34
C MET E 83 -26.90 -20.53 4.93
N ASN E 84 -26.59 -19.70 3.92
CA ASN E 84 -26.95 -19.99 2.53
C ASN E 84 -25.85 -20.76 1.81
N ARG E 85 -26.17 -21.27 0.61
CA ARG E 85 -25.24 -22.05 -0.24
C ARG E 85 -24.35 -22.99 0.57
N LEU E 86 -25.00 -23.87 1.35
CA LEU E 86 -24.29 -24.79 2.27
C LEU E 86 -23.46 -25.86 1.55
N ARG E 87 -22.26 -26.12 2.08
CA ARG E 87 -21.32 -27.09 1.50
C ARG E 87 -20.91 -28.12 2.57
N ALA E 88 -20.43 -29.27 2.12
CA ALA E 88 -20.00 -30.38 3.01
C ALA E 88 -19.06 -29.96 4.15
N GLU E 89 -18.19 -29.01 3.87
CA GLU E 89 -17.24 -28.46 4.86
C GLU E 89 -17.93 -27.78 6.06
N ASP E 90 -19.23 -27.41 5.92
CA ASP E 90 -20.01 -26.74 6.98
C ASP E 90 -20.55 -27.68 8.05
N THR E 91 -20.50 -29.00 7.81
CA THR E 91 -20.96 -30.01 8.76
C THR E 91 -20.27 -29.77 10.09
N ALA E 92 -21.00 -29.23 11.07
CA ALA E 92 -20.38 -28.94 12.37
C ALA E 92 -21.38 -28.75 13.50
N VAL E 93 -20.88 -28.66 14.72
CA VAL E 93 -21.69 -28.36 15.87
C VAL E 93 -21.55 -26.87 16.11
N TYR E 94 -22.66 -26.13 16.14
CA TYR E 94 -22.59 -24.67 16.19
C TYR E 94 -22.92 -24.09 17.59
N TYR E 95 -21.92 -23.47 18.25
CA TYR E 95 -22.06 -22.81 19.55
C TYR E 95 -22.18 -21.30 19.36
N CYS E 96 -22.94 -20.64 20.22
CA CYS E 96 -23.04 -19.16 20.26
C CYS E 96 -22.48 -18.69 21.56
N ALA E 97 -21.88 -17.50 21.59
CA ALA E 97 -21.23 -17.00 22.84
C ALA E 97 -21.18 -15.51 22.95
N ARG E 98 -21.32 -15.01 24.18
CA ARG E 98 -21.35 -13.57 24.44
C ARG E 98 -19.95 -13.01 24.77
N GLU E 99 -19.71 -11.76 24.35
CA GLU E 99 -18.52 -11.01 24.69
C GLU E 99 -18.88 -9.66 25.28
N LYS E 100 -18.47 -9.42 26.52
CA LYS E 100 -18.66 -8.14 27.21
C LYS E 100 -17.65 -7.15 26.63
N ASP E 101 -18.14 -5.98 26.22
CA ASP E 101 -17.25 -4.91 25.75
C ASP E 101 -17.52 -3.67 26.59
N HIS E 102 -16.51 -2.81 26.76
CA HIS E 102 -16.69 -1.56 27.48
C HIS E 102 -16.20 -0.41 26.65
N TYR E 103 -17.02 0.64 26.55
CA TYR E 103 -16.63 1.88 25.85
C TYR E 103 -16.33 2.98 26.89
N ASP E 104 -15.13 3.52 26.87
CA ASP E 104 -14.69 4.61 27.77
C ASP E 104 -15.09 5.95 27.17
N ILE E 105 -16.14 6.55 27.72
CA ILE E 105 -16.72 7.80 27.19
C ILE E 105 -15.72 8.98 27.22
N LEU E 106 -14.86 8.98 28.24
CA LEU E 106 -13.83 10.01 28.40
C LEU E 106 -12.71 9.99 27.31
N THR E 107 -12.24 8.80 26.94
CA THR E 107 -11.14 8.65 25.95
C THR E 107 -11.59 8.24 24.55
N GLY E 108 -12.75 7.61 24.47
CA GLY E 108 -13.29 7.16 23.19
C GLY E 108 -12.64 5.90 22.66
N TYR E 109 -12.38 4.94 23.56
CA TYR E 109 -11.75 3.68 23.19
C TYR E 109 -12.58 2.51 23.69
N ASN E 110 -12.56 1.41 22.96
CA ASN E 110 -13.32 0.20 23.30
C ASN E 110 -12.41 -0.86 23.88
N TYR E 111 -12.87 -1.55 24.92
CA TYR E 111 -12.11 -2.63 25.59
C TYR E 111 -12.87 -3.93 25.56
N TYR E 112 -12.27 -4.99 25.02
CA TYR E 112 -12.96 -6.31 24.82
C TYR E 112 -12.46 -7.39 25.76
N TYR E 113 -13.36 -8.28 26.21
CA TYR E 113 -13.05 -9.24 27.28
C TYR E 113 -13.35 -10.70 26.93
N GLY E 114 -13.22 -11.07 25.66
CA GLY E 114 -13.34 -12.48 25.22
C GLY E 114 -14.72 -13.13 25.34
N LEU E 115 -14.81 -14.40 24.94
CA LEU E 115 -16.09 -15.16 24.92
C LEU E 115 -16.38 -15.82 26.29
N ASP E 116 -17.12 -15.14 27.17
CA ASP E 116 -17.30 -15.66 28.60
C ASP E 116 -18.35 -16.76 28.76
N VAL E 117 -19.58 -16.47 28.33
CA VAL E 117 -20.71 -17.44 28.38
C VAL E 117 -20.99 -18.07 27.00
N TRP E 118 -21.03 -19.40 26.96
CA TRP E 118 -21.23 -20.16 25.71
C TRP E 118 -22.55 -20.91 25.78
N GLY E 119 -23.01 -21.38 24.63
CA GLY E 119 -24.21 -22.19 24.54
C GLY E 119 -23.95 -23.65 24.87
N GLN E 120 -24.65 -24.54 24.17
CA GLN E 120 -24.41 -26.00 24.26
C GLN E 120 -24.17 -26.71 22.91
N GLY E 121 -24.54 -26.08 21.81
CA GLY E 121 -24.16 -26.57 20.49
C GLY E 121 -25.31 -27.27 19.77
N THR E 122 -25.59 -26.82 18.54
CA THR E 122 -26.63 -27.41 17.71
C THR E 122 -26.00 -27.97 16.41
N THR E 123 -26.11 -29.29 16.26
CA THR E 123 -25.46 -30.03 15.18
C THR E 123 -26.07 -29.66 13.84
N VAL E 124 -25.23 -29.46 12.84
CA VAL E 124 -25.69 -29.23 11.47
C VAL E 124 -25.02 -30.26 10.58
N THR E 125 -25.80 -31.16 9.98
CA THR E 125 -25.25 -32.17 9.06
C THR E 125 -25.72 -31.83 7.65
N VAL E 126 -24.76 -31.55 6.76
CA VAL E 126 -25.05 -31.14 5.39
C VAL E 126 -24.60 -32.26 4.45
N SER E 127 -25.57 -33.05 3.99
CA SER E 127 -25.33 -34.15 3.06
C SER E 127 -26.55 -34.45 2.22
N SER E 128 -26.30 -35.09 1.07
CA SER E 128 -27.35 -35.45 0.08
C SER E 128 -28.13 -36.69 0.46
N ALA E 129 -27.52 -37.58 1.26
CA ALA E 129 -28.11 -38.90 1.56
C ALA E 129 -29.47 -38.86 2.23
N SER E 130 -30.27 -39.90 2.00
CA SER E 130 -31.60 -40.03 2.65
C SER E 130 -31.47 -40.74 4.00
N THR E 131 -32.46 -40.58 4.88
CA THR E 131 -32.37 -41.12 6.25
C THR E 131 -32.47 -42.64 6.18
N LYS E 132 -31.33 -43.27 5.91
CA LYS E 132 -31.25 -44.72 5.64
C LYS E 132 -30.89 -45.50 6.92
N GLY E 133 -31.53 -46.65 7.11
CA GLY E 133 -31.25 -47.52 8.26
C GLY E 133 -29.98 -48.32 8.04
N PRO E 134 -29.40 -48.86 9.14
CA PRO E 134 -28.15 -49.63 9.01
C PRO E 134 -28.38 -51.08 8.60
N SER E 135 -27.38 -51.65 7.95
CA SER E 135 -27.31 -53.08 7.71
C SER E 135 -26.20 -53.61 8.62
N VAL E 136 -26.60 -54.43 9.60
CA VAL E 136 -25.70 -54.94 10.64
C VAL E 136 -25.17 -56.34 10.29
N PHE E 137 -23.87 -56.45 10.02
CA PHE E 137 -23.20 -57.74 9.70
C PHE E 137 -22.37 -58.22 10.88
N PRO E 138 -22.23 -59.54 11.07
CA PRO E 138 -21.45 -60.02 12.23
C PRO E 138 -19.98 -60.10 11.92
N LEU E 139 -19.15 -60.07 12.96
CA LEU E 139 -17.72 -60.29 12.85
C LEU E 139 -17.40 -61.55 13.67
N ALA E 140 -17.31 -62.69 12.97
CA ALA E 140 -17.19 -63.99 13.61
C ALA E 140 -15.79 -64.23 14.22
N PRO E 141 -15.71 -64.77 15.45
CA PRO E 141 -14.42 -65.18 16.04
C PRO E 141 -13.96 -66.58 15.63
N SER E 142 -13.04 -66.64 14.65
CA SER E 142 -12.51 -67.91 14.11
C SER E 142 -11.26 -68.34 14.87
N SER E 143 -10.39 -69.14 14.26
CA SER E 143 -9.13 -69.57 14.90
C SER E 143 -8.02 -68.52 14.77
N LYS E 144 -8.11 -67.62 13.79
CA LYS E 144 -7.20 -66.44 13.66
C LYS E 144 -7.75 -65.16 14.34
N SER E 145 -8.88 -65.32 15.06
CA SER E 145 -9.44 -64.28 15.91
C SER E 145 -9.32 -64.64 17.41
N THR E 146 -8.12 -65.12 17.79
CA THR E 146 -7.71 -65.36 19.18
C THR E 146 -6.25 -64.90 19.41
N SER E 147 -6.01 -64.18 20.51
CA SER E 147 -4.65 -63.83 20.97
C SER E 147 -4.37 -64.55 22.30
N GLY E 148 -4.31 -65.88 22.21
CA GLY E 148 -4.16 -66.77 23.37
C GLY E 148 -5.51 -67.23 23.89
N GLY E 149 -5.72 -67.06 25.20
CA GLY E 149 -6.98 -67.40 25.87
C GLY E 149 -8.10 -66.39 25.66
N THR E 150 -7.75 -65.18 25.21
CA THR E 150 -8.73 -64.11 24.97
C THR E 150 -9.02 -63.97 23.44
N ALA E 151 -10.30 -63.91 23.11
CA ALA E 151 -10.79 -63.90 21.75
C ALA E 151 -11.71 -62.69 21.57
N ALA E 152 -11.66 -62.07 20.39
CA ALA E 152 -12.48 -60.90 20.08
C ALA E 152 -13.53 -61.21 18.99
N LEU E 153 -14.71 -60.61 19.16
CA LEU E 153 -15.84 -60.72 18.23
C LEU E 153 -16.62 -59.42 18.23
N GLY E 154 -17.32 -59.13 17.13
CA GLY E 154 -17.96 -57.82 16.95
C GLY E 154 -19.10 -57.76 15.94
N CYS E 155 -19.60 -56.55 15.73
CA CYS E 155 -20.64 -56.23 14.77
C CYS E 155 -20.14 -55.17 13.84
N LEU E 156 -20.68 -55.16 12.63
CA LEU E 156 -20.41 -54.12 11.67
C LEU E 156 -21.71 -53.41 11.33
N VAL E 157 -21.91 -52.24 11.92
CA VAL E 157 -23.05 -51.37 11.60
C VAL E 157 -22.70 -50.56 10.33
N LYS E 158 -23.13 -51.04 9.16
CA LYS E 158 -22.70 -50.44 7.87
C LYS E 158 -23.83 -49.72 7.11
N ASP E 159 -23.45 -48.67 6.40
CA ASP E 159 -24.33 -47.86 5.55
C ASP E 159 -25.61 -47.39 6.25
N TYR E 160 -25.49 -46.44 7.19
CA TYR E 160 -26.64 -45.81 7.83
C TYR E 160 -26.48 -44.32 7.77
N PHE E 161 -27.57 -43.58 7.77
CA PHE E 161 -27.51 -42.14 7.76
C PHE E 161 -28.81 -41.65 8.37
N PRO E 162 -28.81 -40.61 9.22
CA PRO E 162 -27.61 -39.97 9.63
C PRO E 162 -27.25 -40.42 11.03
N GLU E 163 -26.17 -39.88 11.58
CA GLU E 163 -25.72 -40.26 12.91
C GLU E 163 -26.53 -39.75 14.03
N PRO E 164 -26.58 -40.49 15.18
CA PRO E 164 -25.97 -41.78 15.49
C PRO E 164 -26.81 -43.01 15.67
N VAL E 165 -26.03 -44.05 15.82
CA VAL E 165 -26.45 -45.36 16.24
C VAL E 165 -25.86 -45.66 17.57
N THR E 166 -26.55 -46.51 18.32
CA THR E 166 -26.06 -46.92 19.61
C THR E 166 -25.97 -48.40 19.57
N VAL E 167 -24.96 -48.95 20.22
CA VAL E 167 -24.86 -50.36 20.33
C VAL E 167 -24.67 -50.85 21.74
N SER E 168 -25.09 -52.07 22.01
CA SER E 168 -24.89 -52.68 23.32
C SER E 168 -24.80 -54.14 23.05
N TRP E 169 -24.43 -54.91 24.05
CA TRP E 169 -24.25 -56.34 23.81
C TRP E 169 -25.04 -57.17 24.80
N ASN E 170 -25.47 -58.34 24.35
CA ASN E 170 -26.33 -59.21 25.17
C ASN E 170 -27.39 -58.41 25.97
N SER E 171 -28.13 -57.58 25.23
CA SER E 171 -29.12 -56.65 25.76
C SER E 171 -28.59 -55.70 26.84
N GLY E 172 -27.32 -55.34 26.74
CA GLY E 172 -26.66 -54.51 27.78
C GLY E 172 -26.22 -55.25 29.05
N ALA E 173 -26.29 -56.57 29.06
CA ALA E 173 -25.78 -57.38 30.20
C ALA E 173 -24.27 -57.36 30.19
N LEU E 174 -23.72 -57.54 29.00
CA LEU E 174 -22.28 -57.56 28.76
C LEU E 174 -21.78 -56.15 28.52
N THR E 175 -20.92 -55.70 29.43
CA THR E 175 -20.32 -54.37 29.31
C THR E 175 -18.78 -54.32 29.41
N SER E 176 -18.15 -55.39 29.93
CA SER E 176 -16.70 -55.43 30.19
C SER E 176 -15.89 -55.89 28.97
N GLY E 177 -15.03 -55.00 28.49
CA GLY E 177 -14.17 -55.29 27.36
C GLY E 177 -14.83 -55.09 26.02
N VAL E 178 -15.94 -54.34 26.01
CA VAL E 178 -16.59 -53.87 24.80
C VAL E 178 -16.01 -52.54 24.37
N HIS E 179 -15.85 -52.39 23.07
CA HIS E 179 -15.38 -51.13 22.48
C HIS E 179 -16.29 -50.79 21.33
N THR E 180 -16.89 -49.61 21.41
CA THR E 180 -17.69 -49.12 20.30
C THR E 180 -16.91 -47.97 19.65
N PHE E 181 -16.40 -48.23 18.45
CA PHE E 181 -15.57 -47.31 17.72
C PHE E 181 -16.43 -46.14 17.25
N PRO E 182 -15.86 -44.93 17.14
CA PRO E 182 -16.64 -43.82 16.58
C PRO E 182 -16.91 -44.03 15.13
N ALA E 183 -17.98 -43.44 14.63
CA ALA E 183 -18.43 -43.67 13.21
C ALA E 183 -17.44 -43.06 12.23
N VAL E 184 -17.47 -43.57 11.00
CA VAL E 184 -16.68 -42.95 9.89
C VAL E 184 -17.51 -42.71 8.63
N LEU E 185 -17.59 -41.46 8.20
CA LEU E 185 -18.29 -41.10 6.97
C LEU E 185 -17.58 -41.75 5.79
N GLN E 186 -18.21 -42.75 5.19
CA GLN E 186 -17.65 -43.45 4.01
C GLN E 186 -17.70 -42.52 2.78
N SER E 187 -17.09 -42.96 1.69
CA SER E 187 -17.14 -42.19 0.40
C SER E 187 -18.55 -42.13 -0.19
N SER E 188 -19.41 -43.09 0.14
CA SER E 188 -20.82 -43.07 -0.27
C SER E 188 -21.66 -42.05 0.47
N GLY E 189 -21.11 -41.41 1.50
CA GLY E 189 -21.85 -40.35 2.23
C GLY E 189 -22.60 -40.88 3.44
N LEU E 190 -22.57 -42.22 3.61
CA LEU E 190 -23.23 -42.89 4.72
C LEU E 190 -22.17 -43.21 5.77
N TYR E 191 -22.63 -43.43 7.00
CA TYR E 191 -21.73 -43.73 8.12
C TYR E 191 -21.57 -45.25 8.34
N SER E 192 -20.45 -45.60 8.98
CA SER E 192 -20.10 -47.01 9.24
C SER E 192 -19.27 -47.11 10.50
N LEU E 193 -19.76 -47.87 11.50
CA LEU E 193 -19.01 -48.12 12.72
C LEU E 193 -19.09 -49.58 13.05
N SER E 194 -18.22 -49.98 13.99
CA SER E 194 -18.11 -51.37 14.43
C SER E 194 -18.06 -51.42 15.94
N SER E 195 -18.86 -52.26 16.56
CA SER E 195 -18.75 -52.46 18.01
C SER E 195 -18.22 -53.88 18.22
N VAL E 196 -17.24 -54.01 19.12
CA VAL E 196 -16.41 -55.20 19.22
C VAL E 196 -16.17 -55.49 20.69
N VAL E 197 -16.10 -56.77 21.04
CA VAL E 197 -15.92 -57.17 22.45
C VAL E 197 -14.83 -58.21 22.59
N THR E 198 -14.16 -58.25 23.73
CA THR E 198 -13.15 -59.28 24.04
C THR E 198 -13.70 -60.21 25.14
N VAL E 199 -13.69 -61.52 24.86
CA VAL E 199 -14.22 -62.53 25.77
C VAL E 199 -13.41 -63.84 25.70
N PRO E 200 -13.43 -64.63 26.80
CA PRO E 200 -12.56 -65.81 26.84
C PRO E 200 -12.84 -66.80 25.70
N SER E 201 -11.78 -67.39 25.15
CA SER E 201 -11.83 -68.36 24.07
C SER E 201 -12.73 -69.55 24.39
N SER E 202 -12.66 -70.04 25.63
CA SER E 202 -13.46 -71.19 26.10
C SER E 202 -14.98 -70.94 26.06
N SER E 203 -15.40 -69.72 26.44
CA SER E 203 -16.84 -69.35 26.59
C SER E 203 -17.65 -69.34 25.29
N LEU E 204 -17.00 -69.43 24.14
CA LEU E 204 -17.68 -69.73 22.86
C LEU E 204 -18.24 -71.15 22.84
N GLY E 205 -19.51 -71.30 22.44
CA GLY E 205 -20.22 -72.57 22.53
C GLY E 205 -21.10 -72.69 23.77
N THR E 206 -20.68 -72.02 24.87
CA THR E 206 -21.49 -71.90 26.09
C THR E 206 -22.36 -70.66 25.98
N GLN E 207 -21.72 -69.49 25.94
CA GLN E 207 -22.43 -68.22 25.95
C GLN E 207 -22.73 -67.79 24.52
N THR E 208 -23.94 -67.28 24.28
CA THR E 208 -24.27 -66.64 22.99
C THR E 208 -24.07 -65.13 23.09
N TYR E 209 -23.63 -64.51 21.99
CA TYR E 209 -23.21 -63.11 21.98
C TYR E 209 -23.94 -62.33 20.89
N ILE E 210 -24.85 -61.46 21.34
CA ILE E 210 -25.78 -60.77 20.44
C ILE E 210 -25.65 -59.27 20.63
N CYS E 211 -25.32 -58.54 19.54
CA CYS E 211 -25.21 -57.08 19.59
C CYS E 211 -26.56 -56.43 19.25
N ASN E 212 -26.86 -55.29 19.90
CA ASN E 212 -28.17 -54.63 19.76
C ASN E 212 -28.02 -53.20 19.21
N VAL E 213 -28.22 -53.04 17.91
CA VAL E 213 -28.06 -51.74 17.24
C VAL E 213 -29.40 -51.05 17.19
N ASN E 214 -29.45 -49.83 17.73
CA ASN E 214 -30.67 -49.04 17.77
C ASN E 214 -30.36 -47.75 17.03
N HIS E 215 -30.94 -47.59 15.83
CA HIS E 215 -30.78 -46.36 15.01
C HIS E 215 -32.02 -45.48 15.08
N LYS E 216 -32.05 -44.56 16.04
CA LYS E 216 -33.31 -43.84 16.40
C LYS E 216 -33.90 -42.93 15.31
N PRO E 217 -33.06 -42.18 14.59
CA PRO E 217 -33.56 -41.32 13.50
C PRO E 217 -34.34 -42.04 12.40
N SER E 218 -33.86 -43.20 11.95
CA SER E 218 -34.58 -44.01 10.94
C SER E 218 -35.57 -45.00 11.58
N ASN E 219 -35.56 -45.07 12.92
CA ASN E 219 -36.45 -45.90 13.71
C ASN E 219 -36.17 -47.39 13.46
N THR E 220 -34.98 -47.82 13.86
CA THR E 220 -34.53 -49.19 13.59
C THR E 220 -33.94 -49.82 14.83
N LYS E 221 -34.27 -51.09 15.01
CA LYS E 221 -33.65 -51.89 16.04
C LYS E 221 -33.29 -53.22 15.36
N VAL E 222 -31.99 -53.51 15.27
CA VAL E 222 -31.52 -54.79 14.76
C VAL E 222 -30.77 -55.45 15.91
N ASP E 223 -31.06 -56.73 16.14
CA ASP E 223 -30.27 -57.55 17.06
C ASP E 223 -29.61 -58.64 16.23
N LYS E 224 -28.29 -58.61 16.14
CA LYS E 224 -27.53 -59.62 15.41
C LYS E 224 -26.80 -60.56 16.35
N LYS E 225 -26.97 -61.86 16.12
CA LYS E 225 -26.29 -62.91 16.88
C LYS E 225 -25.03 -63.32 16.14
N VAL E 226 -23.90 -63.34 16.85
CA VAL E 226 -22.58 -63.60 16.25
C VAL E 226 -22.08 -65.04 16.50
N GLU E 227 -22.07 -65.84 15.44
CA GLU E 227 -21.78 -67.28 15.52
C GLU E 227 -20.38 -67.55 14.98
N PRO E 228 -19.53 -68.26 15.75
CA PRO E 228 -18.19 -68.57 15.26
C PRO E 228 -18.20 -69.54 14.06
N LYS E 229 -17.16 -69.43 13.21
CA LYS E 229 -16.92 -70.40 12.13
C LYS E 229 -15.44 -70.77 12.08
N SER E 230 -15.16 -72.06 11.85
CA SER E 230 -13.79 -72.60 11.99
C SER E 230 -13.33 -73.71 10.99
N CYS E 231 -14.09 -73.94 9.91
CA CYS E 231 -13.87 -75.06 8.94
C CYS E 231 -14.49 -76.38 9.39
N ASP F 1 -4.68 -11.49 10.19
CA ASP F 1 -4.95 -12.87 10.65
C ASP F 1 -3.84 -13.34 11.56
N ILE F 2 -4.20 -13.83 12.75
CA ILE F 2 -3.23 -14.23 13.76
C ILE F 2 -3.20 -15.75 13.93
N GLN F 3 -2.12 -16.37 13.48
CA GLN F 3 -1.92 -17.82 13.58
C GLN F 3 -1.57 -18.20 15.02
N MET F 4 -2.51 -18.87 15.69
CA MET F 4 -2.32 -19.33 17.08
C MET F 4 -1.75 -20.75 17.11
N THR F 5 -0.42 -20.82 17.21
CA THR F 5 0.31 -22.08 17.21
C THR F 5 0.32 -22.68 18.62
N GLN F 6 -0.50 -23.70 18.84
CA GLN F 6 -0.65 -24.29 20.17
C GLN F 6 0.20 -25.56 20.30
N SER F 7 1.04 -25.61 21.35
CA SER F 7 2.01 -26.71 21.54
C SER F 7 1.96 -27.17 22.99
N PRO F 8 1.95 -28.48 23.26
CA PRO F 8 1.94 -29.57 22.27
C PRO F 8 0.53 -29.91 21.83
N SER F 9 0.43 -30.77 20.82
CA SER F 9 -0.88 -31.18 20.27
C SER F 9 -1.54 -32.17 21.18
N SER F 10 -0.75 -33.07 21.78
CA SER F 10 -1.28 -34.00 22.81
C SER F 10 -0.23 -34.47 23.80
N LEU F 11 -0.25 -33.89 25.00
CA LEU F 11 0.73 -34.26 26.04
C LEU F 11 0.26 -35.39 26.92
N SER F 12 1.21 -36.23 27.35
CA SER F 12 0.93 -37.41 28.14
C SER F 12 1.42 -37.15 29.58
N ALA F 13 0.48 -37.07 30.50
CA ALA F 13 0.79 -36.77 31.89
C ALA F 13 -0.01 -37.67 32.80
N SER F 14 0.50 -37.90 34.00
CA SER F 14 -0.18 -38.74 35.01
C SER F 14 -0.63 -37.87 36.18
N VAL F 15 -1.63 -38.34 36.92
CA VAL F 15 -2.26 -37.57 38.02
C VAL F 15 -1.22 -37.03 39.01
N GLY F 16 -1.34 -35.74 39.34
CA GLY F 16 -0.34 -35.04 40.19
C GLY F 16 0.70 -34.19 39.46
N ASP F 17 1.07 -34.58 38.23
CA ASP F 17 2.06 -33.83 37.44
C ASP F 17 1.64 -32.37 37.11
N ARG F 18 2.63 -31.52 36.92
CA ARG F 18 2.40 -30.14 36.48
C ARG F 18 2.33 -30.17 34.94
N VAL F 19 1.20 -29.77 34.39
CA VAL F 19 0.99 -29.69 32.95
C VAL F 19 1.22 -28.26 32.45
N THR F 20 1.94 -28.13 31.33
CA THR F 20 2.27 -26.82 30.75
C THR F 20 1.90 -26.81 29.27
N ILE F 21 0.83 -26.12 28.95
CA ILE F 21 0.36 -25.94 27.58
C ILE F 21 0.80 -24.53 27.15
N THR F 22 1.25 -24.37 25.90
CA THR F 22 1.69 -23.05 25.40
C THR F 22 1.14 -22.71 24.05
N CYS F 23 0.65 -21.48 23.92
CA CYS F 23 0.04 -20.99 22.69
C CYS F 23 0.89 -19.80 22.27
N ARG F 24 1.31 -19.77 21.00
CA ARG F 24 2.18 -18.68 20.47
C ARG F 24 1.51 -17.85 19.35
N ALA F 25 1.33 -16.56 19.61
CA ALA F 25 0.58 -15.67 18.71
C ALA F 25 1.51 -15.09 17.66
N SER F 26 1.03 -15.06 16.41
CA SER F 26 1.85 -14.65 15.27
C SER F 26 2.25 -13.18 15.29
N GLN F 27 1.39 -12.35 15.88
CA GLN F 27 1.66 -10.93 16.04
C GLN F 27 1.53 -10.58 17.51
N GLY F 28 1.87 -9.34 17.85
CA GLY F 28 1.57 -8.82 19.19
C GLY F 28 0.07 -8.69 19.43
N ILE F 29 -0.44 -9.50 20.37
CA ILE F 29 -1.88 -9.47 20.71
C ILE F 29 -2.17 -8.96 22.15
N ARG F 30 -1.16 -8.37 22.80
CA ARG F 30 -1.31 -7.86 24.16
C ARG F 30 -1.65 -9.00 25.16
N ASN F 31 -2.34 -8.70 26.26
CA ASN F 31 -2.84 -9.77 27.16
C ASN F 31 -4.21 -10.37 26.71
N ASP F 32 -4.67 -10.07 25.48
CA ASP F 32 -6.04 -10.47 25.03
C ASP F 32 -6.06 -11.95 24.65
N LEU F 33 -6.01 -12.83 25.64
CA LEU F 33 -5.98 -14.25 25.41
C LEU F 33 -6.84 -14.99 26.44
N GLY F 34 -7.53 -16.04 25.99
CA GLY F 34 -8.39 -16.81 26.83
C GLY F 34 -8.16 -18.28 26.65
N TRP F 35 -8.03 -18.99 27.76
CA TRP F 35 -7.79 -20.44 27.74
C TRP F 35 -9.08 -21.14 28.06
N TYR F 36 -9.44 -22.09 27.21
CA TYR F 36 -10.72 -22.80 27.30
C TYR F 36 -10.50 -24.29 27.54
N GLN F 37 -11.54 -24.94 28.09
CA GLN F 37 -11.53 -26.37 28.37
C GLN F 37 -12.75 -26.96 27.73
N GLN F 38 -12.56 -27.96 26.88
CA GLN F 38 -13.69 -28.69 26.33
C GLN F 38 -13.61 -30.15 26.82
N LYS F 39 -14.65 -30.58 27.53
CA LYS F 39 -14.80 -32.02 27.89
C LYS F 39 -15.47 -32.72 26.68
N PRO F 40 -15.26 -34.04 26.51
CA PRO F 40 -15.90 -34.72 25.39
C PRO F 40 -17.42 -34.46 25.26
N GLY F 41 -17.81 -33.88 24.10
CA GLY F 41 -19.20 -33.56 23.80
C GLY F 41 -19.73 -32.28 24.42
N LYS F 42 -19.25 -31.92 25.61
CA LYS F 42 -19.72 -30.72 26.29
C LYS F 42 -19.20 -29.46 25.57
N ALA F 43 -19.84 -28.33 25.85
CA ALA F 43 -19.39 -27.02 25.34
C ALA F 43 -18.05 -26.51 25.95
N PRO F 44 -17.33 -25.63 25.24
CA PRO F 44 -16.05 -25.16 25.75
C PRO F 44 -16.24 -24.14 26.85
N LYS F 45 -15.51 -24.30 27.96
CA LYS F 45 -15.64 -23.46 29.13
C LYS F 45 -14.32 -22.73 29.38
N ARG F 46 -14.39 -21.42 29.48
CA ARG F 46 -13.20 -20.62 29.76
C ARG F 46 -12.74 -20.78 31.21
N LEU F 47 -11.46 -21.08 31.38
CA LEU F 47 -10.81 -21.19 32.70
C LEU F 47 -10.04 -19.92 33.03
N ILE F 48 -9.28 -19.41 32.06
CA ILE F 48 -8.47 -18.22 32.25
C ILE F 48 -8.90 -17.16 31.24
N TYR F 49 -8.94 -15.91 31.69
CA TYR F 49 -9.18 -14.76 30.79
C TYR F 49 -8.09 -13.70 31.00
N ALA F 50 -8.05 -12.72 30.10
CA ALA F 50 -7.04 -11.66 30.15
C ALA F 50 -5.64 -12.23 30.28
N ALA F 51 -5.37 -13.32 29.57
CA ALA F 51 -4.10 -14.09 29.64
C ALA F 51 -3.79 -14.77 30.98
N SER F 52 -3.87 -14.03 32.09
CA SER F 52 -3.49 -14.55 33.43
C SER F 52 -4.63 -14.67 34.46
N SER F 53 -5.63 -13.80 34.40
CA SER F 53 -6.75 -13.82 35.37
C SER F 53 -7.58 -15.10 35.33
N LEU F 54 -7.82 -15.66 36.51
CA LEU F 54 -8.65 -16.86 36.67
C LEU F 54 -10.17 -16.56 36.75
N GLU F 55 -10.95 -17.32 35.98
CA GLU F 55 -12.41 -17.18 35.94
C GLU F 55 -12.99 -17.62 37.29
N SER F 56 -14.13 -17.05 37.70
CA SER F 56 -14.64 -17.35 39.06
C SER F 56 -15.22 -18.76 39.12
N GLY F 57 -14.80 -19.50 40.14
CA GLY F 57 -15.22 -20.87 40.35
C GLY F 57 -14.38 -21.86 39.56
N VAL F 58 -13.12 -21.53 39.32
CA VAL F 58 -12.20 -22.42 38.61
C VAL F 58 -11.12 -22.82 39.59
N PRO F 59 -10.83 -24.12 39.69
CA PRO F 59 -9.85 -24.56 40.71
C PRO F 59 -8.52 -23.83 40.68
N SER F 60 -8.04 -23.39 41.84
CA SER F 60 -6.80 -22.57 41.95
C SER F 60 -5.56 -23.10 41.21
N ARG F 61 -5.50 -24.42 40.96
CA ARG F 61 -4.35 -25.04 40.23
C ARG F 61 -4.11 -24.43 38.87
N PHE F 62 -5.21 -24.14 38.14
CA PHE F 62 -5.13 -23.52 36.81
C PHE F 62 -4.56 -22.12 36.94
N SER F 63 -3.59 -21.78 36.10
CA SER F 63 -2.99 -20.44 36.15
C SER F 63 -2.45 -20.03 34.78
N GLY F 64 -2.62 -18.76 34.46
CA GLY F 64 -2.20 -18.21 33.17
C GLY F 64 -1.04 -17.26 33.31
N SER F 65 -0.24 -17.13 32.26
CA SER F 65 0.87 -16.19 32.28
C SER F 65 1.33 -15.91 30.85
N GLY F 66 2.04 -14.80 30.69
CA GLY F 66 2.54 -14.39 29.40
C GLY F 66 1.78 -13.19 28.89
N SER F 67 2.34 -12.57 27.86
CA SER F 67 1.79 -11.38 27.25
C SER F 67 2.39 -11.22 25.85
N GLY F 68 1.63 -10.62 24.95
CA GLY F 68 2.12 -10.29 23.62
C GLY F 68 2.13 -11.45 22.67
N THR F 69 3.15 -12.30 22.78
CA THR F 69 3.39 -13.36 21.79
C THR F 69 3.47 -14.79 22.41
N GLU F 70 4.19 -14.96 23.53
CA GLU F 70 4.22 -16.23 24.26
C GLU F 70 3.16 -16.27 25.40
N PHE F 71 2.29 -17.28 25.40
CA PHE F 71 1.30 -17.44 26.48
C PHE F 71 1.30 -18.87 27.00
N THR F 72 1.05 -19.01 28.32
CA THR F 72 1.21 -20.30 29.02
C THR F 72 0.02 -20.59 29.97
N LEU F 73 -0.52 -21.80 29.86
CA LEU F 73 -1.52 -22.35 30.79
C LEU F 73 -0.79 -23.40 31.60
N THR F 74 -0.95 -23.33 32.92
CA THR F 74 -0.22 -24.21 33.84
C THR F 74 -1.16 -24.81 34.87
N ILE F 75 -1.22 -26.14 34.91
CA ILE F 75 -2.04 -26.85 35.88
C ILE F 75 -1.06 -27.49 36.86
N SER F 76 -0.84 -26.86 38.02
CA SER F 76 0.14 -27.34 39.04
C SER F 76 0.03 -28.82 39.42
N SER F 77 -1.20 -29.33 39.55
CA SER F 77 -1.43 -30.72 39.95
C SER F 77 -2.66 -31.28 39.24
N VAL F 78 -2.44 -31.91 38.08
CA VAL F 78 -3.59 -32.46 37.35
C VAL F 78 -4.37 -33.48 38.21
N GLN F 79 -5.69 -33.41 38.07
CA GLN F 79 -6.64 -34.31 38.72
C GLN F 79 -7.40 -35.04 37.59
N PRO F 80 -8.04 -36.19 37.89
CA PRO F 80 -8.73 -37.00 36.89
C PRO F 80 -9.54 -36.23 35.87
N GLU F 81 -10.36 -35.28 36.35
CA GLU F 81 -11.27 -34.48 35.49
C GLU F 81 -10.52 -33.60 34.46
N ASP F 82 -9.26 -33.22 34.75
CA ASP F 82 -8.47 -32.33 33.88
C ASP F 82 -8.00 -32.95 32.58
N PHE F 83 -8.17 -34.28 32.44
CA PHE F 83 -7.66 -34.99 31.26
C PHE F 83 -8.57 -34.88 30.03
N VAL F 84 -8.62 -33.67 29.47
CA VAL F 84 -9.47 -33.35 28.33
C VAL F 84 -8.77 -32.32 27.41
N THR F 85 -9.47 -31.83 26.39
CA THR F 85 -8.88 -30.90 25.43
C THR F 85 -8.92 -29.44 25.91
N TYR F 86 -7.88 -28.66 25.59
CA TYR F 86 -7.78 -27.26 25.97
C TYR F 86 -7.39 -26.43 24.74
N TYR F 87 -7.90 -25.20 24.66
CA TYR F 87 -7.65 -24.31 23.51
C TYR F 87 -7.37 -22.90 24.01
N CYS F 88 -6.60 -22.15 23.24
CA CYS F 88 -6.39 -20.74 23.49
C CYS F 88 -7.28 -20.00 22.50
N LEU F 89 -7.63 -18.74 22.82
CA LEU F 89 -8.44 -17.91 21.91
C LEU F 89 -8.01 -16.46 21.97
N GLN F 90 -7.70 -15.92 20.79
CA GLN F 90 -7.24 -14.53 20.68
C GLN F 90 -8.46 -13.68 20.42
N HIS F 91 -8.62 -12.58 21.16
CA HIS F 91 -9.72 -11.63 20.87
C HIS F 91 -9.24 -10.21 20.67
N ASN F 92 -8.01 -10.09 20.18
CA ASN F 92 -7.35 -8.83 19.93
C ASN F 92 -7.78 -8.26 18.57
N SER F 93 -7.80 -9.11 17.54
CA SER F 93 -8.11 -8.68 16.17
C SER F 93 -8.98 -9.68 15.40
N ASN F 94 -9.99 -9.16 14.70
CA ASN F 94 -10.79 -9.98 13.79
C ASN F 94 -9.96 -10.30 12.55
N PRO F 95 -9.98 -11.54 12.07
CA PRO F 95 -10.82 -12.63 12.56
C PRO F 95 -10.24 -13.30 13.80
N LEU F 96 -11.11 -13.67 14.75
CA LEU F 96 -10.67 -14.39 15.97
C LEU F 96 -10.15 -15.77 15.60
N THR F 97 -9.10 -16.19 16.27
CA THR F 97 -8.41 -17.44 15.97
C THR F 97 -8.14 -18.23 17.25
N PHE F 98 -8.52 -19.51 17.21
CA PHE F 98 -8.29 -20.43 18.30
C PHE F 98 -7.03 -21.20 17.98
N GLY F 99 -6.56 -21.93 18.99
CA GLY F 99 -5.42 -22.85 18.83
C GLY F 99 -5.88 -24.20 18.29
N GLY F 100 -4.91 -25.03 17.97
CA GLY F 100 -5.17 -26.37 17.43
C GLY F 100 -5.87 -27.26 18.43
N GLY F 101 -5.44 -27.21 19.69
CA GLY F 101 -6.13 -27.89 20.79
C GLY F 101 -5.26 -28.95 21.41
N THR F 102 -4.75 -28.70 22.61
CA THR F 102 -3.92 -29.69 23.31
C THR F 102 -4.81 -30.69 23.99
N LYS F 103 -4.55 -31.97 23.80
CA LYS F 103 -5.30 -33.02 24.52
C LYS F 103 -4.44 -33.64 25.62
N VAL F 104 -4.79 -33.35 26.87
CA VAL F 104 -4.08 -33.86 28.04
C VAL F 104 -4.55 -35.31 28.31
N GLU F 105 -3.74 -36.27 27.90
CA GLU F 105 -4.09 -37.69 28.02
C GLU F 105 -3.40 -38.31 29.22
N ILE F 106 -3.98 -39.39 29.75
CA ILE F 106 -3.50 -40.04 30.98
C ILE F 106 -2.41 -41.05 30.62
N LYS F 107 -1.17 -40.77 31.04
CA LYS F 107 0.01 -41.57 30.68
C LYS F 107 -0.01 -42.93 31.36
N ARG F 108 0.53 -43.93 30.69
CA ARG F 108 0.65 -45.30 31.24
C ARG F 108 1.73 -46.10 30.51
N THR F 109 1.91 -47.36 30.93
CA THR F 109 2.95 -48.22 30.36
C THR F 109 2.70 -48.51 28.90
N VAL F 110 3.77 -48.82 28.15
CA VAL F 110 3.64 -49.14 26.72
C VAL F 110 3.09 -50.56 26.58
N ALA F 111 1.88 -50.68 26.02
CA ALA F 111 1.26 -52.00 25.73
C ALA F 111 0.98 -52.19 24.24
N ALA F 112 1.39 -53.33 23.70
CA ALA F 112 1.19 -53.65 22.26
C ALA F 112 -0.24 -54.09 22.01
N PRO F 113 -0.74 -53.89 20.80
CA PRO F 113 -2.11 -54.28 20.55
C PRO F 113 -2.23 -55.77 20.33
N SER F 114 -3.35 -56.33 20.77
CA SER F 114 -3.75 -57.66 20.35
C SER F 114 -4.52 -57.44 19.04
N VAL F 115 -4.13 -58.16 17.99
CA VAL F 115 -4.69 -57.98 16.63
C VAL F 115 -5.68 -59.10 16.31
N PHE F 116 -6.81 -58.73 15.70
CA PHE F 116 -7.87 -59.71 15.29
C PHE F 116 -8.42 -59.38 13.91
N ILE F 117 -8.37 -60.34 12.99
CA ILE F 117 -8.87 -60.12 11.61
C ILE F 117 -10.24 -60.80 11.44
N PHE F 118 -11.18 -60.09 10.83
CA PHE F 118 -12.53 -60.58 10.60
C PHE F 118 -12.86 -60.51 9.11
N PRO F 119 -13.11 -61.67 8.46
CA PRO F 119 -13.50 -61.64 7.04
C PRO F 119 -14.92 -61.11 6.87
N PRO F 120 -15.31 -60.74 5.64
CA PRO F 120 -16.68 -60.24 5.43
C PRO F 120 -17.69 -61.36 5.54
N SER F 121 -18.82 -61.09 6.18
CA SER F 121 -19.86 -62.12 6.43
C SER F 121 -20.51 -62.59 5.13
N ASP F 122 -21.09 -63.79 5.17
CA ASP F 122 -21.69 -64.40 3.98
C ASP F 122 -22.93 -63.60 3.52
N GLU F 123 -23.66 -63.00 4.46
CA GLU F 123 -24.80 -62.14 4.15
C GLU F 123 -24.41 -60.80 3.49
N GLN F 124 -23.21 -60.32 3.76
CA GLN F 124 -22.73 -59.06 3.14
C GLN F 124 -22.35 -59.25 1.66
N LEU F 125 -21.72 -60.37 1.35
CA LEU F 125 -21.34 -60.67 -0.03
C LEU F 125 -22.56 -60.75 -0.98
N LYS F 126 -23.69 -61.24 -0.46
CA LYS F 126 -24.96 -61.31 -1.22
C LYS F 126 -25.46 -59.94 -1.69
N SER F 127 -25.18 -58.88 -0.92
CA SER F 127 -25.65 -57.52 -1.26
C SER F 127 -24.85 -56.88 -2.40
N GLY F 128 -23.53 -57.02 -2.38
CA GLY F 128 -22.66 -56.41 -3.41
C GLY F 128 -21.24 -56.05 -2.98
N THR F 129 -21.08 -55.63 -1.72
CA THR F 129 -19.78 -55.20 -1.20
C THR F 129 -19.16 -56.26 -0.26
N ALA F 130 -17.90 -56.03 0.11
CA ALA F 130 -17.19 -56.91 1.04
C ALA F 130 -16.23 -56.10 1.93
N SER F 131 -16.55 -56.00 3.23
CA SER F 131 -15.73 -55.23 4.17
C SER F 131 -14.92 -56.15 5.10
N VAL F 132 -13.59 -56.03 5.01
CA VAL F 132 -12.68 -56.81 5.84
C VAL F 132 -12.20 -55.86 6.92
N VAL F 133 -12.49 -56.18 8.19
CA VAL F 133 -12.08 -55.33 9.31
C VAL F 133 -11.00 -55.97 10.16
N CYS F 134 -10.14 -55.12 10.70
CA CYS F 134 -9.01 -55.53 11.51
C CYS F 134 -9.18 -54.80 12.83
N LEU F 135 -8.60 -55.35 13.88
CA LEU F 135 -8.75 -54.79 15.22
C LEU F 135 -7.38 -54.70 15.86
N LEU F 136 -7.07 -53.54 16.41
CA LEU F 136 -5.88 -53.35 17.22
C LEU F 136 -6.40 -53.07 18.61
N ASN F 137 -6.24 -54.01 19.54
CA ASN F 137 -7.00 -53.95 20.80
C ASN F 137 -6.17 -53.69 22.05
N ASN F 138 -6.65 -52.74 22.87
CA ASN F 138 -6.03 -52.35 24.17
C ASN F 138 -4.55 -52.03 24.09
N PHE F 139 -4.24 -50.93 23.41
CA PHE F 139 -2.83 -50.54 23.26
C PHE F 139 -2.51 -49.10 23.68
N TYR F 140 -1.24 -48.86 24.01
CA TYR F 140 -0.74 -47.53 24.36
C TYR F 140 0.75 -47.45 23.94
N PRO F 141 1.21 -46.37 23.30
CA PRO F 141 0.46 -45.16 22.97
C PRO F 141 -0.46 -45.26 21.73
N ARG F 142 -1.20 -44.19 21.47
CA ARG F 142 -2.20 -44.10 20.38
C ARG F 142 -1.67 -44.43 18.97
N GLU F 143 -0.43 -44.02 18.69
CA GLU F 143 0.16 -44.13 17.35
C GLU F 143 0.42 -45.59 16.92
N ALA F 144 -0.27 -46.03 15.87
CA ALA F 144 -0.16 -47.40 15.35
C ALA F 144 -0.44 -47.47 13.85
N LYS F 145 0.34 -48.27 13.12
CA LYS F 145 0.19 -48.38 11.66
C LYS F 145 -0.43 -49.71 11.30
N VAL F 146 -1.52 -49.66 10.55
CA VAL F 146 -2.22 -50.83 10.03
C VAL F 146 -2.00 -50.86 8.52
N GLN F 147 -1.41 -51.95 8.03
CA GLN F 147 -1.14 -52.14 6.59
C GLN F 147 -1.97 -53.33 6.05
N TRP F 148 -2.79 -53.08 5.03
CA TRP F 148 -3.58 -54.13 4.37
C TRP F 148 -2.81 -54.66 3.17
N LYS F 149 -2.66 -55.99 3.10
CA LYS F 149 -1.93 -56.66 1.99
C LYS F 149 -2.74 -57.80 1.43
N VAL F 150 -3.25 -57.62 0.21
CA VAL F 150 -4.03 -58.65 -0.48
C VAL F 150 -3.16 -59.36 -1.55
N ASP F 151 -3.13 -60.69 -1.50
CA ASP F 151 -2.18 -61.51 -2.29
C ASP F 151 -0.70 -61.06 -2.10
N ASN F 152 -0.35 -60.67 -0.88
CA ASN F 152 0.99 -60.15 -0.54
C ASN F 152 1.40 -58.79 -1.15
N ALA F 153 0.56 -58.23 -2.02
CA ALA F 153 0.79 -56.88 -2.58
C ALA F 153 0.09 -55.85 -1.73
N LEU F 154 0.69 -54.66 -1.62
CA LEU F 154 0.23 -53.63 -0.68
C LEU F 154 -1.04 -52.96 -1.20
N GLN F 155 -1.93 -52.54 -0.28
CA GLN F 155 -3.21 -51.91 -0.62
C GLN F 155 -3.30 -50.49 -0.05
N SER F 156 -3.66 -49.53 -0.90
CA SER F 156 -3.63 -48.08 -0.56
C SER F 156 -4.90 -47.41 -1.00
N GLY F 157 -5.44 -46.53 -0.15
CA GLY F 157 -6.66 -45.76 -0.48
C GLY F 157 -7.95 -46.57 -0.59
N ASN F 158 -8.00 -47.74 0.05
CA ASN F 158 -9.24 -48.58 0.16
C ASN F 158 -9.61 -48.93 1.62
N SER F 159 -8.99 -48.27 2.60
CA SER F 159 -9.29 -48.51 4.02
C SER F 159 -9.65 -47.21 4.76
N GLN F 160 -10.39 -47.35 5.86
CA GLN F 160 -10.73 -46.23 6.75
C GLN F 160 -10.50 -46.65 8.22
N GLU F 161 -9.58 -45.96 8.91
CA GLU F 161 -9.26 -46.24 10.32
C GLU F 161 -10.22 -45.52 11.25
N SER F 162 -10.39 -46.08 12.44
CA SER F 162 -11.19 -45.48 13.49
C SER F 162 -10.56 -45.77 14.87
N VAL F 163 -10.30 -44.71 15.66
CA VAL F 163 -9.68 -44.84 16.98
C VAL F 163 -10.68 -44.50 18.10
N THR F 164 -10.66 -45.27 19.18
CA THR F 164 -11.44 -44.94 20.39
C THR F 164 -10.66 -43.99 21.25
N GLU F 165 -11.34 -43.29 22.13
CA GLU F 165 -10.69 -42.42 23.13
C GLU F 165 -10.04 -43.28 24.21
N GLN F 166 -9.29 -42.63 25.08
CA GLN F 166 -8.57 -43.38 26.15
C GLN F 166 -9.53 -44.08 27.09
N ASP F 167 -9.24 -45.34 27.41
CA ASP F 167 -10.12 -46.17 28.23
C ASP F 167 -10.18 -45.68 29.67
N SER F 168 -11.36 -45.77 30.28
CA SER F 168 -11.57 -45.23 31.63
C SER F 168 -10.89 -46.05 32.74
N LYS F 169 -10.68 -47.34 32.52
CA LYS F 169 -10.12 -48.25 33.56
C LYS F 169 -8.61 -48.56 33.40
N ASP F 170 -8.20 -48.98 32.20
CA ASP F 170 -6.76 -49.29 31.92
C ASP F 170 -6.05 -48.26 31.03
N SER F 171 -6.69 -47.13 30.73
CA SER F 171 -6.09 -46.03 29.96
C SER F 171 -5.46 -46.41 28.60
N THR F 172 -5.98 -47.44 27.92
CA THR F 172 -5.47 -47.83 26.60
C THR F 172 -6.42 -47.38 25.51
N TYR F 173 -5.96 -47.47 24.28
CA TYR F 173 -6.76 -47.19 23.10
C TYR F 173 -7.06 -48.50 22.35
N SER F 174 -7.96 -48.44 21.37
CA SER F 174 -8.24 -49.55 20.47
C SER F 174 -8.61 -48.98 19.11
N LEU F 175 -8.17 -49.66 18.04
CA LEU F 175 -8.25 -49.12 16.65
C LEU F 175 -8.81 -50.18 15.69
N SER F 176 -9.69 -49.80 14.77
CA SER F 176 -10.26 -50.73 13.78
C SER F 176 -10.18 -50.16 12.37
N SER F 177 -9.72 -50.96 11.42
CA SER F 177 -9.50 -50.52 10.03
C SER F 177 -10.43 -51.31 9.13
N THR F 178 -11.30 -50.62 8.39
CA THR F 178 -12.34 -51.27 7.56
C THR F 178 -11.92 -51.19 6.10
N LEU F 179 -11.51 -52.33 5.54
CA LEU F 179 -11.09 -52.40 4.12
C LEU F 179 -12.27 -52.76 3.24
N THR F 180 -12.79 -51.77 2.52
CA THR F 180 -13.94 -51.99 1.66
C THR F 180 -13.48 -52.27 0.24
N LEU F 181 -14.07 -53.27 -0.40
CA LEU F 181 -13.88 -53.54 -1.82
C LEU F 181 -15.02 -54.41 -2.33
N SER F 182 -15.30 -54.33 -3.63
CA SER F 182 -16.47 -55.03 -4.21
C SER F 182 -16.32 -56.57 -4.19
N LYS F 183 -17.45 -57.27 -4.26
CA LYS F 183 -17.47 -58.76 -4.32
C LYS F 183 -16.65 -59.27 -5.51
N ALA F 184 -16.69 -58.53 -6.62
CA ALA F 184 -15.91 -58.85 -7.81
C ALA F 184 -14.41 -58.81 -7.52
N ASP F 185 -13.94 -57.69 -6.94
CA ASP F 185 -12.53 -57.56 -6.53
C ASP F 185 -12.15 -58.60 -5.47
N TYR F 186 -13.05 -58.85 -4.51
CA TYR F 186 -12.78 -59.79 -3.43
C TYR F 186 -12.60 -61.22 -3.93
N GLU F 187 -13.34 -61.59 -4.97
CA GLU F 187 -13.27 -62.96 -5.53
C GLU F 187 -12.03 -63.15 -6.42
N LYS F 188 -11.43 -62.07 -6.90
CA LYS F 188 -10.18 -62.16 -7.66
C LYS F 188 -9.00 -62.65 -6.81
N HIS F 189 -8.97 -62.27 -5.53
CA HIS F 189 -7.81 -62.54 -4.65
C HIS F 189 -8.12 -63.64 -3.64
N LYS F 190 -7.08 -64.10 -2.94
CA LYS F 190 -7.20 -65.22 -2.01
C LYS F 190 -6.78 -64.86 -0.58
N VAL F 191 -5.50 -64.51 -0.38
CA VAL F 191 -4.99 -64.22 0.97
C VAL F 191 -5.17 -62.73 1.34
N TYR F 192 -5.75 -62.48 2.52
CA TYR F 192 -6.02 -61.15 3.05
C TYR F 192 -5.32 -60.95 4.41
N ALA F 193 -4.27 -60.13 4.43
CA ALA F 193 -3.47 -59.96 5.63
C ALA F 193 -3.63 -58.56 6.22
N CYS F 194 -3.30 -58.43 7.51
CA CYS F 194 -3.38 -57.16 8.25
C CYS F 194 -2.10 -56.96 9.09
N GLU F 195 -1.13 -56.22 8.55
CA GLU F 195 0.15 -56.01 9.22
C GLU F 195 0.06 -54.78 10.15
N VAL F 196 0.36 -54.98 11.44
CA VAL F 196 0.26 -53.98 12.48
C VAL F 196 1.66 -53.60 12.99
N THR F 197 1.92 -52.30 13.13
CA THR F 197 3.21 -51.77 13.56
C THR F 197 2.96 -50.82 14.73
N HIS F 198 3.61 -51.06 15.88
CA HIS F 198 3.36 -50.27 17.12
C HIS F 198 4.61 -50.25 18.03
N GLN F 199 4.73 -49.21 18.84
CA GLN F 199 5.91 -48.96 19.68
C GLN F 199 6.29 -50.10 20.65
N GLY F 200 5.30 -50.81 21.15
CA GLY F 200 5.51 -52.02 21.95
C GLY F 200 5.61 -53.34 21.19
N LEU F 201 5.83 -53.27 19.88
CA LEU F 201 6.14 -54.45 19.05
C LEU F 201 7.61 -54.43 18.58
N SER F 202 8.32 -55.52 18.84
CA SER F 202 9.66 -55.72 18.27
C SER F 202 9.55 -56.13 16.79
N SER F 203 8.52 -56.91 16.49
CA SER F 203 8.27 -57.40 15.14
C SER F 203 6.80 -57.14 14.82
N PRO F 204 6.47 -56.79 13.56
CA PRO F 204 5.06 -56.49 13.25
C PRO F 204 4.15 -57.72 13.34
N VAL F 205 2.96 -57.53 13.88
CA VAL F 205 1.95 -58.60 13.98
C VAL F 205 1.13 -58.60 12.70
N THR F 206 1.00 -59.76 12.10
CA THR F 206 0.33 -59.92 10.82
C THR F 206 -0.67 -61.07 10.97
N LYS F 207 -1.95 -60.71 11.04
CA LYS F 207 -3.04 -61.69 11.12
C LYS F 207 -3.67 -61.74 9.74
N SER F 208 -3.68 -62.93 9.14
CA SER F 208 -4.24 -63.13 7.79
C SER F 208 -5.17 -64.35 7.68
N PHE F 209 -6.07 -64.30 6.72
CA PHE F 209 -6.85 -65.47 6.28
C PHE F 209 -6.71 -65.65 4.74
N ASN F 210 -6.82 -66.89 4.22
CA ASN F 210 -6.71 -67.16 2.76
C ASN F 210 -8.06 -67.45 2.05
N ARG F 211 -9.01 -66.54 2.27
CA ARG F 211 -10.43 -66.69 1.86
C ARG F 211 -11.05 -68.01 2.35
N GLY F 212 -12.11 -68.48 1.70
CA GLY F 212 -12.68 -69.78 2.08
C GLY F 212 -13.61 -69.71 3.28
N GLU F 213 -14.13 -70.86 3.70
CA GLU F 213 -15.03 -70.95 4.87
C GLU F 213 -14.27 -71.56 6.07
N CYS F 214 -13.23 -70.84 6.48
CA CYS F 214 -12.37 -71.23 7.60
C CYS F 214 -12.24 -70.12 8.65
C1 NAG G . 26.20 42.32 -24.46
C2 NAG G . 27.48 41.65 -25.02
C3 NAG G . 28.75 42.15 -24.32
C4 NAG G . 28.83 43.67 -24.47
C5 NAG G . 27.54 44.34 -23.95
C6 NAG G . 27.50 45.80 -24.38
C7 NAG G . 27.95 39.37 -25.88
C8 NAG G . 27.78 37.89 -25.64
N2 NAG G . 27.42 40.18 -24.95
O3 NAG G . 29.90 41.55 -24.93
O4 NAG G . 30.08 44.17 -23.91
O5 NAG G . 26.36 43.74 -24.49
O6 NAG G . 26.46 46.48 -23.64
O7 NAG G . 28.54 39.77 -26.88
C1 NAG G . 30.18 44.37 -22.47
C2 NAG G . 31.58 44.01 -22.00
C3 NAG G . 31.87 44.47 -20.57
C4 NAG G . 31.48 45.94 -20.37
C5 NAG G . 30.06 46.22 -20.84
C6 NAG G . 29.76 47.72 -20.86
C7 NAG G . 31.43 41.54 -21.51
C8 NAG G . 31.93 40.19 -21.99
N2 NAG G . 31.88 42.59 -22.22
O3 NAG G . 33.27 44.31 -20.28
O4 NAG G . 31.59 46.28 -18.99
O5 NAG G . 29.87 45.74 -22.17
O6 NAG G . 29.24 48.16 -19.60
O7 NAG G . 30.71 41.60 -20.52
C1 NAG H . 8.26 49.06 -21.40
C2 NAG H . 9.25 49.91 -20.59
C3 NAG H . 9.03 49.66 -19.09
C4 NAG H . 7.55 49.75 -18.66
C5 NAG H . 6.56 49.18 -19.69
C6 NAG H . 5.11 49.62 -19.38
C7 NAG H . 11.62 50.50 -20.80
C8 NAG H . 12.96 50.09 -21.28
N2 NAG H . 10.62 49.64 -20.98
O3 NAG H . 9.79 50.63 -18.36
O4 NAG H . 7.34 49.01 -17.44
O5 NAG H . 6.94 49.52 -21.03
O6 NAG H . 4.90 51.04 -19.24
O7 NAG H . 11.50 51.57 -20.26
C1 NAG H . 7.42 49.83 -16.24
C2 NAG H . 6.74 49.12 -15.08
C3 NAG H . 6.83 49.98 -13.80
C4 NAG H . 8.26 50.48 -13.55
C5 NAG H . 8.82 51.14 -14.81
C6 NAG H . 10.25 51.61 -14.65
C7 NAG H . 4.67 47.75 -14.97
C8 NAG H . 3.25 47.64 -15.42
N2 NAG H . 5.35 48.83 -15.41
O3 NAG H . 6.37 49.22 -12.67
O4 NAG H . 8.26 51.43 -12.49
O5 NAG H . 8.76 50.21 -15.89
O6 NAG H . 10.66 52.24 -15.87
O7 NAG H . 5.15 46.92 -14.21
C1 NAG I . 10.77 46.47 -40.04
C2 NAG I . 12.02 47.38 -39.97
C3 NAG I . 11.63 48.77 -40.45
C4 NAG I . 11.02 48.73 -41.87
C5 NAG I . 10.09 47.53 -42.13
C6 NAG I . 10.08 47.17 -43.62
C7 NAG I . 12.12 47.85 -37.53
C8 NAG I . 13.00 47.82 -36.30
N2 NAG I . 12.67 47.42 -38.67
O3 NAG I . 12.78 49.63 -40.43
O4 NAG I . 10.36 49.97 -42.26
O5 NAG I . 10.47 46.35 -41.43
O6 NAG I . 9.33 45.97 -43.84
O7 NAG I . 10.97 48.24 -37.43
C1 NAG I . 9.33 50.48 -41.36
C2 NAG I . 9.30 52.01 -41.42
C3 NAG I . 8.29 52.56 -40.41
C4 NAG I . 6.94 51.82 -40.45
C5 NAG I . 7.11 50.30 -40.54
C6 NAG I . 5.78 49.59 -40.78
C7 NAG I . 11.32 53.37 -41.88
C8 NAG I . 12.70 53.70 -41.39
N2 NAG I . 10.66 52.49 -41.14
O3 NAG I . 8.04 53.95 -40.66
O4 NAG I . 6.21 52.16 -39.27
O5 NAG I . 8.02 49.99 -41.61
O6 NAG I . 5.99 48.17 -40.90
O7 NAG I . 10.87 53.89 -42.89
C1 NAG J . -26.44 19.98 16.35
C2 NAG J . -25.00 20.49 16.55
C3 NAG J . -24.96 21.49 17.71
C4 NAG J . -26.02 22.57 17.61
C5 NAG J . -27.37 22.06 17.08
C6 NAG J . -28.25 23.17 16.49
C7 NAG J . -24.03 18.46 17.62
C8 NAG J . -22.85 17.52 17.56
N2 NAG J . -23.99 19.43 16.71
O3 NAG J . -23.65 22.09 17.74
O4 NAG J . -26.18 23.11 18.94
O5 NAG J . -27.21 21.12 16.02
O6 NAG J . -27.58 23.82 15.39
O7 NAG J . -24.90 18.32 18.46
C1 NAG J . -25.95 24.54 19.12
C2 NAG J . -24.56 25.05 18.67
C3 NAG J . -24.40 26.54 19.00
C4 NAG J . -25.61 27.35 18.51
C5 NAG J . -26.95 26.71 18.88
C6 NAG J . -28.13 27.41 18.23
C7 NAG J . -23.18 24.04 20.50
C8 NAG J . -21.98 23.18 20.74
N2 NAG J . -23.46 24.25 19.20
O3 NAG J . -23.22 27.02 18.36
O4 NAG J . -25.52 28.66 19.08
O5 NAG J . -26.96 25.33 18.48
O6 NAG J . -29.34 26.78 18.67
O7 NAG J . -23.81 24.49 21.43
C1 NAG K . -24.75 4.53 3.27
C2 NAG K . -25.19 3.14 3.64
C3 NAG K . -26.25 2.62 2.64
C4 NAG K . -27.38 3.64 2.48
C5 NAG K . -26.91 5.09 2.33
C6 NAG K . -28.00 6.12 2.65
C7 NAG K . -23.30 1.62 2.95
C8 NAG K . -22.26 0.71 3.51
N2 NAG K . -24.07 2.22 3.87
O3 NAG K . -26.74 1.39 3.18
O4 NAG K . -28.12 3.39 1.28
O5 NAG K . -25.84 5.39 3.20
O6 NAG K . -27.45 7.44 2.52
O7 NAG K . -23.41 1.81 1.75
C1 NAG K . -28.91 2.18 1.29
C2 NAG K . -30.23 2.52 0.62
C3 NAG K . -31.08 1.30 0.35
C4 NAG K . -30.28 0.18 -0.36
C5 NAG K . -28.99 -0.09 0.44
C6 NAG K . -28.10 -1.10 -0.30
C7 NAG K . -31.89 4.33 0.93
C8 NAG K . -32.59 5.21 1.92
N2 NAG K . -31.00 3.46 1.43
O3 NAG K . -32.16 1.78 -0.48
O4 NAG K . -30.99 -1.10 -0.59
O5 NAG K . -28.23 1.11 0.61
O6 NAG K . -26.83 -1.24 0.37
O7 NAG K . -32.16 4.42 -0.26
C1 NAG K . -32.44 -1.30 -1.01
C2 NAG K . -33.26 -2.04 -2.13
C3 NAG K . -34.68 -2.31 -1.57
C4 NAG K . -34.63 -3.04 -0.22
C5 NAG K . -33.64 -2.37 0.74
C6 NAG K . -33.46 -3.21 2.00
C7 NAG K . -33.46 -1.74 -4.59
C8 NAG K . -33.69 -0.74 -5.68
N2 NAG K . -33.46 -1.25 -3.35
O3 NAG K . -35.46 -3.07 -2.50
O4 NAG K . -35.94 -3.06 0.34
O5 NAG K . -32.40 -2.23 0.08
O6 NAG K . -32.36 -2.72 2.79
O7 NAG K . -33.30 -2.93 -4.83
C1 NAG L . -9.69 19.92 8.60
C2 NAG L . -8.34 19.76 7.87
C3 NAG L . -8.19 20.81 6.78
C4 NAG L . -9.36 20.74 5.80
C5 NAG L . -10.65 20.96 6.61
C6 NAG L . -11.94 20.93 5.79
C7 NAG L . -6.70 20.72 9.52
C8 NAG L . -5.44 20.46 10.28
N2 NAG L . -7.15 19.73 8.72
O3 NAG L . -6.92 20.58 6.11
O4 NAG L . -9.18 21.73 4.76
O5 NAG L . -10.75 19.96 7.64
O6 NAG L . -12.26 19.63 5.33
O7 NAG L . -7.26 21.79 9.64
C1 NAG L . -9.08 21.17 3.39
C2 NAG L . -9.99 21.46 2.16
C3 NAG L . -9.44 20.68 0.92
C4 NAG L . -7.94 20.94 0.72
C5 NAG L . -7.17 20.73 2.03
C6 NAG L . -5.68 21.04 1.91
C7 NAG L . -12.46 21.81 2.01
C8 NAG L . -13.80 21.20 2.37
N2 NAG L . -11.40 21.08 2.38
O3 NAG L . -10.18 21.02 -0.24
O4 NAG L . -7.44 20.10 -0.31
O5 NAG L . -7.75 21.59 3.02
O6 NAG L . -5.04 20.75 3.15
O7 NAG L . -12.37 22.88 1.41
CAA 97V M . 0.85 -26.21 -73.34
CAE 97V M . 2.37 -23.74 -73.50
CAF 97V M . 1.32 -22.81 -73.57
CAG 97V M . 1.48 -21.54 -73.04
CAH 97V M . 2.69 -21.16 -72.45
CAI 97V M . 3.76 -22.07 -72.36
CAK 97V M . 5.21 -21.02 -70.75
CAN 97V M . 7.71 -21.46 -70.91
CAO 97V M . 8.21 -20.78 -72.05
CAP 97V M . 8.86 -19.55 -71.91
CAQ 97V M . 9.36 -18.87 -73.03
CAR 97V M . 9.23 -19.42 -74.30
CAS 97V M . 9.73 -18.77 -75.42
CAV 97V M . 9.21 -17.51 -77.28
NAJ 97V M . 4.98 -21.82 -71.83
NAM 97V M . 6.50 -20.83 -70.32
NAU 97V M . 8.79 -18.18 -76.19
NAW 97V M . 9.03 -16.21 -77.47
NAX 97V M . 9.57 -15.92 -78.65
NAY 97V M . 10.07 -17.05 -79.16
NAZ 97V M . 9.85 -18.05 -78.30
OAC 97V M . 3.46 -26.18 -73.98
OAD 97V M . 1.87 -25.26 -75.66
OAL 97V M . 4.28 -20.47 -70.16
OAT 97V M . 10.93 -18.75 -75.66
SAB 97V M . 2.18 -25.37 -74.17
CBA 97V M . 8.59 -20.65 -74.45
CBB 97V M . 8.09 -21.32 -73.32
CBC 97V M . 6.65 -20.04 -69.24
CBD 97V M . 6.76 -18.66 -69.39
CBE 97V M . 6.93 -17.83 -68.28
CBF 97V M . 6.99 -18.36 -66.99
CBG 97V M . 7.16 -17.47 -65.88
CBH 97V M . 5.91 -17.43 -65.01
CBI 97V M . 6.11 -16.33 -63.96
CBJ 97V M . 7.29 -16.77 -63.08
CBK 97V M . 8.58 -16.87 -63.90
CBL 97V M . 8.41 -17.85 -65.05
CBM 97V M . 6.87 -19.75 -66.83
CBN 97V M . 6.70 -20.58 -67.95
CBO 97V M . 3.57 -23.35 -72.90
C1 NAG N . -8.97 7.65 -3.95
C2 NAG N . -8.97 6.92 -5.30
C3 NAG N . -9.21 7.95 -6.40
C4 NAG N . -10.49 8.74 -6.17
C5 NAG N . -10.65 9.20 -4.72
C6 NAG N . -12.09 9.63 -4.44
C7 NAG N . -7.68 4.98 -6.12
C8 NAG N . -6.33 4.41 -6.40
N2 NAG N . -7.73 6.21 -5.60
O3 NAG N . -9.28 7.30 -7.68
O4 NAG N . -10.50 9.89 -7.02
O5 NAG N . -10.30 8.15 -3.80
O6 NAG N . -12.13 10.70 -3.50
O7 NAG N . -8.68 4.33 -6.37
CAA 97V O . -1.36 7.39 87.51
CAE 97V O . -0.95 8.85 85.05
CAF 97V O . 0.11 9.07 84.17
CAG 97V O . -0.15 9.06 82.81
CAH 97V O . -1.44 8.81 82.33
CAI 97V O . -2.52 8.57 83.20
CAK 97V O . -4.22 7.80 81.66
CAN 97V O . -6.67 7.77 82.42
CAO 97V O . -7.11 9.10 82.61
CAP 97V O . -7.36 9.94 81.52
CAQ 97V O . -7.82 11.25 81.73
CAR 97V O . -8.05 11.71 83.02
CAS 97V O . -8.50 13.03 83.20
CAV 97V O . -7.94 15.28 82.99
NAJ 97V O . -3.82 8.33 82.87
NAM 97V O . -5.58 7.58 81.41
NAU 97V O . -7.62 13.99 82.86
NAW 97V O . -7.60 16.24 82.13
NAX 97V O . -8.07 17.39 82.61
NAY 97V O . -8.70 17.13 83.76
NAZ 97V O . -8.61 15.82 84.01
OAC 97V O . -1.35 10.08 87.40
OAD 97V O . 0.82 8.94 87.07
OAL 97V O . -3.40 7.53 80.77
OAT 97V O . -9.63 13.22 83.64
SAB 97V O . -0.68 8.86 86.79
CBA 97V O . -7.81 10.88 84.10
CBB 97V O . -7.36 9.57 83.90
CBC 97V O . -5.87 7.02 80.22
CBD 97V O . -5.92 7.79 79.04
CBE 97V O . -6.22 7.19 77.82
CBF 97V O . -6.50 5.82 77.74
CBG 97V O . -6.78 5.24 76.47
CBH 97V O . -5.69 4.17 76.10
CBI 97V O . -5.91 3.74 74.65
CBJ 97V O . -7.31 3.09 74.61
CBK 97V O . -8.40 4.11 74.99
CBL 97V O . -8.17 4.60 76.42
CBM 97V O . -6.45 5.07 78.91
CBN 97V O . -6.14 5.65 80.14
CBO 97V O . -2.24 8.60 84.57
#